data_2IY3
# 
_entry.id   2IY3 
# 
_audit_conform.dict_name       mmcif_pdbx.dic 
_audit_conform.dict_version    5.391 
_audit_conform.dict_location   http://mmcif.pdb.org/dictionaries/ascii/mmcif_pdbx.dic 
# 
loop_
_database_2.database_id 
_database_2.database_code 
_database_2.pdbx_database_accession 
_database_2.pdbx_DOI 
PDB   2IY3         pdb_00002iy3 10.2210/pdb2iy3/pdb 
PDBE  EBI-29361    ?            ?                   
WWPDB D_1290029361 ?            ?                   
# 
loop_
_pdbx_audit_revision_history.ordinal 
_pdbx_audit_revision_history.data_content_type 
_pdbx_audit_revision_history.major_revision 
_pdbx_audit_revision_history.minor_revision 
_pdbx_audit_revision_history.revision_date 
1 'Structure model' 1 0 2006-11-02 
2 'Structure model' 1 1 2013-08-07 
3 'Structure model' 1 2 2017-03-15 
4 'Structure model' 1 3 2017-08-23 
5 'Structure model' 1 4 2024-05-08 
# 
_pdbx_audit_revision_details.ordinal             1 
_pdbx_audit_revision_details.revision_ordinal    1 
_pdbx_audit_revision_details.data_content_type   'Structure model' 
_pdbx_audit_revision_details.provider            repository 
_pdbx_audit_revision_details.type                'Initial release' 
_pdbx_audit_revision_details.description         ? 
_pdbx_audit_revision_details.details             ? 
# 
loop_
_pdbx_audit_revision_group.ordinal 
_pdbx_audit_revision_group.revision_ordinal 
_pdbx_audit_revision_group.data_content_type 
_pdbx_audit_revision_group.group 
1  2 'Structure model' 'Derived calculations'      
2  2 'Structure model' Other                       
3  2 'Structure model' 'Refinement description'    
4  2 'Structure model' 'Version format compliance' 
5  3 'Structure model' 'Source and taxonomy'       
6  4 'Structure model' 'Data collection'           
7  4 'Structure model' 'Refinement description'    
8  5 'Structure model' 'Data collection'           
9  5 'Structure model' 'Database references'       
10 5 'Structure model' 'Refinement description'    
# 
loop_
_pdbx_audit_revision_category.ordinal 
_pdbx_audit_revision_category.revision_ordinal 
_pdbx_audit_revision_category.data_content_type 
_pdbx_audit_revision_category.category 
1 4 'Structure model' em_3d_fitting                 
2 4 'Structure model' em_software                   
3 5 'Structure model' chem_comp_atom                
4 5 'Structure model' chem_comp_bond                
5 5 'Structure model' database_2                    
6 5 'Structure model' em_3d_fitting_list            
7 5 'Structure model' pdbx_initial_refinement_model 
# 
loop_
_pdbx_audit_revision_item.ordinal 
_pdbx_audit_revision_item.revision_ordinal 
_pdbx_audit_revision_item.data_content_type 
_pdbx_audit_revision_item.item 
1 4 'Structure model' '_em_3d_fitting.target_criteria'                  
2 4 'Structure model' '_em_software.fitting_id'                         
3 4 'Structure model' '_em_software.image_processing_id'                
4 5 'Structure model' '_database_2.pdbx_DOI'                            
5 5 'Structure model' '_database_2.pdbx_database_accession'             
6 5 'Structure model' '_em_3d_fitting_list.accession_code'              
7 5 'Structure model' '_em_3d_fitting_list.initial_refinement_model_id' 
8 5 'Structure model' '_em_3d_fitting_list.source_name'                 
9 5 'Structure model' '_em_3d_fitting_list.type'                        
# 
_pdbx_database_status.status_code                     REL 
_pdbx_database_status.entry_id                        2IY3 
_pdbx_database_status.deposit_site                    PDBE 
_pdbx_database_status.process_site                    PDBE 
_pdbx_database_status.SG_entry                        . 
_pdbx_database_status.recvd_initial_deposition_date   2006-07-12 
_pdbx_database_status.pdb_format_compatible           Y 
_pdbx_database_status.status_code_sf                  ? 
_pdbx_database_status.status_code_mr                  ? 
_pdbx_database_status.status_code_cs                  ? 
_pdbx_database_status.methods_development_category    ? 
_pdbx_database_status.status_code_nmr_data            ? 
# 
_pdbx_database_related.db_name        EMDB 
_pdbx_database_related.db_id          EMD-1250 
_pdbx_database_related.content_type   'associated EM volume' 
_pdbx_database_related.details        
'STRUCTURE OF THE E. COLI SIGNAL RECOGNITION PARTICLE BOUND TO A TRANSLATING RIBOSOME VOLUME DATA' 
# 
loop_
_audit_author.name 
_audit_author.pdbx_ordinal 
'Schaffitzel, C.' 1 
'Oswald, M.'      2 
'Berger, I.'      3 
'Ishikawa, T.'    4 
'Abrahams, J.P.'  5 
'Koerten, H.K.'   6 
'Koning, R.I.'    7 
'Ban, N.'         8 
# 
_citation.id                        primary 
_citation.title                     'Structure of the E. Coli Signal Recognition Particle Bound to a Translating Ribosome' 
_citation.journal_abbrev            Nature 
_citation.journal_volume            444 
_citation.page_first                503 
_citation.page_last                 ? 
_citation.year                      2006 
_citation.journal_id_ASTM           NATUAS 
_citation.country                   UK 
_citation.journal_id_ISSN           0028-0836 
_citation.journal_id_CSD            0006 
_citation.book_publisher            ? 
_citation.pdbx_database_id_PubMed   17086205 
_citation.pdbx_database_id_DOI      10.1038/NATURE05182 
# 
loop_
_citation_author.citation_id 
_citation_author.name 
_citation_author.ordinal 
_citation_author.identifier_ORCID 
primary 'Schaffitzel, C.' 1 ? 
primary 'Oswald, M.'      2 ? 
primary 'Berger, I.'      3 ? 
primary 'Ishikawa, T.'    4 ? 
primary 'Abrahams, J.P.'  5 ? 
primary 'Koerten, H.K.'   6 ? 
primary 'Koning, R.I.'    7 ? 
primary 'Ban, N.'         8 ? 
# 
loop_
_entity.id 
_entity.type 
_entity.src_method 
_entity.pdbx_description 
_entity.formula_weight 
_entity.pdbx_number_of_molecules 
_entity.pdbx_ec 
_entity.pdbx_mutation 
_entity.pdbx_fragment 
_entity.details 
1 polymer man 'Signal recognition particle protein,Signal recognition particle 54 kDa protein' 48274.094 1 ? ? ? ? 
2 polymer syn '4.5S RNA'                                                                       35547.090 1 ? ? ? ? 
3 polymer syn 'SIGNAL SEQUENCE'                                                                1380.632  1 ? ? ? ? 
# 
_entity_name_com.entity_id   1 
_entity_name_com.name        'Fifty-four homolog,SRP54' 
# 
loop_
_entity_poly.entity_id 
_entity_poly.type 
_entity_poly.nstd_linkage 
_entity_poly.nstd_monomer 
_entity_poly.pdbx_seq_one_letter_code 
_entity_poly.pdbx_seq_one_letter_code_can 
_entity_poly.pdbx_strand_id 
_entity_poly.pdbx_target_identifier 
1 'polypeptide(L)'   no no 
;MFQQLSARLQEAIGRLRGRGRITEEDLKATLREIRRALMDADVNLEVARDFVERVREEALGKQVLESLTPAEVILATVYE
ALKEALGGEARLPVLKDRNLWFLVGLQGSGKTTTAAKLALYYKGKGRRPLLVAADTQRPAAREQLRLLGEKVGVPVLEVM
DGESPESIRRRVEEKARLEARDLILVDTAGRLQIDEPLMGELARLKEVLGPDEVLLVLDAMTGQEALSVARAFDEKVGVT
GLVLTKLDGDARGGAALSARHVTGKPIYFAGVSEKPEGLEPFYPERLAGRILGMGDIESILEKVKGLEEYDKIQKKMEDV
MEGKGKLTLRDVYAQIIALRKMGPLSKVLQHIPGLGIMLPTPSEDQLKIGEEKIRRWLAALNSMTYKELENPNIIDKSRM
RRIAEGSGLEVEEVRELLEWYNNMNRLLKMVK
;
;MFQQLSARLQEAIGRLRGRGRITEEDLKATLREIRRALMDADVNLEVARDFVERVREEALGKQVLESLTPAEVILATVYE
ALKEALGGEARLPVLKDRNLWFLVGLQGSGKTTTAAKLALYYKGKGRRPLLVAADTQRPAAREQLRLLGEKVGVPVLEVM
DGESPESIRRRVEEKARLEARDLILVDTAGRLQIDEPLMGELARLKEVLGPDEVLLVLDAMTGQEALSVARAFDEKVGVT
GLVLTKLDGDARGGAALSARHVTGKPIYFAGVSEKPEGLEPFYPERLAGRILGMGDIESILEKVKGLEEYDKIQKKMEDV
MEGKGKLTLRDVYAQIIALRKMGPLSKVLQHIPGLGIMLPTPSEDQLKIGEEKIRRWLAALNSMTYKELENPNIIDKSRM
RRIAEGSGLEVEEVRELLEWYNNMNRLLKMVK
;
A ? 
2 polyribonucleotide no no 
;GGGGGCUCUGUUGGUUCUCCCGCAACGCUACUCUGUUUACCAGGUCAGGUCCGAAAGGAAGCAGCCAAGGCAGAUGACGC
GUGUGCCGGGAUGUAGCUGGCAGGGCCCCC
;
;GGGGGCUCUGUUGGUUCUCCCGCAACGCUACUCUGUUUACCAGGUCAGGUCCGAAAGGAAGCAGCCAAGGCAGAUGACGC
GUGUGCCGGGAUGUAGCUGGCAGGGCCCCC
;
B ? 
3 'polypeptide(L)'   no no AALALAAAAALALAAAG AALALAAAAALALAAAG C ? 
# 
loop_
_entity_poly_seq.entity_id 
_entity_poly_seq.num 
_entity_poly_seq.mon_id 
_entity_poly_seq.hetero 
1 1   MET n 
1 2   PHE n 
1 3   GLN n 
1 4   GLN n 
1 5   LEU n 
1 6   SER n 
1 7   ALA n 
1 8   ARG n 
1 9   LEU n 
1 10  GLN n 
1 11  GLU n 
1 12  ALA n 
1 13  ILE n 
1 14  GLY n 
1 15  ARG n 
1 16  LEU n 
1 17  ARG n 
1 18  GLY n 
1 19  ARG n 
1 20  GLY n 
1 21  ARG n 
1 22  ILE n 
1 23  THR n 
1 24  GLU n 
1 25  GLU n 
1 26  ASP n 
1 27  LEU n 
1 28  LYS n 
1 29  ALA n 
1 30  THR n 
1 31  LEU n 
1 32  ARG n 
1 33  GLU n 
1 34  ILE n 
1 35  ARG n 
1 36  ARG n 
1 37  ALA n 
1 38  LEU n 
1 39  MET n 
1 40  ASP n 
1 41  ALA n 
1 42  ASP n 
1 43  VAL n 
1 44  ASN n 
1 45  LEU n 
1 46  GLU n 
1 47  VAL n 
1 48  ALA n 
1 49  ARG n 
1 50  ASP n 
1 51  PHE n 
1 52  VAL n 
1 53  GLU n 
1 54  ARG n 
1 55  VAL n 
1 56  ARG n 
1 57  GLU n 
1 58  GLU n 
1 59  ALA n 
1 60  LEU n 
1 61  GLY n 
1 62  LYS n 
1 63  GLN n 
1 64  VAL n 
1 65  LEU n 
1 66  GLU n 
1 67  SER n 
1 68  LEU n 
1 69  THR n 
1 70  PRO n 
1 71  ALA n 
1 72  GLU n 
1 73  VAL n 
1 74  ILE n 
1 75  LEU n 
1 76  ALA n 
1 77  THR n 
1 78  VAL n 
1 79  TYR n 
1 80  GLU n 
1 81  ALA n 
1 82  LEU n 
1 83  LYS n 
1 84  GLU n 
1 85  ALA n 
1 86  LEU n 
1 87  GLY n 
1 88  GLY n 
1 89  GLU n 
1 90  ALA n 
1 91  ARG n 
1 92  LEU n 
1 93  PRO n 
1 94  VAL n 
1 95  LEU n 
1 96  LYS n 
1 97  ASP n 
1 98  ARG n 
1 99  ASN n 
1 100 LEU n 
1 101 TRP n 
1 102 PHE n 
1 103 LEU n 
1 104 VAL n 
1 105 GLY n 
1 106 LEU n 
1 107 GLN n 
1 108 GLY n 
1 109 SER n 
1 110 GLY n 
1 111 LYS n 
1 112 THR n 
1 113 THR n 
1 114 THR n 
1 115 ALA n 
1 116 ALA n 
1 117 LYS n 
1 118 LEU n 
1 119 ALA n 
1 120 LEU n 
1 121 TYR n 
1 122 TYR n 
1 123 LYS n 
1 124 GLY n 
1 125 LYS n 
1 126 GLY n 
1 127 ARG n 
1 128 ARG n 
1 129 PRO n 
1 130 LEU n 
1 131 LEU n 
1 132 VAL n 
1 133 ALA n 
1 134 ALA n 
1 135 ASP n 
1 136 THR n 
1 137 GLN n 
1 138 ARG n 
1 139 PRO n 
1 140 ALA n 
1 141 ALA n 
1 142 ARG n 
1 143 GLU n 
1 144 GLN n 
1 145 LEU n 
1 146 ARG n 
1 147 LEU n 
1 148 LEU n 
1 149 GLY n 
1 150 GLU n 
1 151 LYS n 
1 152 VAL n 
1 153 GLY n 
1 154 VAL n 
1 155 PRO n 
1 156 VAL n 
1 157 LEU n 
1 158 GLU n 
1 159 VAL n 
1 160 MET n 
1 161 ASP n 
1 162 GLY n 
1 163 GLU n 
1 164 SER n 
1 165 PRO n 
1 166 GLU n 
1 167 SER n 
1 168 ILE n 
1 169 ARG n 
1 170 ARG n 
1 171 ARG n 
1 172 VAL n 
1 173 GLU n 
1 174 GLU n 
1 175 LYS n 
1 176 ALA n 
1 177 ARG n 
1 178 LEU n 
1 179 GLU n 
1 180 ALA n 
1 181 ARG n 
1 182 ASP n 
1 183 LEU n 
1 184 ILE n 
1 185 LEU n 
1 186 VAL n 
1 187 ASP n 
1 188 THR n 
1 189 ALA n 
1 190 GLY n 
1 191 ARG n 
1 192 LEU n 
1 193 GLN n 
1 194 ILE n 
1 195 ASP n 
1 196 GLU n 
1 197 PRO n 
1 198 LEU n 
1 199 MET n 
1 200 GLY n 
1 201 GLU n 
1 202 LEU n 
1 203 ALA n 
1 204 ARG n 
1 205 LEU n 
1 206 LYS n 
1 207 GLU n 
1 208 VAL n 
1 209 LEU n 
1 210 GLY n 
1 211 PRO n 
1 212 ASP n 
1 213 GLU n 
1 214 VAL n 
1 215 LEU n 
1 216 LEU n 
1 217 VAL n 
1 218 LEU n 
1 219 ASP n 
1 220 ALA n 
1 221 MET n 
1 222 THR n 
1 223 GLY n 
1 224 GLN n 
1 225 GLU n 
1 226 ALA n 
1 227 LEU n 
1 228 SER n 
1 229 VAL n 
1 230 ALA n 
1 231 ARG n 
1 232 ALA n 
1 233 PHE n 
1 234 ASP n 
1 235 GLU n 
1 236 LYS n 
1 237 VAL n 
1 238 GLY n 
1 239 VAL n 
1 240 THR n 
1 241 GLY n 
1 242 LEU n 
1 243 VAL n 
1 244 LEU n 
1 245 THR n 
1 246 LYS n 
1 247 LEU n 
1 248 ASP n 
1 249 GLY n 
1 250 ASP n 
1 251 ALA n 
1 252 ARG n 
1 253 GLY n 
1 254 GLY n 
1 255 ALA n 
1 256 ALA n 
1 257 LEU n 
1 258 SER n 
1 259 ALA n 
1 260 ARG n 
1 261 HIS n 
1 262 VAL n 
1 263 THR n 
1 264 GLY n 
1 265 LYS n 
1 266 PRO n 
1 267 ILE n 
1 268 TYR n 
1 269 PHE n 
1 270 ALA n 
1 271 GLY n 
1 272 VAL n 
1 273 SER n 
1 274 GLU n 
1 275 LYS n 
1 276 PRO n 
1 277 GLU n 
1 278 GLY n 
1 279 LEU n 
1 280 GLU n 
1 281 PRO n 
1 282 PHE n 
1 283 TYR n 
1 284 PRO n 
1 285 GLU n 
1 286 ARG n 
1 287 LEU n 
1 288 ALA n 
1 289 GLY n 
1 290 ARG n 
1 291 ILE n 
1 292 LEU n 
1 293 GLY n 
1 294 MET n 
1 295 GLY n 
1 296 ASP n 
1 297 ILE n 
1 298 GLU n 
1 299 SER n 
1 300 ILE n 
1 301 LEU n 
1 302 GLU n 
1 303 LYS n 
1 304 VAL n 
1 305 LYS n 
1 306 GLY n 
1 307 LEU n 
1 308 GLU n 
1 309 GLU n 
1 310 TYR n 
1 311 ASP n 
1 312 LYS n 
1 313 ILE n 
1 314 GLN n 
1 315 LYS n 
1 316 LYS n 
1 317 MET n 
1 318 GLU n 
1 319 ASP n 
1 320 VAL n 
1 321 MET n 
1 322 GLU n 
1 323 GLY n 
1 324 LYS n 
1 325 GLY n 
1 326 LYS n 
1 327 LEU n 
1 328 THR n 
1 329 LEU n 
1 330 ARG n 
1 331 ASP n 
1 332 VAL n 
1 333 TYR n 
1 334 ALA n 
1 335 GLN n 
1 336 ILE n 
1 337 ILE n 
1 338 ALA n 
1 339 LEU n 
1 340 ARG n 
1 341 LYS n 
1 342 MET n 
1 343 GLY n 
1 344 PRO n 
1 345 LEU n 
1 346 SER n 
1 347 LYS n 
1 348 VAL n 
1 349 LEU n 
1 350 GLN n 
1 351 HIS n 
1 352 ILE n 
1 353 PRO n 
1 354 GLY n 
1 355 LEU n 
1 356 GLY n 
1 357 ILE n 
1 358 MET n 
1 359 LEU n 
1 360 PRO n 
1 361 THR n 
1 362 PRO n 
1 363 SER n 
1 364 GLU n 
1 365 ASP n 
1 366 GLN n 
1 367 LEU n 
1 368 LYS n 
1 369 ILE n 
1 370 GLY n 
1 371 GLU n 
1 372 GLU n 
1 373 LYS n 
1 374 ILE n 
1 375 ARG n 
1 376 ARG n 
1 377 TRP n 
1 378 LEU n 
1 379 ALA n 
1 380 ALA n 
1 381 LEU n 
1 382 ASN n 
1 383 SER n 
1 384 MET n 
1 385 THR n 
1 386 TYR n 
1 387 LYS n 
1 388 GLU n 
1 389 LEU n 
1 390 GLU n 
1 391 ASN n 
1 392 PRO n 
1 393 ASN n 
1 394 ILE n 
1 395 ILE n 
1 396 ASP n 
1 397 LYS n 
1 398 SER n 
1 399 ARG n 
1 400 MET n 
1 401 ARG n 
1 402 ARG n 
1 403 ILE n 
1 404 ALA n 
1 405 GLU n 
1 406 GLY n 
1 407 SER n 
1 408 GLY n 
1 409 LEU n 
1 410 GLU n 
1 411 VAL n 
1 412 GLU n 
1 413 GLU n 
1 414 VAL n 
1 415 ARG n 
1 416 GLU n 
1 417 LEU n 
1 418 LEU n 
1 419 GLU n 
1 420 TRP n 
1 421 TYR n 
1 422 ASN n 
1 423 ASN n 
1 424 MET n 
1 425 ASN n 
1 426 ARG n 
1 427 LEU n 
1 428 LEU n 
1 429 LYS n 
1 430 MET n 
1 431 VAL n 
1 432 LYS n 
2 1   G   n 
2 2   G   n 
2 3   G   n 
2 4   G   n 
2 5   G   n 
2 6   C   n 
2 7   U   n 
2 8   C   n 
2 9   U   n 
2 10  G   n 
2 11  U   n 
2 12  U   n 
2 13  G   n 
2 14  G   n 
2 15  U   n 
2 16  U   n 
2 17  C   n 
2 18  U   n 
2 19  C   n 
2 20  C   n 
2 21  C   n 
2 22  G   n 
2 23  C   n 
2 24  A   n 
2 25  A   n 
2 26  C   n 
2 27  G   n 
2 28  C   n 
2 29  U   n 
2 30  A   n 
2 31  C   n 
2 32  U   n 
2 33  C   n 
2 34  U   n 
2 35  G   n 
2 36  U   n 
2 37  U   n 
2 38  U   n 
2 39  A   n 
2 40  C   n 
2 41  C   n 
2 42  A   n 
2 43  G   n 
2 44  G   n 
2 45  U   n 
2 46  C   n 
2 47  A   n 
2 48  G   n 
2 49  G   n 
2 50  U   n 
2 51  C   n 
2 52  C   n 
2 53  G   n 
2 54  A   n 
2 55  A   n 
2 56  A   n 
2 57  G   n 
2 58  G   n 
2 59  A   n 
2 60  A   n 
2 61  G   n 
2 62  C   n 
2 63  A   n 
2 64  G   n 
2 65  C   n 
2 66  C   n 
2 67  A   n 
2 68  A   n 
2 69  G   n 
2 70  G   n 
2 71  C   n 
2 72  A   n 
2 73  G   n 
2 74  A   n 
2 75  U   n 
2 76  G   n 
2 77  A   n 
2 78  C   n 
2 79  G   n 
2 80  C   n 
2 81  G   n 
2 82  U   n 
2 83  G   n 
2 84  U   n 
2 85  G   n 
2 86  C   n 
2 87  C   n 
2 88  G   n 
2 89  G   n 
2 90  G   n 
2 91  A   n 
2 92  U   n 
2 93  G   n 
2 94  U   n 
2 95  A   n 
2 96  G   n 
2 97  C   n 
2 98  U   n 
2 99  G   n 
2 100 G   n 
2 101 C   n 
2 102 A   n 
2 103 G   n 
2 104 G   n 
2 105 G   n 
2 106 C   n 
2 107 C   n 
2 108 C   n 
2 109 C   n 
2 110 C   n 
3 1   ALA n 
3 2   ALA n 
3 3   LEU n 
3 4   ALA n 
3 5   LEU n 
3 6   ALA n 
3 7   ALA n 
3 8   ALA n 
3 9   ALA n 
3 10  ALA n 
3 11  LEU n 
3 12  ALA n 
3 13  LEU n 
3 14  ALA n 
3 15  ALA n 
3 16  ALA n 
3 17  GLY n 
# 
loop_
_entity_src_gen.entity_id 
_entity_src_gen.pdbx_src_id 
_entity_src_gen.pdbx_alt_source_flag 
_entity_src_gen.pdbx_seq_type 
_entity_src_gen.pdbx_beg_seq_num 
_entity_src_gen.pdbx_end_seq_num 
_entity_src_gen.gene_src_common_name 
_entity_src_gen.gene_src_genus 
_entity_src_gen.pdbx_gene_src_gene 
_entity_src_gen.gene_src_species 
_entity_src_gen.gene_src_strain 
_entity_src_gen.gene_src_tissue 
_entity_src_gen.gene_src_tissue_fraction 
_entity_src_gen.gene_src_details 
_entity_src_gen.pdbx_gene_src_fragment 
_entity_src_gen.pdbx_gene_src_scientific_name 
_entity_src_gen.pdbx_gene_src_ncbi_taxonomy_id 
_entity_src_gen.pdbx_gene_src_variant 
_entity_src_gen.pdbx_gene_src_cell_line 
_entity_src_gen.pdbx_gene_src_atcc 
_entity_src_gen.pdbx_gene_src_organ 
_entity_src_gen.pdbx_gene_src_organelle 
_entity_src_gen.pdbx_gene_src_cell 
_entity_src_gen.pdbx_gene_src_cellular_location 
_entity_src_gen.host_org_common_name 
_entity_src_gen.pdbx_host_org_scientific_name 
_entity_src_gen.pdbx_host_org_ncbi_taxonomy_id 
_entity_src_gen.host_org_genus 
_entity_src_gen.pdbx_host_org_gene 
_entity_src_gen.pdbx_host_org_organ 
_entity_src_gen.host_org_species 
_entity_src_gen.pdbx_host_org_tissue 
_entity_src_gen.pdbx_host_org_tissue_fraction 
_entity_src_gen.pdbx_host_org_strain 
_entity_src_gen.pdbx_host_org_variant 
_entity_src_gen.pdbx_host_org_cell_line 
_entity_src_gen.pdbx_host_org_atcc 
_entity_src_gen.pdbx_host_org_culture_collection 
_entity_src_gen.pdbx_host_org_cell 
_entity_src_gen.pdbx_host_org_organelle 
_entity_src_gen.pdbx_host_org_cellular_location 
_entity_src_gen.pdbx_host_org_vector_type 
_entity_src_gen.pdbx_host_org_vector 
_entity_src_gen.host_org_details 
_entity_src_gen.expression_system_id 
_entity_src_gen.plasmid_name 
_entity_src_gen.plasmid_details 
_entity_src_gen.pdbx_description 
1 1 sample 'Biological sequence' 1   296 ? ? ffh                                      ? ? ? ? ? ? 'Thermus aquaticus'       271  ? 
? ? ? ? ? ? ? 'Escherichia coli' 469008 ? ? ? ? ? ? 'BL21(DE3)' ? ? ? ? ? ? ? ? ? ? ? PET24A_FFH ? ? 
1 2 sample 'Biological sequence' 297 432 ? ? 'srp54, SULA_1982, SULB_1983, SULC_1981' ? ? ? ? ? ? 'Sulfolobus solfataricus' 2287 ? 
? ? ? ? ? ? ? 'Escherichia coli' 469008 ? ? ? ? ? ? 'BL21(DE3)' ? ? ? ? ? ? ? ? ? ? ? PET24A_FFH ? ? 
# 
loop_
_pdbx_entity_src_syn.entity_id 
_pdbx_entity_src_syn.pdbx_src_id 
_pdbx_entity_src_syn.pdbx_alt_source_flag 
_pdbx_entity_src_syn.pdbx_beg_seq_num 
_pdbx_entity_src_syn.pdbx_end_seq_num 
_pdbx_entity_src_syn.organism_scientific 
_pdbx_entity_src_syn.organism_common_name 
_pdbx_entity_src_syn.ncbi_taxonomy_id 
_pdbx_entity_src_syn.details 
2 1 sample 1 110 'Escherichia coli'     ? 562   ? 
3 1 sample 1 17  ' synthetic construct' ? 32630 ? 
# 
loop_
_chem_comp.id 
_chem_comp.type 
_chem_comp.mon_nstd_flag 
_chem_comp.name 
_chem_comp.pdbx_synonyms 
_chem_comp.formula 
_chem_comp.formula_weight 
A   'RNA linking'       y "ADENOSINE-5'-MONOPHOSPHATE" ? 'C10 H14 N5 O7 P' 347.221 
ALA 'L-peptide linking' y ALANINE                      ? 'C3 H7 N O2'      89.093  
ARG 'L-peptide linking' y ARGININE                     ? 'C6 H15 N4 O2 1'  175.209 
ASN 'L-peptide linking' y ASPARAGINE                   ? 'C4 H8 N2 O3'     132.118 
ASP 'L-peptide linking' y 'ASPARTIC ACID'              ? 'C4 H7 N O4'      133.103 
C   'RNA linking'       y "CYTIDINE-5'-MONOPHOSPHATE"  ? 'C9 H14 N3 O8 P'  323.197 
G   'RNA linking'       y "GUANOSINE-5'-MONOPHOSPHATE" ? 'C10 H14 N5 O8 P' 363.221 
GLN 'L-peptide linking' y GLUTAMINE                    ? 'C5 H10 N2 O3'    146.144 
GLU 'L-peptide linking' y 'GLUTAMIC ACID'              ? 'C5 H9 N O4'      147.129 
GLY 'peptide linking'   y GLYCINE                      ? 'C2 H5 N O2'      75.067  
HIS 'L-peptide linking' y HISTIDINE                    ? 'C6 H10 N3 O2 1'  156.162 
ILE 'L-peptide linking' y ISOLEUCINE                   ? 'C6 H13 N O2'     131.173 
LEU 'L-peptide linking' y LEUCINE                      ? 'C6 H13 N O2'     131.173 
LYS 'L-peptide linking' y LYSINE                       ? 'C6 H15 N2 O2 1'  147.195 
MET 'L-peptide linking' y METHIONINE                   ? 'C5 H11 N O2 S'   149.211 
PHE 'L-peptide linking' y PHENYLALANINE                ? 'C9 H11 N O2'     165.189 
PRO 'L-peptide linking' y PROLINE                      ? 'C5 H9 N O2'      115.130 
SER 'L-peptide linking' y SERINE                       ? 'C3 H7 N O3'      105.093 
THR 'L-peptide linking' y THREONINE                    ? 'C4 H9 N O3'      119.119 
TRP 'L-peptide linking' y TRYPTOPHAN                   ? 'C11 H12 N2 O2'   204.225 
TYR 'L-peptide linking' y TYROSINE                     ? 'C9 H11 N O3'     181.189 
U   'RNA linking'       y "URIDINE-5'-MONOPHOSPHATE"   ? 'C9 H13 N2 O9 P'  324.181 
VAL 'L-peptide linking' y VALINE                       ? 'C5 H11 N O2'     117.146 
# 
loop_
_pdbx_poly_seq_scheme.asym_id 
_pdbx_poly_seq_scheme.entity_id 
_pdbx_poly_seq_scheme.seq_id 
_pdbx_poly_seq_scheme.mon_id 
_pdbx_poly_seq_scheme.ndb_seq_num 
_pdbx_poly_seq_scheme.pdb_seq_num 
_pdbx_poly_seq_scheme.auth_seq_num 
_pdbx_poly_seq_scheme.pdb_mon_id 
_pdbx_poly_seq_scheme.auth_mon_id 
_pdbx_poly_seq_scheme.pdb_strand_id 
_pdbx_poly_seq_scheme.pdb_ins_code 
_pdbx_poly_seq_scheme.hetero 
A 1 1   MET 1   1   1   MET MET A . n 
A 1 2   PHE 2   2   2   PHE PHE A . n 
A 1 3   GLN 3   3   3   GLN GLN A . n 
A 1 4   GLN 4   4   4   GLN GLN A . n 
A 1 5   LEU 5   5   5   LEU LEU A . n 
A 1 6   SER 6   6   6   SER SER A . n 
A 1 7   ALA 7   7   7   ALA ALA A . n 
A 1 8   ARG 8   8   8   ARG ARG A . n 
A 1 9   LEU 9   9   9   LEU LEU A . n 
A 1 10  GLN 10  10  10  GLN GLN A . n 
A 1 11  GLU 11  11  11  GLU GLU A . n 
A 1 12  ALA 12  12  12  ALA ALA A . n 
A 1 13  ILE 13  13  13  ILE ILE A . n 
A 1 14  GLY 14  14  14  GLY GLY A . n 
A 1 15  ARG 15  15  15  ARG ARG A . n 
A 1 16  LEU 16  16  16  LEU LEU A . n 
A 1 17  ARG 17  17  17  ARG ARG A . n 
A 1 18  GLY 18  18  18  GLY GLY A . n 
A 1 19  ARG 19  19  19  ARG ARG A . n 
A 1 20  GLY 20  20  20  GLY GLY A . n 
A 1 21  ARG 21  21  21  ARG ARG A . n 
A 1 22  ILE 22  22  22  ILE ILE A . n 
A 1 23  THR 23  23  23  THR THR A . n 
A 1 24  GLU 24  24  24  GLU GLU A . n 
A 1 25  GLU 25  25  25  GLU GLU A . n 
A 1 26  ASP 26  26  26  ASP ASP A . n 
A 1 27  LEU 27  27  27  LEU LEU A . n 
A 1 28  LYS 28  28  28  LYS LYS A . n 
A 1 29  ALA 29  29  29  ALA ALA A . n 
A 1 30  THR 30  30  30  THR THR A . n 
A 1 31  LEU 31  31  31  LEU LEU A . n 
A 1 32  ARG 32  32  32  ARG ARG A . n 
A 1 33  GLU 33  33  33  GLU GLU A . n 
A 1 34  ILE 34  34  34  ILE ILE A . n 
A 1 35  ARG 35  35  35  ARG ARG A . n 
A 1 36  ARG 36  36  36  ARG ARG A . n 
A 1 37  ALA 37  37  37  ALA ALA A . n 
A 1 38  LEU 38  38  38  LEU LEU A . n 
A 1 39  MET 39  39  39  MET MET A . n 
A 1 40  ASP 40  40  40  ASP ASP A . n 
A 1 41  ALA 41  41  41  ALA ALA A . n 
A 1 42  ASP 42  42  42  ASP ASP A . n 
A 1 43  VAL 43  43  43  VAL VAL A . n 
A 1 44  ASN 44  44  44  ASN ASN A . n 
A 1 45  LEU 45  45  45  LEU LEU A . n 
A 1 46  GLU 46  46  46  GLU GLU A . n 
A 1 47  VAL 47  47  47  VAL VAL A . n 
A 1 48  ALA 48  48  48  ALA ALA A . n 
A 1 49  ARG 49  49  49  ARG ARG A . n 
A 1 50  ASP 50  50  50  ASP ASP A . n 
A 1 51  PHE 51  51  51  PHE PHE A . n 
A 1 52  VAL 52  52  52  VAL VAL A . n 
A 1 53  GLU 53  53  53  GLU GLU A . n 
A 1 54  ARG 54  54  54  ARG ARG A . n 
A 1 55  VAL 55  55  55  VAL VAL A . n 
A 1 56  ARG 56  56  56  ARG ARG A . n 
A 1 57  GLU 57  57  57  GLU GLU A . n 
A 1 58  GLU 58  58  58  GLU GLU A . n 
A 1 59  ALA 59  59  59  ALA ALA A . n 
A 1 60  LEU 60  60  60  LEU LEU A . n 
A 1 61  GLY 61  61  61  GLY GLY A . n 
A 1 62  LYS 62  62  62  LYS LYS A . n 
A 1 63  GLN 63  63  63  GLN GLN A . n 
A 1 64  VAL 64  64  64  VAL VAL A . n 
A 1 65  LEU 65  65  65  LEU LEU A . n 
A 1 66  GLU 66  66  66  GLU GLU A . n 
A 1 67  SER 67  67  67  SER SER A . n 
A 1 68  LEU 68  68  68  LEU LEU A . n 
A 1 69  THR 69  69  69  THR THR A . n 
A 1 70  PRO 70  70  70  PRO PRO A . n 
A 1 71  ALA 71  71  71  ALA ALA A . n 
A 1 72  GLU 72  72  72  GLU GLU A . n 
A 1 73  VAL 73  73  73  VAL VAL A . n 
A 1 74  ILE 74  74  74  ILE ILE A . n 
A 1 75  LEU 75  75  75  LEU LEU A . n 
A 1 76  ALA 76  76  76  ALA ALA A . n 
A 1 77  THR 77  77  77  THR THR A . n 
A 1 78  VAL 78  78  78  VAL VAL A . n 
A 1 79  TYR 79  79  79  TYR TYR A . n 
A 1 80  GLU 80  80  80  GLU GLU A . n 
A 1 81  ALA 81  81  81  ALA ALA A . n 
A 1 82  LEU 82  82  82  LEU LEU A . n 
A 1 83  LYS 83  83  83  LYS LYS A . n 
A 1 84  GLU 84  84  84  GLU GLU A . n 
A 1 85  ALA 85  85  85  ALA ALA A . n 
A 1 86  LEU 86  86  86  LEU LEU A . n 
A 1 87  GLY 87  87  87  GLY GLY A . n 
A 1 88  GLY 88  88  88  GLY GLY A . n 
A 1 89  GLU 89  89  89  GLU GLU A . n 
A 1 90  ALA 90  90  90  ALA ALA A . n 
A 1 91  ARG 91  91  91  ARG ARG A . n 
A 1 92  LEU 92  92  92  LEU LEU A . n 
A 1 93  PRO 93  93  93  PRO PRO A . n 
A 1 94  VAL 94  94  94  VAL VAL A . n 
A 1 95  LEU 95  95  95  LEU LEU A . n 
A 1 96  LYS 96  96  96  LYS LYS A . n 
A 1 97  ASP 97  97  97  ASP ASP A . n 
A 1 98  ARG 98  98  98  ARG ARG A . n 
A 1 99  ASN 99  99  99  ASN ASN A . n 
A 1 100 LEU 100 100 100 LEU LEU A . n 
A 1 101 TRP 101 101 101 TRP TRP A . n 
A 1 102 PHE 102 102 102 PHE PHE A . n 
A 1 103 LEU 103 103 103 LEU LEU A . n 
A 1 104 VAL 104 104 104 VAL VAL A . n 
A 1 105 GLY 105 105 105 GLY GLY A . n 
A 1 106 LEU 106 106 106 LEU LEU A . n 
A 1 107 GLN 107 107 107 GLN GLN A . n 
A 1 108 GLY 108 108 108 GLY GLY A . n 
A 1 109 SER 109 109 109 SER SER A . n 
A 1 110 GLY 110 110 110 GLY GLY A . n 
A 1 111 LYS 111 111 111 LYS LYS A . n 
A 1 112 THR 112 112 112 THR THR A . n 
A 1 113 THR 113 113 113 THR THR A . n 
A 1 114 THR 114 114 114 THR THR A . n 
A 1 115 ALA 115 115 115 ALA ALA A . n 
A 1 116 ALA 116 116 116 ALA ALA A . n 
A 1 117 LYS 117 117 117 LYS LYS A . n 
A 1 118 LEU 118 118 118 LEU LEU A . n 
A 1 119 ALA 119 119 119 ALA ALA A . n 
A 1 120 LEU 120 120 120 LEU LEU A . n 
A 1 121 TYR 121 121 121 TYR TYR A . n 
A 1 122 TYR 122 122 122 TYR TYR A . n 
A 1 123 LYS 123 123 123 LYS LYS A . n 
A 1 124 GLY 124 124 124 GLY GLY A . n 
A 1 125 LYS 125 125 125 LYS LYS A . n 
A 1 126 GLY 126 126 126 GLY GLY A . n 
A 1 127 ARG 127 127 127 ARG ARG A . n 
A 1 128 ARG 128 128 128 ARG ARG A . n 
A 1 129 PRO 129 129 129 PRO PRO A . n 
A 1 130 LEU 130 130 130 LEU LEU A . n 
A 1 131 LEU 131 131 131 LEU LEU A . n 
A 1 132 VAL 132 132 132 VAL VAL A . n 
A 1 133 ALA 133 133 133 ALA ALA A . n 
A 1 134 ALA 134 134 134 ALA ALA A . n 
A 1 135 ASP 135 135 135 ASP ASP A . n 
A 1 136 THR 136 136 136 THR THR A . n 
A 1 137 GLN 137 137 137 GLN GLN A . n 
A 1 138 ARG 138 138 138 ARG ARG A . n 
A 1 139 PRO 139 139 139 PRO PRO A . n 
A 1 140 ALA 140 140 140 ALA ALA A . n 
A 1 141 ALA 141 141 141 ALA ALA A . n 
A 1 142 ARG 142 142 142 ARG ARG A . n 
A 1 143 GLU 143 143 143 GLU GLU A . n 
A 1 144 GLN 144 144 144 GLN GLN A . n 
A 1 145 LEU 145 145 145 LEU LEU A . n 
A 1 146 ARG 146 146 146 ARG ARG A . n 
A 1 147 LEU 147 147 147 LEU LEU A . n 
A 1 148 LEU 148 148 148 LEU LEU A . n 
A 1 149 GLY 149 149 149 GLY GLY A . n 
A 1 150 GLU 150 150 150 GLU GLU A . n 
A 1 151 LYS 151 151 151 LYS LYS A . n 
A 1 152 VAL 152 152 152 VAL VAL A . n 
A 1 153 GLY 153 153 153 GLY GLY A . n 
A 1 154 VAL 154 154 154 VAL VAL A . n 
A 1 155 PRO 155 155 155 PRO PRO A . n 
A 1 156 VAL 156 156 156 VAL VAL A . n 
A 1 157 LEU 157 157 157 LEU LEU A . n 
A 1 158 GLU 158 158 158 GLU GLU A . n 
A 1 159 VAL 159 159 159 VAL VAL A . n 
A 1 160 MET 160 160 160 MET MET A . n 
A 1 161 ASP 161 161 161 ASP ASP A . n 
A 1 162 GLY 162 162 162 GLY GLY A . n 
A 1 163 GLU 163 163 163 GLU GLU A . n 
A 1 164 SER 164 164 164 SER SER A . n 
A 1 165 PRO 165 165 165 PRO PRO A . n 
A 1 166 GLU 166 166 166 GLU GLU A . n 
A 1 167 SER 167 167 167 SER SER A . n 
A 1 168 ILE 168 168 168 ILE ILE A . n 
A 1 169 ARG 169 169 169 ARG ARG A . n 
A 1 170 ARG 170 170 170 ARG ARG A . n 
A 1 171 ARG 171 171 171 ARG ARG A . n 
A 1 172 VAL 172 172 172 VAL VAL A . n 
A 1 173 GLU 173 173 173 GLU GLU A . n 
A 1 174 GLU 174 174 174 GLU GLU A . n 
A 1 175 LYS 175 175 175 LYS LYS A . n 
A 1 176 ALA 176 176 176 ALA ALA A . n 
A 1 177 ARG 177 177 177 ARG ARG A . n 
A 1 178 LEU 178 178 178 LEU LEU A . n 
A 1 179 GLU 179 179 179 GLU GLU A . n 
A 1 180 ALA 180 180 180 ALA ALA A . n 
A 1 181 ARG 181 181 181 ARG ARG A . n 
A 1 182 ASP 182 182 182 ASP ASP A . n 
A 1 183 LEU 183 183 183 LEU LEU A . n 
A 1 184 ILE 184 184 184 ILE ILE A . n 
A 1 185 LEU 185 185 185 LEU LEU A . n 
A 1 186 VAL 186 186 186 VAL VAL A . n 
A 1 187 ASP 187 187 187 ASP ASP A . n 
A 1 188 THR 188 188 188 THR THR A . n 
A 1 189 ALA 189 189 189 ALA ALA A . n 
A 1 190 GLY 190 190 190 GLY GLY A . n 
A 1 191 ARG 191 191 191 ARG ARG A . n 
A 1 192 LEU 192 192 192 LEU LEU A . n 
A 1 193 GLN 193 193 193 GLN GLN A . n 
A 1 194 ILE 194 194 194 ILE ILE A . n 
A 1 195 ASP 195 195 195 ASP ASP A . n 
A 1 196 GLU 196 196 196 GLU GLU A . n 
A 1 197 PRO 197 197 197 PRO PRO A . n 
A 1 198 LEU 198 198 198 LEU LEU A . n 
A 1 199 MET 199 199 199 MET MET A . n 
A 1 200 GLY 200 200 200 GLY GLY A . n 
A 1 201 GLU 201 201 201 GLU GLU A . n 
A 1 202 LEU 202 202 202 LEU LEU A . n 
A 1 203 ALA 203 203 203 ALA ALA A . n 
A 1 204 ARG 204 204 204 ARG ARG A . n 
A 1 205 LEU 205 205 205 LEU LEU A . n 
A 1 206 LYS 206 206 206 LYS LYS A . n 
A 1 207 GLU 207 207 207 GLU GLU A . n 
A 1 208 VAL 208 208 208 VAL VAL A . n 
A 1 209 LEU 209 209 209 LEU LEU A . n 
A 1 210 GLY 210 210 210 GLY GLY A . n 
A 1 211 PRO 211 211 211 PRO PRO A . n 
A 1 212 ASP 212 212 212 ASP ASP A . n 
A 1 213 GLU 213 213 213 GLU GLU A . n 
A 1 214 VAL 214 214 214 VAL VAL A . n 
A 1 215 LEU 215 215 215 LEU LEU A . n 
A 1 216 LEU 216 216 216 LEU LEU A . n 
A 1 217 VAL 217 217 217 VAL VAL A . n 
A 1 218 LEU 218 218 218 LEU LEU A . n 
A 1 219 ASP 219 219 219 ASP ASP A . n 
A 1 220 ALA 220 220 220 ALA ALA A . n 
A 1 221 MET 221 221 221 MET MET A . n 
A 1 222 THR 222 222 222 THR THR A . n 
A 1 223 GLY 223 223 223 GLY GLY A . n 
A 1 224 GLN 224 224 224 GLN GLN A . n 
A 1 225 GLU 225 225 225 GLU GLU A . n 
A 1 226 ALA 226 226 226 ALA ALA A . n 
A 1 227 LEU 227 227 227 LEU LEU A . n 
A 1 228 SER 228 228 228 SER SER A . n 
A 1 229 VAL 229 229 229 VAL VAL A . n 
A 1 230 ALA 230 230 230 ALA ALA A . n 
A 1 231 ARG 231 231 231 ARG ARG A . n 
A 1 232 ALA 232 232 232 ALA ALA A . n 
A 1 233 PHE 233 233 233 PHE PHE A . n 
A 1 234 ASP 234 234 234 ASP ASP A . n 
A 1 235 GLU 235 235 235 GLU GLU A . n 
A 1 236 LYS 236 236 236 LYS LYS A . n 
A 1 237 VAL 237 237 237 VAL VAL A . n 
A 1 238 GLY 238 238 238 GLY GLY A . n 
A 1 239 VAL 239 239 239 VAL VAL A . n 
A 1 240 THR 240 240 240 THR THR A . n 
A 1 241 GLY 241 241 241 GLY GLY A . n 
A 1 242 LEU 242 242 242 LEU LEU A . n 
A 1 243 VAL 243 243 243 VAL VAL A . n 
A 1 244 LEU 244 244 244 LEU LEU A . n 
A 1 245 THR 245 245 245 THR THR A . n 
A 1 246 LYS 246 246 246 LYS LYS A . n 
A 1 247 LEU 247 247 247 LEU LEU A . n 
A 1 248 ASP 248 248 248 ASP ASP A . n 
A 1 249 GLY 249 249 249 GLY GLY A . n 
A 1 250 ASP 250 250 250 ASP ASP A . n 
A 1 251 ALA 251 251 251 ALA ALA A . n 
A 1 252 ARG 252 252 252 ARG ARG A . n 
A 1 253 GLY 253 253 253 GLY GLY A . n 
A 1 254 GLY 254 254 254 GLY GLY A . n 
A 1 255 ALA 255 255 255 ALA ALA A . n 
A 1 256 ALA 256 256 256 ALA ALA A . n 
A 1 257 LEU 257 257 257 LEU LEU A . n 
A 1 258 SER 258 258 258 SER SER A . n 
A 1 259 ALA 259 259 259 ALA ALA A . n 
A 1 260 ARG 260 260 260 ARG ARG A . n 
A 1 261 HIS 261 261 261 HIS HIS A . n 
A 1 262 VAL 262 262 262 VAL VAL A . n 
A 1 263 THR 263 263 263 THR THR A . n 
A 1 264 GLY 264 264 264 GLY GLY A . n 
A 1 265 LYS 265 265 265 LYS LYS A . n 
A 1 266 PRO 266 266 266 PRO PRO A . n 
A 1 267 ILE 267 267 267 ILE ILE A . n 
A 1 268 TYR 268 268 268 TYR TYR A . n 
A 1 269 PHE 269 269 269 PHE PHE A . n 
A 1 270 ALA 270 270 270 ALA ALA A . n 
A 1 271 GLY 271 271 271 GLY GLY A . n 
A 1 272 VAL 272 272 272 VAL VAL A . n 
A 1 273 SER 273 273 273 SER SER A . n 
A 1 274 GLU 274 274 274 GLU GLU A . n 
A 1 275 LYS 275 275 275 LYS LYS A . n 
A 1 276 PRO 276 276 276 PRO PRO A . n 
A 1 277 GLU 277 277 277 GLU GLU A . n 
A 1 278 GLY 278 278 278 GLY GLY A . n 
A 1 279 LEU 279 279 279 LEU LEU A . n 
A 1 280 GLU 280 280 280 GLU GLU A . n 
A 1 281 PRO 281 281 281 PRO PRO A . n 
A 1 282 PHE 282 282 282 PHE PHE A . n 
A 1 283 TYR 283 283 283 TYR TYR A . n 
A 1 284 PRO 284 284 284 PRO PRO A . n 
A 1 285 GLU 285 285 285 GLU GLU A . n 
A 1 286 ARG 286 286 286 ARG ARG A . n 
A 1 287 LEU 287 287 287 LEU LEU A . n 
A 1 288 ALA 288 288 288 ALA ALA A . n 
A 1 289 GLY 289 289 289 GLY GLY A . n 
A 1 290 ARG 290 290 290 ARG ARG A . n 
A 1 291 ILE 291 291 291 ILE ILE A . n 
A 1 292 LEU 292 292 292 LEU LEU A . n 
A 1 293 GLY 293 293 293 GLY GLY A . n 
A 1 294 MET 294 294 294 MET MET A . n 
A 1 295 GLY 295 295 295 GLY GLY A . n 
A 1 296 ASP 296 296 296 ASP ASP A . n 
A 1 297 ILE 297 297 297 ILE ILE A . n 
A 1 298 GLU 298 298 298 GLU GLU A . n 
A 1 299 SER 299 299 299 SER SER A . n 
A 1 300 ILE 300 300 300 ILE ILE A . n 
A 1 301 LEU 301 301 301 LEU LEU A . n 
A 1 302 GLU 302 302 302 GLU GLU A . n 
A 1 303 LYS 303 303 303 LYS LYS A . n 
A 1 304 VAL 304 304 304 VAL VAL A . n 
A 1 305 LYS 305 305 305 LYS LYS A . n 
A 1 306 GLY 306 306 306 GLY GLY A . n 
A 1 307 LEU 307 307 307 LEU LEU A . n 
A 1 308 GLU 308 308 308 GLU GLU A . n 
A 1 309 GLU 309 309 309 GLU GLU A . n 
A 1 310 TYR 310 310 310 TYR TYR A . n 
A 1 311 ASP 311 311 311 ASP ASP A . n 
A 1 312 LYS 312 312 312 LYS LYS A . n 
A 1 313 ILE 313 313 313 ILE ILE A . n 
A 1 314 GLN 314 314 314 GLN GLN A . n 
A 1 315 LYS 315 315 315 LYS LYS A . n 
A 1 316 LYS 316 316 316 LYS LYS A . n 
A 1 317 MET 317 317 317 MET MET A . n 
A 1 318 GLU 318 318 318 GLU GLU A . n 
A 1 319 ASP 319 319 319 ASP ASP A . n 
A 1 320 VAL 320 320 320 VAL VAL A . n 
A 1 321 MET 321 321 321 MET MET A . n 
A 1 322 GLU 322 322 322 GLU GLU A . n 
A 1 323 GLY 323 323 323 GLY GLY A . n 
A 1 324 LYS 324 324 324 LYS LYS A . n 
A 1 325 GLY 325 325 325 GLY GLY A . n 
A 1 326 LYS 326 326 326 LYS LYS A . n 
A 1 327 LEU 327 327 327 LEU LEU A . n 
A 1 328 THR 328 328 328 THR THR A . n 
A 1 329 LEU 329 329 329 LEU LEU A . n 
A 1 330 ARG 330 330 330 ARG ARG A . n 
A 1 331 ASP 331 331 331 ASP ASP A . n 
A 1 332 VAL 332 332 332 VAL VAL A . n 
A 1 333 TYR 333 333 333 TYR TYR A . n 
A 1 334 ALA 334 334 334 ALA ALA A . n 
A 1 335 GLN 335 335 335 GLN GLN A . n 
A 1 336 ILE 336 336 336 ILE ILE A . n 
A 1 337 ILE 337 337 337 ILE ILE A . n 
A 1 338 ALA 338 338 338 ALA ALA A . n 
A 1 339 LEU 339 339 339 LEU LEU A . n 
A 1 340 ARG 340 340 340 ARG ARG A . n 
A 1 341 LYS 341 341 341 LYS LYS A . n 
A 1 342 MET 342 342 342 MET MET A . n 
A 1 343 GLY 343 343 343 GLY GLY A . n 
A 1 344 PRO 344 344 344 PRO PRO A . n 
A 1 345 LEU 345 345 345 LEU LEU A . n 
A 1 346 SER 346 346 346 SER SER A . n 
A 1 347 LYS 347 347 347 LYS LYS A . n 
A 1 348 VAL 348 348 348 VAL VAL A . n 
A 1 349 LEU 349 349 349 LEU LEU A . n 
A 1 350 GLN 350 350 350 GLN GLN A . n 
A 1 351 HIS 351 351 351 HIS HIS A . n 
A 1 352 ILE 352 352 352 ILE ILE A . n 
A 1 353 PRO 353 353 353 PRO PRO A . n 
A 1 354 GLY 354 354 354 GLY GLY A . n 
A 1 355 LEU 355 355 355 LEU LEU A . n 
A 1 356 GLY 356 356 356 GLY GLY A . n 
A 1 357 ILE 357 357 357 ILE ILE A . n 
A 1 358 MET 358 358 358 MET MET A . n 
A 1 359 LEU 359 359 359 LEU LEU A . n 
A 1 360 PRO 360 360 360 PRO PRO A . n 
A 1 361 THR 361 361 361 THR THR A . n 
A 1 362 PRO 362 362 362 PRO PRO A . n 
A 1 363 SER 363 363 363 SER SER A . n 
A 1 364 GLU 364 364 364 GLU GLU A . n 
A 1 365 ASP 365 365 365 ASP ASP A . n 
A 1 366 GLN 366 366 366 GLN GLN A . n 
A 1 367 LEU 367 367 367 LEU LEU A . n 
A 1 368 LYS 368 368 368 LYS LYS A . n 
A 1 369 ILE 369 369 369 ILE ILE A . n 
A 1 370 GLY 370 370 370 GLY GLY A . n 
A 1 371 GLU 371 371 371 GLU GLU A . n 
A 1 372 GLU 372 372 372 GLU GLU A . n 
A 1 373 LYS 373 373 373 LYS LYS A . n 
A 1 374 ILE 374 374 374 ILE ILE A . n 
A 1 375 ARG 375 375 375 ARG ARG A . n 
A 1 376 ARG 376 376 376 ARG ARG A . n 
A 1 377 TRP 377 377 377 TRP TRP A . n 
A 1 378 LEU 378 378 378 LEU LEU A . n 
A 1 379 ALA 379 379 379 ALA ALA A . n 
A 1 380 ALA 380 380 380 ALA ALA A . n 
A 1 381 LEU 381 381 381 LEU LEU A . n 
A 1 382 ASN 382 382 382 ASN ASN A . n 
A 1 383 SER 383 383 383 SER SER A . n 
A 1 384 MET 384 384 384 MET MET A . n 
A 1 385 THR 385 385 385 THR THR A . n 
A 1 386 TYR 386 386 386 TYR TYR A . n 
A 1 387 LYS 387 387 387 LYS LYS A . n 
A 1 388 GLU 388 388 388 GLU GLU A . n 
A 1 389 LEU 389 389 389 LEU LEU A . n 
A 1 390 GLU 390 390 390 GLU GLU A . n 
A 1 391 ASN 391 391 391 ASN ASN A . n 
A 1 392 PRO 392 392 392 PRO PRO A . n 
A 1 393 ASN 393 393 393 ASN ASN A . n 
A 1 394 ILE 394 394 394 ILE ILE A . n 
A 1 395 ILE 395 395 395 ILE ILE A . n 
A 1 396 ASP 396 396 396 ASP ASP A . n 
A 1 397 LYS 397 397 397 LYS LYS A . n 
A 1 398 SER 398 398 398 SER SER A . n 
A 1 399 ARG 399 399 399 ARG ARG A . n 
A 1 400 MET 400 400 400 MET MET A . n 
A 1 401 ARG 401 401 401 ARG ARG A . n 
A 1 402 ARG 402 402 402 ARG ARG A . n 
A 1 403 ILE 403 403 403 ILE ILE A . n 
A 1 404 ALA 404 404 404 ALA ALA A . n 
A 1 405 GLU 405 405 405 GLU GLU A . n 
A 1 406 GLY 406 406 406 GLY GLY A . n 
A 1 407 SER 407 407 407 SER SER A . n 
A 1 408 GLY 408 408 408 GLY GLY A . n 
A 1 409 LEU 409 409 409 LEU LEU A . n 
A 1 410 GLU 410 410 410 GLU GLU A . n 
A 1 411 VAL 411 411 411 VAL VAL A . n 
A 1 412 GLU 412 412 412 GLU GLU A . n 
A 1 413 GLU 413 413 413 GLU GLU A . n 
A 1 414 VAL 414 414 414 VAL VAL A . n 
A 1 415 ARG 415 415 415 ARG ARG A . n 
A 1 416 GLU 416 416 416 GLU GLU A . n 
A 1 417 LEU 417 417 417 LEU LEU A . n 
A 1 418 LEU 418 418 418 LEU LEU A . n 
A 1 419 GLU 419 419 419 GLU GLU A . n 
A 1 420 TRP 420 420 420 TRP TRP A . n 
A 1 421 TYR 421 421 421 TYR TYR A . n 
A 1 422 ASN 422 422 422 ASN ASN A . n 
A 1 423 ASN 423 423 423 ASN ASN A . n 
A 1 424 MET 424 424 424 MET MET A . n 
A 1 425 ASN 425 425 425 ASN ASN A . n 
A 1 426 ARG 426 426 426 ARG ARG A . n 
A 1 427 LEU 427 427 427 LEU LEU A . n 
A 1 428 LEU 428 428 428 LEU LEU A . n 
A 1 429 LYS 429 429 429 LYS LYS A . n 
A 1 430 MET 430 430 430 MET MET A . n 
A 1 431 VAL 431 431 431 VAL VAL A . n 
A 1 432 LYS 432 432 432 LYS LYS A . n 
B 2 1   G   1   1   1   G   G   B . n 
B 2 2   G   2   2   2   G   G   B . n 
B 2 3   G   3   3   3   G   G   B . n 
B 2 4   G   4   4   4   G   G   B . n 
B 2 5   G   5   5   5   G   G   B . n 
B 2 6   C   6   6   6   C   C   B . n 
B 2 7   U   7   7   7   U   U   B . n 
B 2 8   C   8   8   8   C   C   B . n 
B 2 9   U   9   9   9   U   U   B . n 
B 2 10  G   10  10  10  G   G   B . n 
B 2 11  U   11  11  11  U   U   B . n 
B 2 12  U   12  12  12  U   U   B . n 
B 2 13  G   13  13  13  G   G   B . n 
B 2 14  G   14  14  14  G   G   B . n 
B 2 15  U   15  15  15  U   U   B . n 
B 2 16  U   16  16  16  U   U   B . n 
B 2 17  C   17  17  17  C   C   B . n 
B 2 18  U   18  18  18  U   U   B . n 
B 2 19  C   19  19  19  C   C   B . n 
B 2 20  C   20  20  20  C   C   B . n 
B 2 21  C   21  21  21  C   C   B . n 
B 2 22  G   22  22  22  G   G   B . n 
B 2 23  C   23  23  23  C   C   B . n 
B 2 24  A   24  24  24  A   A   B . n 
B 2 25  A   25  25  25  A   A   B . n 
B 2 26  C   26  26  26  C   C   B . n 
B 2 27  G   27  27  27  G   G   B . n 
B 2 28  C   28  28  28  C   C   B . n 
B 2 29  U   29  29  29  U   U   B . n 
B 2 30  A   30  30  30  A   A   B . n 
B 2 31  C   31  31  31  C   C   B . n 
B 2 32  U   32  32  32  U   U   B . n 
B 2 33  C   33  33  33  C   C   B . n 
B 2 34  U   34  34  34  U   U   B . n 
B 2 35  G   35  35  35  G   G   B . n 
B 2 36  U   36  36  36  U   U   B . n 
B 2 37  U   37  37  37  U   U   B . n 
B 2 38  U   38  38  38  U   U   B . n 
B 2 39  A   39  39  39  A   A   B . n 
B 2 40  C   40  40  40  C   C   B . n 
B 2 41  C   41  41  41  C   C   B . n 
B 2 42  A   42  42  42  A   A   B . n 
B 2 43  G   43  43  43  G   G   B . n 
B 2 44  G   44  44  44  G   G   B . n 
B 2 45  U   45  45  45  U   U   B . n 
B 2 46  C   46  46  46  C   C   B . n 
B 2 47  A   47  47  47  A   A   B . n 
B 2 48  G   48  48  48  G   G   B . n 
B 2 49  G   49  49  49  G   G   B . n 
B 2 50  U   50  50  50  U   U   B . n 
B 2 51  C   51  51  51  C   C   B . n 
B 2 52  C   52  52  52  C   C   B . n 
B 2 53  G   53  53  53  G   G   B . n 
B 2 54  A   54  54  54  A   A   B . n 
B 2 55  A   55  55  55  A   A   B . n 
B 2 56  A   56  56  56  A   A   B . n 
B 2 57  G   57  57  57  G   G   B . n 
B 2 58  G   58  58  58  G   G   B . n 
B 2 59  A   59  59  59  A   A   B . n 
B 2 60  A   60  60  60  A   A   B . n 
B 2 61  G   61  61  61  G   G   B . n 
B 2 62  C   62  62  62  C   C   B . n 
B 2 63  A   63  63  63  A   A   B . n 
B 2 64  G   64  64  64  G   G   B . n 
B 2 65  C   65  65  65  C   C   B . n 
B 2 66  C   66  66  66  C   C   B . n 
B 2 67  A   67  67  67  A   A   B . n 
B 2 68  A   68  68  68  A   A   B . n 
B 2 69  G   69  69  69  G   G   B . n 
B 2 70  G   70  70  70  G   G   B . n 
B 2 71  C   71  71  71  C   C   B . n 
B 2 72  A   72  72  72  A   A   B . n 
B 2 73  G   73  73  73  G   G   B . n 
B 2 74  A   74  74  74  A   A   B . n 
B 2 75  U   75  75  75  U   U   B . n 
B 2 76  G   76  76  76  G   G   B . n 
B 2 77  A   77  77  77  A   A   B . n 
B 2 78  C   78  78  78  C   C   B . n 
B 2 79  G   79  79  79  G   G   B . n 
B 2 80  C   80  80  80  C   C   B . n 
B 2 81  G   81  81  81  G   G   B . n 
B 2 82  U   82  82  82  U   U   B . n 
B 2 83  G   83  83  83  G   G   B . n 
B 2 84  U   84  84  84  U   U   B . n 
B 2 85  G   85  85  85  G   G   B . n 
B 2 86  C   86  86  86  C   C   B . n 
B 2 87  C   87  87  87  C   C   B . n 
B 2 88  G   88  88  88  G   G   B . n 
B 2 89  G   89  89  89  G   G   B . n 
B 2 90  G   90  90  90  G   G   B . n 
B 2 91  A   91  91  91  A   A   B . n 
B 2 92  U   92  92  92  U   U   B . n 
B 2 93  G   93  93  93  G   G   B . n 
B 2 94  U   94  94  94  U   U   B . n 
B 2 95  A   95  95  95  A   A   B . n 
B 2 96  G   96  96  96  G   G   B . n 
B 2 97  C   97  97  97  C   C   B . n 
B 2 98  U   98  98  98  U   U   B . n 
B 2 99  G   99  99  99  G   G   B . n 
B 2 100 G   100 100 100 G   G   B . n 
B 2 101 C   101 101 101 C   C   B . n 
B 2 102 A   102 102 102 A   A   B . n 
B 2 103 G   103 103 103 G   G   B . n 
B 2 104 G   104 104 104 G   G   B . n 
B 2 105 G   105 105 105 G   G   B . n 
B 2 106 C   106 106 106 C   C   B . n 
B 2 107 C   107 107 107 C   C   B . n 
B 2 108 C   108 108 108 C   C   B . n 
B 2 109 C   109 109 109 C   C   B . n 
B 2 110 C   110 110 110 C   C   B . n 
C 3 1   ALA 1   450 450 ALA ALA C . n 
C 3 2   ALA 2   451 451 ALA ALA C . n 
C 3 3   LEU 3   452 452 LEU LEU C . n 
C 3 4   ALA 4   453 453 ALA ALA C . n 
C 3 5   LEU 5   454 454 LEU LEU C . n 
C 3 6   ALA 6   455 455 ALA ALA C . n 
C 3 7   ALA 7   456 456 ALA ALA C . n 
C 3 8   ALA 8   457 457 ALA ALA C . n 
C 3 9   ALA 9   458 458 ALA ALA C . n 
C 3 10  ALA 10  459 459 ALA ALA C . n 
C 3 11  LEU 11  460 460 LEU LEU C . n 
C 3 12  ALA 12  461 461 ALA ALA C . n 
C 3 13  LEU 13  462 462 LEU LEU C . n 
C 3 14  ALA 14  463 463 ALA ALA C . n 
C 3 15  ALA 15  464 464 ALA ALA C . n 
C 3 16  ALA 16  465 465 ALA ALA C . n 
C 3 17  GLY 17  466 466 GLY GLY C . n 
# 
_cell.entry_id           2IY3 
_cell.length_a           1.000 
_cell.length_b           1.000 
_cell.length_c           1.000 
_cell.angle_alpha        90.00 
_cell.angle_beta         90.00 
_cell.angle_gamma        90.00 
_cell.Z_PDB              1 
_cell.pdbx_unique_axis   ? 
# 
_symmetry.entry_id                         2IY3 
_symmetry.space_group_name_H-M             'P 1' 
_symmetry.pdbx_full_space_group_name_H-M   ? 
_symmetry.cell_setting                     ? 
_symmetry.Int_Tables_number                1 
# 
_exptl.entry_id          2IY3 
_exptl.method            'ELECTRON MICROSCOPY' 
_exptl.crystals_number   ? 
# 
_exptl_crystal.id                    1 
_exptl_crystal.density_meas          ? 
_exptl_crystal.density_Matthews      ? 
_exptl_crystal.density_percent_sol   ? 
_exptl_crystal.description           ? 
# 
_diffrn.id                     1 
_diffrn.ambient_temp           ? 
_diffrn.ambient_temp_details   ? 
_diffrn.crystal_id             1 
# 
_refine.pdbx_refine_id                           'ELECTRON MICROSCOPY' 
_refine.entry_id                                 2IY3 
_refine.pdbx_diffrn_id                           1 
_refine.pdbx_TLS_residual_ADP_flag               ? 
_refine.ls_number_reflns_obs                     ? 
_refine.ls_number_reflns_all                     ? 
_refine.pdbx_ls_sigma_I                          ? 
_refine.pdbx_ls_sigma_F                          ? 
_refine.pdbx_data_cutoff_high_absF               ? 
_refine.pdbx_data_cutoff_low_absF                ? 
_refine.pdbx_data_cutoff_high_rms_absF           ? 
_refine.ls_d_res_low                             ? 
_refine.ls_d_res_high                            16.00 
_refine.ls_percent_reflns_obs                    ? 
_refine.ls_R_factor_obs                          ? 
_refine.ls_R_factor_all                          ? 
_refine.ls_R_factor_R_work                       ? 
_refine.ls_R_factor_R_free                       ? 
_refine.ls_R_factor_R_free_error                 ? 
_refine.ls_R_factor_R_free_error_details         ? 
_refine.ls_percent_reflns_R_free                 ? 
_refine.ls_number_reflns_R_free                  ? 
_refine.ls_number_parameters                     ? 
_refine.ls_number_restraints                     ? 
_refine.occupancy_min                            ? 
_refine.occupancy_max                            ? 
_refine.correlation_coeff_Fo_to_Fc               ? 
_refine.correlation_coeff_Fo_to_Fc_free          ? 
_refine.B_iso_mean                               ? 
_refine.aniso_B[1][1]                            ? 
_refine.aniso_B[2][2]                            ? 
_refine.aniso_B[3][3]                            ? 
_refine.aniso_B[1][2]                            ? 
_refine.aniso_B[1][3]                            ? 
_refine.aniso_B[2][3]                            ? 
_refine.solvent_model_details                    ? 
_refine.solvent_model_param_ksol                 ? 
_refine.solvent_model_param_bsol                 ? 
_refine.pdbx_solvent_vdw_probe_radii             ? 
_refine.pdbx_solvent_ion_probe_radii             ? 
_refine.pdbx_solvent_shrinkage_radii             ? 
_refine.pdbx_ls_cross_valid_method               ? 
_refine.details                                  ? 
_refine.pdbx_starting_model                      ? 
_refine.pdbx_method_to_determine_struct          ? 
_refine.pdbx_isotropic_thermal_model             ? 
_refine.pdbx_stereochemistry_target_values       ? 
_refine.pdbx_stereochem_target_val_spec_case     ? 
_refine.pdbx_R_Free_selection_details            ? 
_refine.pdbx_overall_ESU_R                       ? 
_refine.pdbx_overall_ESU_R_Free                  ? 
_refine.overall_SU_ML                            ? 
_refine.pdbx_overall_phase_error                 ? 
_refine.overall_SU_B                             ? 
_refine.overall_SU_R_Cruickshank_DPI             ? 
_refine.pdbx_overall_SU_R_free_Cruickshank_DPI   ? 
_refine.pdbx_overall_SU_R_Blow_DPI               ? 
_refine.pdbx_overall_SU_R_free_Blow_DPI          ? 
# 
_refine_hist.pdbx_refine_id                   'ELECTRON MICROSCOPY' 
_refine_hist.cycle_id                         LAST 
_refine_hist.pdbx_number_atoms_protein        449 
_refine_hist.pdbx_number_atoms_nucleic_acid   110 
_refine_hist.pdbx_number_atoms_ligand         0 
_refine_hist.number_atoms_solvent             0 
_refine_hist.number_atoms_total               559 
_refine_hist.d_res_high                       16.00 
_refine_hist.d_res_low                        . 
# 
_struct.entry_id                  2IY3 
_struct.title                     'Structure of the E. Coli Signal Regognition Particle' 
_struct.pdbx_model_details        ? 
_struct.pdbx_CASP_flag            ? 
_struct.pdbx_model_type_details   'CA ATOMS ONLY, CHAIN A, C ; P ATOMS ONLY, CHAIN B' 
# 
_struct_keywords.entry_id        2IY3 
_struct_keywords.pdbx_keywords   RNA-BINDING 
_struct_keywords.text            'RNA-BINDING, RNA-BINDING PROTEIN COMPLEX, SIGNAL RECOGNITION PARTICLE' 
# 
loop_
_struct_asym.id 
_struct_asym.pdbx_blank_PDB_chainid_flag 
_struct_asym.pdbx_modified 
_struct_asym.entity_id 
_struct_asym.details 
A N N 1 ? 
B N N 2 ? 
C N N 3 ? 
# 
loop_
_struct_ref.id 
_struct_ref.db_name 
_struct_ref.db_code 
_struct_ref.pdbx_db_accession 
_struct_ref.pdbx_db_isoform 
_struct_ref.entity_id 
_struct_ref.pdbx_seq_one_letter_code 
_struct_ref.pdbx_align_begin 
1 UNP SRP54_THEAQ      O07347     ? 1 
;MFQQLSARLQEAIGRLRGRGRITEEDLKATLREIRRALMDADVNLEVARDFVERVREEALGKQVLESLTPAEVILATVYE
ALKEALGGEARLPVLKDRNLWFLVGLQGSGKTTTAAKLALYYKGKGRRPLLVAADTQRPAAREQLRLLGEKVGVPVLEVM
DGESPESIRRRVEEKARLEARDLILVDTAGRLQIDEPLMGELARLKEVLGPDEVLLVLDAMTGQEALSVARAFDEKVGVT
GLVLTKLDGDARGGAALSARHVTGKPIYFAGVSEKPEGLEPFYPERLAGRILGMGD
;
1      
2 UNP A0A0E3MG81_SULSF A0A0E3MG81 ? 1 
;IESILEKVKGLEEYDKIQKKMEDVMEGKGKLTLRDVYAQIIALRKMGPLSKVLQHIPGLGIMLPTPSEDQLKIGEEKIRR
WLAALNSMTYKELENPNIIDKSRMRRIAEGSGLEVEEVRELLEWYNNMNRLLKMVK
;
297    
3 GB  LT615377.1       1126835767 ? 2 
;GGGGGCUCUGUUGGUUCUCCCGCAACGCUACUCUGUUUACCAGGUCAGGUCCGGAAGGAAGCAGCCAAGGCAGAUGACGC
GUGUGCCGGGAUGUAGCUGGCAGGGCCCCC
;
475747 
4 PDB 2IY3             2IY3       ? 3 ? 1      
# 
loop_
_struct_ref_seq.align_id 
_struct_ref_seq.ref_id 
_struct_ref_seq.pdbx_PDB_id_code 
_struct_ref_seq.pdbx_strand_id 
_struct_ref_seq.seq_align_beg 
_struct_ref_seq.pdbx_seq_align_beg_ins_code 
_struct_ref_seq.seq_align_end 
_struct_ref_seq.pdbx_seq_align_end_ins_code 
_struct_ref_seq.pdbx_db_accession 
_struct_ref_seq.db_align_beg 
_struct_ref_seq.pdbx_db_align_beg_ins_code 
_struct_ref_seq.db_align_end 
_struct_ref_seq.pdbx_db_align_end_ins_code 
_struct_ref_seq.pdbx_auth_seq_align_beg 
_struct_ref_seq.pdbx_auth_seq_align_end 
1 1 2IY3 A 1   ? 296 ? O07347     1      ? 296    ? 1   296 
2 2 2IY3 A 297 ? 432 ? A0A0E3MG81 297    ? 432    ? 297 432 
3 3 2IY3 B 1   ? 110 ? 1126835767 475747 ? 475856 ? 1   110 
4 4 2IY3 C 1   ? 17  ? 2IY3       450    ? 466    ? 450 466 
# 
_struct_ref_seq_dif.align_id                     3 
_struct_ref_seq_dif.pdbx_pdb_id_code             2IY3 
_struct_ref_seq_dif.mon_id                       A 
_struct_ref_seq_dif.pdbx_pdb_strand_id           B 
_struct_ref_seq_dif.seq_num                      54 
_struct_ref_seq_dif.pdbx_pdb_ins_code            ? 
_struct_ref_seq_dif.pdbx_seq_db_name             GB 
_struct_ref_seq_dif.pdbx_seq_db_accession_code   1126835767 
_struct_ref_seq_dif.db_mon_id                    G 
_struct_ref_seq_dif.pdbx_seq_db_seq_num          475800 
_struct_ref_seq_dif.details                      conflict 
_struct_ref_seq_dif.pdbx_auth_seq_num            54 
_struct_ref_seq_dif.pdbx_ordinal                 1 
# 
_pdbx_struct_assembly.id                   1 
_pdbx_struct_assembly.details              author_and_software_defined_assembly 
_pdbx_struct_assembly.method_details       PQS 
_pdbx_struct_assembly.oligomeric_details   trimeric 
_pdbx_struct_assembly.oligomeric_count     3 
# 
_pdbx_struct_assembly_gen.assembly_id       1 
_pdbx_struct_assembly_gen.oper_expression   1 
_pdbx_struct_assembly_gen.asym_id_list      A,B,C 
# 
_pdbx_struct_oper_list.id                   1 
_pdbx_struct_oper_list.type                 'identity operation' 
_pdbx_struct_oper_list.name                 1_555 
_pdbx_struct_oper_list.symmetry_operation   x,y,z 
_pdbx_struct_oper_list.matrix[1][1]         1.0000000000 
_pdbx_struct_oper_list.matrix[1][2]         0.0000000000 
_pdbx_struct_oper_list.matrix[1][3]         0.0000000000 
_pdbx_struct_oper_list.vector[1]            0.0000000000 
_pdbx_struct_oper_list.matrix[2][1]         0.0000000000 
_pdbx_struct_oper_list.matrix[2][2]         1.0000000000 
_pdbx_struct_oper_list.matrix[2][3]         0.0000000000 
_pdbx_struct_oper_list.vector[2]            0.0000000000 
_pdbx_struct_oper_list.matrix[3][1]         0.0000000000 
_pdbx_struct_oper_list.matrix[3][2]         0.0000000000 
_pdbx_struct_oper_list.matrix[3][3]         1.0000000000 
_pdbx_struct_oper_list.vector[3]            0.0000000000 
# 
_em_3d_fitting.id                1 
_em_3d_fitting.entry_id          2IY3 
_em_3d_fitting.ref_protocol      OTHER 
_em_3d_fitting.ref_space         REAL 
_em_3d_fitting.overall_b_value   ? 
_em_3d_fitting.target_criteria   'Cross-correlation coefficient' 
_em_3d_fitting.details           'METHOD--LOCAL CORRELATION REFINEMENT PROTOCOL--X-RAY' 
_em_3d_fitting.method            ? 
# 
loop_
_em_3d_fitting_list.3d_fitting_id 
_em_3d_fitting_list.id 
_em_3d_fitting_list.pdb_entry_id 
_em_3d_fitting_list.pdb_chain_id 
_em_3d_fitting_list.details 
_em_3d_fitting_list.initial_refinement_model_id 
_em_3d_fitting_list.chain_id 
_em_3d_fitting_list.chain_residue_range 
_em_3d_fitting_list.pdb_chain_residue_range 
_em_3d_fitting_list.source_name 
_em_3d_fitting_list.type 
_em_3d_fitting_list.accession_code 
1 1 1JPN ? ? 1 ? ? ? PDB 'experimental model' 1JPN 
1 2 1QZW ? ? 2 ? ? ? PDB 'experimental model' 1QZW 
# 
_em_3d_reconstruction.entry_id                    2IY3 
_em_3d_reconstruction.id                          1 
_em_3d_reconstruction.symmetry_type               POINT 
_em_3d_reconstruction.num_particles               24382 
_em_3d_reconstruction.image_processing_id         1 
_em_3d_reconstruction.method                      'PROJECTION MATCHING' 
_em_3d_reconstruction.nominal_pixel_size          3.81 
_em_3d_reconstruction.actual_pixel_size           ? 
_em_3d_reconstruction.resolution                  16 
_em_3d_reconstruction.magnification_calibration   ? 
_em_3d_reconstruction.details                     
;THE COORDINATES BELOW ARE MADE UP FROM THE FOLLOWING COMPONENTS: FFH NG DOMAIN (RESIDUE 1-296), ORGANISM SCIENTIFIC: THERMUS AQUATICUS (PDB ENTRY 1JPN CHAIN A). FFH M DOMAIN (RESIDUE 297-432), ORANISM SCIENTIFIC: SULFOLOBUS SOLFATARICUS (PDB ENTRY 1QZW CHAIN A). 4.5S RNA (RESIDUE 33- 73), ORGANISM SCIENTIFIC: SULFOLOBUS SOLFATARICUS (PDB ENTRY 1QZW, CHAIN B). 4.5S RNA (RESIDUE 1-32 AND 74-110), ORGANISM SCIENTIFIC: ESCHERICHIA COLI (PDB: SRPDB, ROSENBLAD ET AL, NUCLEIC ACID RES 21, 363-364,12:2003.
;
_em_3d_reconstruction.num_class_averages          ? 
_em_3d_reconstruction.resolution_method           ? 
_em_3d_reconstruction.algorithm                   ? 
# 
_em_buffer.id            1 
_em_buffer.specimen_id   1 
_em_buffer.name          '50 MM HEPES-KOH PH 7.5, 100 MM KCL, 25 MM MGCL2, 1 MM DTT,1 MM GTP' 
_em_buffer.pH            7.5 
_em_buffer.details       '50 MM HEPES-KOH PH 7.5, 100 MM KCL, 25 MM MGCL2, 1 MM DTT,1 MM GTP' 
# 
_em_entity_assembly.id                   1 
_em_entity_assembly.name                 'SRP BOUND TO RIBOSOME' 
_em_entity_assembly.type                 RIBOSOME 
_em_entity_assembly.parent_id            0 
_em_entity_assembly.synonym              ? 
_em_entity_assembly.details              ? 
_em_entity_assembly.oligomeric_details   ? 
# 
_em_image_scans.entry_id                2IY3 
_em_image_scans.id                      1 
_em_image_scans.image_recording_id      1 
_em_image_scans.number_digital_images   251 
_em_image_scans.citation_id             ? 
_em_image_scans.od_range                ? 
_em_image_scans.quant_bit_size          ? 
_em_image_scans.sampling_size           ? 
_em_image_scans.scanner_model           ? 
_em_image_scans.details                 ? 
# 
_em_imaging.entry_id                        2IY3 
_em_imaging.id                              1 
_em_imaging.illumination_mode               'FLOOD BEAM' 
_em_imaging.electron_source                 'FIELD EMISSION GUN' 
_em_imaging.specimen_id                     1 
_em_imaging.date                            2005-06-02 
_em_imaging.temperature                     77 
_em_imaging.microscope_model                'FEI TECNAI 20' 
_em_imaging.nominal_defocus_min             1000 
_em_imaging.nominal_defocus_max             4500 
_em_imaging.tilt_angle_min                  0 
_em_imaging.tilt_angle_max                  0 
_em_imaging.nominal_cs                      2.0 
_em_imaging.mode                            'BRIGHT FIELD' 
_em_imaging.nominal_magnification           50000 
_em_imaging.calibrated_magnification        51000 
_em_imaging.accelerating_voltage            200 
_em_imaging.details                         ? 
_em_imaging.specimen_holder_type            . 
_em_imaging.specimen_holder_model           . 
_em_imaging.citation_id                     ? 
_em_imaging.astigmatism                     ? 
_em_imaging.detector_distance               ? 
_em_imaging.electron_beam_tilt_params       ? 
_em_imaging.recording_temperature_maximum   ? 
_em_imaging.recording_temperature_minimum   ? 
# 
_em_sample_support.id               1 
_em_sample_support.specimen_id      1 
_em_sample_support.details          'HOLEY CARBON' 
_em_sample_support.method           ? 
_em_sample_support.film_material    ? 
_em_sample_support.grid_material    ? 
_em_sample_support.grid_mesh_size   ? 
_em_sample_support.grid_type        ? 
# 
_em_vitrification.entry_id              2IY3 
_em_vitrification.id                    1 
_em_vitrification.instrument            'HOMEMADE PLUNGER' 
_em_vitrification.cryogen_name          ETHANE 
_em_vitrification.specimen_id           1 
_em_vitrification.details               'PLUNGED INTO ETHANE' 
_em_vitrification.citation_id           ? 
_em_vitrification.humidity              ? 
_em_vitrification.method                ? 
_em_vitrification.temp                  ? 
_em_vitrification.time_resolved_state   ? 
# 
_em_experiment.entry_id                2IY3 
_em_experiment.id                      1 
_em_experiment.aggregation_state       PARTICLE 
_em_experiment.entity_assembly_id      1 
_em_experiment.reconstruction_method   'SINGLE PARTICLE' 
# 
_em_single_particle_entity.entry_id              2IY3 
_em_single_particle_entity.id                    1 
_em_single_particle_entity.point_symmetry        C1 
_em_single_particle_entity.image_processing_id   1 
# 
loop_
_chem_comp_atom.comp_id 
_chem_comp_atom.atom_id 
_chem_comp_atom.type_symbol 
_chem_comp_atom.pdbx_aromatic_flag 
_chem_comp_atom.pdbx_stereo_config 
_chem_comp_atom.pdbx_ordinal 
A   OP3    O N N 1   
A   P      P N N 2   
A   OP1    O N N 3   
A   OP2    O N N 4   
A   "O5'"  O N N 5   
A   "C5'"  C N N 6   
A   "C4'"  C N R 7   
A   "O4'"  O N N 8   
A   "C3'"  C N S 9   
A   "O3'"  O N N 10  
A   "C2'"  C N R 11  
A   "O2'"  O N N 12  
A   "C1'"  C N R 13  
A   N9     N Y N 14  
A   C8     C Y N 15  
A   N7     N Y N 16  
A   C5     C Y N 17  
A   C6     C Y N 18  
A   N6     N N N 19  
A   N1     N Y N 20  
A   C2     C Y N 21  
A   N3     N Y N 22  
A   C4     C Y N 23  
A   HOP3   H N N 24  
A   HOP2   H N N 25  
A   "H5'"  H N N 26  
A   "H5''" H N N 27  
A   "H4'"  H N N 28  
A   "H3'"  H N N 29  
A   "HO3'" H N N 30  
A   "H2'"  H N N 31  
A   "HO2'" H N N 32  
A   "H1'"  H N N 33  
A   H8     H N N 34  
A   H61    H N N 35  
A   H62    H N N 36  
A   H2     H N N 37  
ALA N      N N N 38  
ALA CA     C N S 39  
ALA C      C N N 40  
ALA O      O N N 41  
ALA CB     C N N 42  
ALA OXT    O N N 43  
ALA H      H N N 44  
ALA H2     H N N 45  
ALA HA     H N N 46  
ALA HB1    H N N 47  
ALA HB2    H N N 48  
ALA HB3    H N N 49  
ALA HXT    H N N 50  
ARG N      N N N 51  
ARG CA     C N S 52  
ARG C      C N N 53  
ARG O      O N N 54  
ARG CB     C N N 55  
ARG CG     C N N 56  
ARG CD     C N N 57  
ARG NE     N N N 58  
ARG CZ     C N N 59  
ARG NH1    N N N 60  
ARG NH2    N N N 61  
ARG OXT    O N N 62  
ARG H      H N N 63  
ARG H2     H N N 64  
ARG HA     H N N 65  
ARG HB2    H N N 66  
ARG HB3    H N N 67  
ARG HG2    H N N 68  
ARG HG3    H N N 69  
ARG HD2    H N N 70  
ARG HD3    H N N 71  
ARG HE     H N N 72  
ARG HH11   H N N 73  
ARG HH12   H N N 74  
ARG HH21   H N N 75  
ARG HH22   H N N 76  
ARG HXT    H N N 77  
ASN N      N N N 78  
ASN CA     C N S 79  
ASN C      C N N 80  
ASN O      O N N 81  
ASN CB     C N N 82  
ASN CG     C N N 83  
ASN OD1    O N N 84  
ASN ND2    N N N 85  
ASN OXT    O N N 86  
ASN H      H N N 87  
ASN H2     H N N 88  
ASN HA     H N N 89  
ASN HB2    H N N 90  
ASN HB3    H N N 91  
ASN HD21   H N N 92  
ASN HD22   H N N 93  
ASN HXT    H N N 94  
ASP N      N N N 95  
ASP CA     C N S 96  
ASP C      C N N 97  
ASP O      O N N 98  
ASP CB     C N N 99  
ASP CG     C N N 100 
ASP OD1    O N N 101 
ASP OD2    O N N 102 
ASP OXT    O N N 103 
ASP H      H N N 104 
ASP H2     H N N 105 
ASP HA     H N N 106 
ASP HB2    H N N 107 
ASP HB3    H N N 108 
ASP HD2    H N N 109 
ASP HXT    H N N 110 
C   OP3    O N N 111 
C   P      P N N 112 
C   OP1    O N N 113 
C   OP2    O N N 114 
C   "O5'"  O N N 115 
C   "C5'"  C N N 116 
C   "C4'"  C N R 117 
C   "O4'"  O N N 118 
C   "C3'"  C N S 119 
C   "O3'"  O N N 120 
C   "C2'"  C N R 121 
C   "O2'"  O N N 122 
C   "C1'"  C N R 123 
C   N1     N N N 124 
C   C2     C N N 125 
C   O2     O N N 126 
C   N3     N N N 127 
C   C4     C N N 128 
C   N4     N N N 129 
C   C5     C N N 130 
C   C6     C N N 131 
C   HOP3   H N N 132 
C   HOP2   H N N 133 
C   "H5'"  H N N 134 
C   "H5''" H N N 135 
C   "H4'"  H N N 136 
C   "H3'"  H N N 137 
C   "HO3'" H N N 138 
C   "H2'"  H N N 139 
C   "HO2'" H N N 140 
C   "H1'"  H N N 141 
C   H41    H N N 142 
C   H42    H N N 143 
C   H5     H N N 144 
C   H6     H N N 145 
G   OP3    O N N 146 
G   P      P N N 147 
G   OP1    O N N 148 
G   OP2    O N N 149 
G   "O5'"  O N N 150 
G   "C5'"  C N N 151 
G   "C4'"  C N R 152 
G   "O4'"  O N N 153 
G   "C3'"  C N S 154 
G   "O3'"  O N N 155 
G   "C2'"  C N R 156 
G   "O2'"  O N N 157 
G   "C1'"  C N R 158 
G   N9     N Y N 159 
G   C8     C Y N 160 
G   N7     N Y N 161 
G   C5     C Y N 162 
G   C6     C N N 163 
G   O6     O N N 164 
G   N1     N N N 165 
G   C2     C N N 166 
G   N2     N N N 167 
G   N3     N N N 168 
G   C4     C Y N 169 
G   HOP3   H N N 170 
G   HOP2   H N N 171 
G   "H5'"  H N N 172 
G   "H5''" H N N 173 
G   "H4'"  H N N 174 
G   "H3'"  H N N 175 
G   "HO3'" H N N 176 
G   "H2'"  H N N 177 
G   "HO2'" H N N 178 
G   "H1'"  H N N 179 
G   H8     H N N 180 
G   H1     H N N 181 
G   H21    H N N 182 
G   H22    H N N 183 
GLN N      N N N 184 
GLN CA     C N S 185 
GLN C      C N N 186 
GLN O      O N N 187 
GLN CB     C N N 188 
GLN CG     C N N 189 
GLN CD     C N N 190 
GLN OE1    O N N 191 
GLN NE2    N N N 192 
GLN OXT    O N N 193 
GLN H      H N N 194 
GLN H2     H N N 195 
GLN HA     H N N 196 
GLN HB2    H N N 197 
GLN HB3    H N N 198 
GLN HG2    H N N 199 
GLN HG3    H N N 200 
GLN HE21   H N N 201 
GLN HE22   H N N 202 
GLN HXT    H N N 203 
GLU N      N N N 204 
GLU CA     C N S 205 
GLU C      C N N 206 
GLU O      O N N 207 
GLU CB     C N N 208 
GLU CG     C N N 209 
GLU CD     C N N 210 
GLU OE1    O N N 211 
GLU OE2    O N N 212 
GLU OXT    O N N 213 
GLU H      H N N 214 
GLU H2     H N N 215 
GLU HA     H N N 216 
GLU HB2    H N N 217 
GLU HB3    H N N 218 
GLU HG2    H N N 219 
GLU HG3    H N N 220 
GLU HE2    H N N 221 
GLU HXT    H N N 222 
GLY N      N N N 223 
GLY CA     C N N 224 
GLY C      C N N 225 
GLY O      O N N 226 
GLY OXT    O N N 227 
GLY H      H N N 228 
GLY H2     H N N 229 
GLY HA2    H N N 230 
GLY HA3    H N N 231 
GLY HXT    H N N 232 
HIS N      N N N 233 
HIS CA     C N S 234 
HIS C      C N N 235 
HIS O      O N N 236 
HIS CB     C N N 237 
HIS CG     C Y N 238 
HIS ND1    N Y N 239 
HIS CD2    C Y N 240 
HIS CE1    C Y N 241 
HIS NE2    N Y N 242 
HIS OXT    O N N 243 
HIS H      H N N 244 
HIS H2     H N N 245 
HIS HA     H N N 246 
HIS HB2    H N N 247 
HIS HB3    H N N 248 
HIS HD1    H N N 249 
HIS HD2    H N N 250 
HIS HE1    H N N 251 
HIS HE2    H N N 252 
HIS HXT    H N N 253 
ILE N      N N N 254 
ILE CA     C N S 255 
ILE C      C N N 256 
ILE O      O N N 257 
ILE CB     C N S 258 
ILE CG1    C N N 259 
ILE CG2    C N N 260 
ILE CD1    C N N 261 
ILE OXT    O N N 262 
ILE H      H N N 263 
ILE H2     H N N 264 
ILE HA     H N N 265 
ILE HB     H N N 266 
ILE HG12   H N N 267 
ILE HG13   H N N 268 
ILE HG21   H N N 269 
ILE HG22   H N N 270 
ILE HG23   H N N 271 
ILE HD11   H N N 272 
ILE HD12   H N N 273 
ILE HD13   H N N 274 
ILE HXT    H N N 275 
LEU N      N N N 276 
LEU CA     C N S 277 
LEU C      C N N 278 
LEU O      O N N 279 
LEU CB     C N N 280 
LEU CG     C N N 281 
LEU CD1    C N N 282 
LEU CD2    C N N 283 
LEU OXT    O N N 284 
LEU H      H N N 285 
LEU H2     H N N 286 
LEU HA     H N N 287 
LEU HB2    H N N 288 
LEU HB3    H N N 289 
LEU HG     H N N 290 
LEU HD11   H N N 291 
LEU HD12   H N N 292 
LEU HD13   H N N 293 
LEU HD21   H N N 294 
LEU HD22   H N N 295 
LEU HD23   H N N 296 
LEU HXT    H N N 297 
LYS N      N N N 298 
LYS CA     C N S 299 
LYS C      C N N 300 
LYS O      O N N 301 
LYS CB     C N N 302 
LYS CG     C N N 303 
LYS CD     C N N 304 
LYS CE     C N N 305 
LYS NZ     N N N 306 
LYS OXT    O N N 307 
LYS H      H N N 308 
LYS H2     H N N 309 
LYS HA     H N N 310 
LYS HB2    H N N 311 
LYS HB3    H N N 312 
LYS HG2    H N N 313 
LYS HG3    H N N 314 
LYS HD2    H N N 315 
LYS HD3    H N N 316 
LYS HE2    H N N 317 
LYS HE3    H N N 318 
LYS HZ1    H N N 319 
LYS HZ2    H N N 320 
LYS HZ3    H N N 321 
LYS HXT    H N N 322 
MET N      N N N 323 
MET CA     C N S 324 
MET C      C N N 325 
MET O      O N N 326 
MET CB     C N N 327 
MET CG     C N N 328 
MET SD     S N N 329 
MET CE     C N N 330 
MET OXT    O N N 331 
MET H      H N N 332 
MET H2     H N N 333 
MET HA     H N N 334 
MET HB2    H N N 335 
MET HB3    H N N 336 
MET HG2    H N N 337 
MET HG3    H N N 338 
MET HE1    H N N 339 
MET HE2    H N N 340 
MET HE3    H N N 341 
MET HXT    H N N 342 
PHE N      N N N 343 
PHE CA     C N S 344 
PHE C      C N N 345 
PHE O      O N N 346 
PHE CB     C N N 347 
PHE CG     C Y N 348 
PHE CD1    C Y N 349 
PHE CD2    C Y N 350 
PHE CE1    C Y N 351 
PHE CE2    C Y N 352 
PHE CZ     C Y N 353 
PHE OXT    O N N 354 
PHE H      H N N 355 
PHE H2     H N N 356 
PHE HA     H N N 357 
PHE HB2    H N N 358 
PHE HB3    H N N 359 
PHE HD1    H N N 360 
PHE HD2    H N N 361 
PHE HE1    H N N 362 
PHE HE2    H N N 363 
PHE HZ     H N N 364 
PHE HXT    H N N 365 
PRO N      N N N 366 
PRO CA     C N S 367 
PRO C      C N N 368 
PRO O      O N N 369 
PRO CB     C N N 370 
PRO CG     C N N 371 
PRO CD     C N N 372 
PRO OXT    O N N 373 
PRO H      H N N 374 
PRO HA     H N N 375 
PRO HB2    H N N 376 
PRO HB3    H N N 377 
PRO HG2    H N N 378 
PRO HG3    H N N 379 
PRO HD2    H N N 380 
PRO HD3    H N N 381 
PRO HXT    H N N 382 
SER N      N N N 383 
SER CA     C N S 384 
SER C      C N N 385 
SER O      O N N 386 
SER CB     C N N 387 
SER OG     O N N 388 
SER OXT    O N N 389 
SER H      H N N 390 
SER H2     H N N 391 
SER HA     H N N 392 
SER HB2    H N N 393 
SER HB3    H N N 394 
SER HG     H N N 395 
SER HXT    H N N 396 
THR N      N N N 397 
THR CA     C N S 398 
THR C      C N N 399 
THR O      O N N 400 
THR CB     C N R 401 
THR OG1    O N N 402 
THR CG2    C N N 403 
THR OXT    O N N 404 
THR H      H N N 405 
THR H2     H N N 406 
THR HA     H N N 407 
THR HB     H N N 408 
THR HG1    H N N 409 
THR HG21   H N N 410 
THR HG22   H N N 411 
THR HG23   H N N 412 
THR HXT    H N N 413 
TRP N      N N N 414 
TRP CA     C N S 415 
TRP C      C N N 416 
TRP O      O N N 417 
TRP CB     C N N 418 
TRP CG     C Y N 419 
TRP CD1    C Y N 420 
TRP CD2    C Y N 421 
TRP NE1    N Y N 422 
TRP CE2    C Y N 423 
TRP CE3    C Y N 424 
TRP CZ2    C Y N 425 
TRP CZ3    C Y N 426 
TRP CH2    C Y N 427 
TRP OXT    O N N 428 
TRP H      H N N 429 
TRP H2     H N N 430 
TRP HA     H N N 431 
TRP HB2    H N N 432 
TRP HB3    H N N 433 
TRP HD1    H N N 434 
TRP HE1    H N N 435 
TRP HE3    H N N 436 
TRP HZ2    H N N 437 
TRP HZ3    H N N 438 
TRP HH2    H N N 439 
TRP HXT    H N N 440 
TYR N      N N N 441 
TYR CA     C N S 442 
TYR C      C N N 443 
TYR O      O N N 444 
TYR CB     C N N 445 
TYR CG     C Y N 446 
TYR CD1    C Y N 447 
TYR CD2    C Y N 448 
TYR CE1    C Y N 449 
TYR CE2    C Y N 450 
TYR CZ     C Y N 451 
TYR OH     O N N 452 
TYR OXT    O N N 453 
TYR H      H N N 454 
TYR H2     H N N 455 
TYR HA     H N N 456 
TYR HB2    H N N 457 
TYR HB3    H N N 458 
TYR HD1    H N N 459 
TYR HD2    H N N 460 
TYR HE1    H N N 461 
TYR HE2    H N N 462 
TYR HH     H N N 463 
TYR HXT    H N N 464 
U   OP3    O N N 465 
U   P      P N N 466 
U   OP1    O N N 467 
U   OP2    O N N 468 
U   "O5'"  O N N 469 
U   "C5'"  C N N 470 
U   "C4'"  C N R 471 
U   "O4'"  O N N 472 
U   "C3'"  C N S 473 
U   "O3'"  O N N 474 
U   "C2'"  C N R 475 
U   "O2'"  O N N 476 
U   "C1'"  C N R 477 
U   N1     N N N 478 
U   C2     C N N 479 
U   O2     O N N 480 
U   N3     N N N 481 
U   C4     C N N 482 
U   O4     O N N 483 
U   C5     C N N 484 
U   C6     C N N 485 
U   HOP3   H N N 486 
U   HOP2   H N N 487 
U   "H5'"  H N N 488 
U   "H5''" H N N 489 
U   "H4'"  H N N 490 
U   "H3'"  H N N 491 
U   "HO3'" H N N 492 
U   "H2'"  H N N 493 
U   "HO2'" H N N 494 
U   "H1'"  H N N 495 
U   H3     H N N 496 
U   H5     H N N 497 
U   H6     H N N 498 
VAL N      N N N 499 
VAL CA     C N S 500 
VAL C      C N N 501 
VAL O      O N N 502 
VAL CB     C N N 503 
VAL CG1    C N N 504 
VAL CG2    C N N 505 
VAL OXT    O N N 506 
VAL H      H N N 507 
VAL H2     H N N 508 
VAL HA     H N N 509 
VAL HB     H N N 510 
VAL HG11   H N N 511 
VAL HG12   H N N 512 
VAL HG13   H N N 513 
VAL HG21   H N N 514 
VAL HG22   H N N 515 
VAL HG23   H N N 516 
VAL HXT    H N N 517 
# 
loop_
_chem_comp_bond.comp_id 
_chem_comp_bond.atom_id_1 
_chem_comp_bond.atom_id_2 
_chem_comp_bond.value_order 
_chem_comp_bond.pdbx_aromatic_flag 
_chem_comp_bond.pdbx_stereo_config 
_chem_comp_bond.pdbx_ordinal 
A   OP3   P      sing N N 1   
A   OP3   HOP3   sing N N 2   
A   P     OP1    doub N N 3   
A   P     OP2    sing N N 4   
A   P     "O5'"  sing N N 5   
A   OP2   HOP2   sing N N 6   
A   "O5'" "C5'"  sing N N 7   
A   "C5'" "C4'"  sing N N 8   
A   "C5'" "H5'"  sing N N 9   
A   "C5'" "H5''" sing N N 10  
A   "C4'" "O4'"  sing N N 11  
A   "C4'" "C3'"  sing N N 12  
A   "C4'" "H4'"  sing N N 13  
A   "O4'" "C1'"  sing N N 14  
A   "C3'" "O3'"  sing N N 15  
A   "C3'" "C2'"  sing N N 16  
A   "C3'" "H3'"  sing N N 17  
A   "O3'" "HO3'" sing N N 18  
A   "C2'" "O2'"  sing N N 19  
A   "C2'" "C1'"  sing N N 20  
A   "C2'" "H2'"  sing N N 21  
A   "O2'" "HO2'" sing N N 22  
A   "C1'" N9     sing N N 23  
A   "C1'" "H1'"  sing N N 24  
A   N9    C8     sing Y N 25  
A   N9    C4     sing Y N 26  
A   C8    N7     doub Y N 27  
A   C8    H8     sing N N 28  
A   N7    C5     sing Y N 29  
A   C5    C6     sing Y N 30  
A   C5    C4     doub Y N 31  
A   C6    N6     sing N N 32  
A   C6    N1     doub Y N 33  
A   N6    H61    sing N N 34  
A   N6    H62    sing N N 35  
A   N1    C2     sing Y N 36  
A   C2    N3     doub Y N 37  
A   C2    H2     sing N N 38  
A   N3    C4     sing Y N 39  
ALA N     CA     sing N N 40  
ALA N     H      sing N N 41  
ALA N     H2     sing N N 42  
ALA CA    C      sing N N 43  
ALA CA    CB     sing N N 44  
ALA CA    HA     sing N N 45  
ALA C     O      doub N N 46  
ALA C     OXT    sing N N 47  
ALA CB    HB1    sing N N 48  
ALA CB    HB2    sing N N 49  
ALA CB    HB3    sing N N 50  
ALA OXT   HXT    sing N N 51  
ARG N     CA     sing N N 52  
ARG N     H      sing N N 53  
ARG N     H2     sing N N 54  
ARG CA    C      sing N N 55  
ARG CA    CB     sing N N 56  
ARG CA    HA     sing N N 57  
ARG C     O      doub N N 58  
ARG C     OXT    sing N N 59  
ARG CB    CG     sing N N 60  
ARG CB    HB2    sing N N 61  
ARG CB    HB3    sing N N 62  
ARG CG    CD     sing N N 63  
ARG CG    HG2    sing N N 64  
ARG CG    HG3    sing N N 65  
ARG CD    NE     sing N N 66  
ARG CD    HD2    sing N N 67  
ARG CD    HD3    sing N N 68  
ARG NE    CZ     sing N N 69  
ARG NE    HE     sing N N 70  
ARG CZ    NH1    sing N N 71  
ARG CZ    NH2    doub N N 72  
ARG NH1   HH11   sing N N 73  
ARG NH1   HH12   sing N N 74  
ARG NH2   HH21   sing N N 75  
ARG NH2   HH22   sing N N 76  
ARG OXT   HXT    sing N N 77  
ASN N     CA     sing N N 78  
ASN N     H      sing N N 79  
ASN N     H2     sing N N 80  
ASN CA    C      sing N N 81  
ASN CA    CB     sing N N 82  
ASN CA    HA     sing N N 83  
ASN C     O      doub N N 84  
ASN C     OXT    sing N N 85  
ASN CB    CG     sing N N 86  
ASN CB    HB2    sing N N 87  
ASN CB    HB3    sing N N 88  
ASN CG    OD1    doub N N 89  
ASN CG    ND2    sing N N 90  
ASN ND2   HD21   sing N N 91  
ASN ND2   HD22   sing N N 92  
ASN OXT   HXT    sing N N 93  
ASP N     CA     sing N N 94  
ASP N     H      sing N N 95  
ASP N     H2     sing N N 96  
ASP CA    C      sing N N 97  
ASP CA    CB     sing N N 98  
ASP CA    HA     sing N N 99  
ASP C     O      doub N N 100 
ASP C     OXT    sing N N 101 
ASP CB    CG     sing N N 102 
ASP CB    HB2    sing N N 103 
ASP CB    HB3    sing N N 104 
ASP CG    OD1    doub N N 105 
ASP CG    OD2    sing N N 106 
ASP OD2   HD2    sing N N 107 
ASP OXT   HXT    sing N N 108 
C   OP3   P      sing N N 109 
C   OP3   HOP3   sing N N 110 
C   P     OP1    doub N N 111 
C   P     OP2    sing N N 112 
C   P     "O5'"  sing N N 113 
C   OP2   HOP2   sing N N 114 
C   "O5'" "C5'"  sing N N 115 
C   "C5'" "C4'"  sing N N 116 
C   "C5'" "H5'"  sing N N 117 
C   "C5'" "H5''" sing N N 118 
C   "C4'" "O4'"  sing N N 119 
C   "C4'" "C3'"  sing N N 120 
C   "C4'" "H4'"  sing N N 121 
C   "O4'" "C1'"  sing N N 122 
C   "C3'" "O3'"  sing N N 123 
C   "C3'" "C2'"  sing N N 124 
C   "C3'" "H3'"  sing N N 125 
C   "O3'" "HO3'" sing N N 126 
C   "C2'" "O2'"  sing N N 127 
C   "C2'" "C1'"  sing N N 128 
C   "C2'" "H2'"  sing N N 129 
C   "O2'" "HO2'" sing N N 130 
C   "C1'" N1     sing N N 131 
C   "C1'" "H1'"  sing N N 132 
C   N1    C2     sing N N 133 
C   N1    C6     sing N N 134 
C   C2    O2     doub N N 135 
C   C2    N3     sing N N 136 
C   N3    C4     doub N N 137 
C   C4    N4     sing N N 138 
C   C4    C5     sing N N 139 
C   N4    H41    sing N N 140 
C   N4    H42    sing N N 141 
C   C5    C6     doub N N 142 
C   C5    H5     sing N N 143 
C   C6    H6     sing N N 144 
G   OP3   P      sing N N 145 
G   OP3   HOP3   sing N N 146 
G   P     OP1    doub N N 147 
G   P     OP2    sing N N 148 
G   P     "O5'"  sing N N 149 
G   OP2   HOP2   sing N N 150 
G   "O5'" "C5'"  sing N N 151 
G   "C5'" "C4'"  sing N N 152 
G   "C5'" "H5'"  sing N N 153 
G   "C5'" "H5''" sing N N 154 
G   "C4'" "O4'"  sing N N 155 
G   "C4'" "C3'"  sing N N 156 
G   "C4'" "H4'"  sing N N 157 
G   "O4'" "C1'"  sing N N 158 
G   "C3'" "O3'"  sing N N 159 
G   "C3'" "C2'"  sing N N 160 
G   "C3'" "H3'"  sing N N 161 
G   "O3'" "HO3'" sing N N 162 
G   "C2'" "O2'"  sing N N 163 
G   "C2'" "C1'"  sing N N 164 
G   "C2'" "H2'"  sing N N 165 
G   "O2'" "HO2'" sing N N 166 
G   "C1'" N9     sing N N 167 
G   "C1'" "H1'"  sing N N 168 
G   N9    C8     sing Y N 169 
G   N9    C4     sing Y N 170 
G   C8    N7     doub Y N 171 
G   C8    H8     sing N N 172 
G   N7    C5     sing Y N 173 
G   C5    C6     sing N N 174 
G   C5    C4     doub Y N 175 
G   C6    O6     doub N N 176 
G   C6    N1     sing N N 177 
G   N1    C2     sing N N 178 
G   N1    H1     sing N N 179 
G   C2    N2     sing N N 180 
G   C2    N3     doub N N 181 
G   N2    H21    sing N N 182 
G   N2    H22    sing N N 183 
G   N3    C4     sing N N 184 
GLN N     CA     sing N N 185 
GLN N     H      sing N N 186 
GLN N     H2     sing N N 187 
GLN CA    C      sing N N 188 
GLN CA    CB     sing N N 189 
GLN CA    HA     sing N N 190 
GLN C     O      doub N N 191 
GLN C     OXT    sing N N 192 
GLN CB    CG     sing N N 193 
GLN CB    HB2    sing N N 194 
GLN CB    HB3    sing N N 195 
GLN CG    CD     sing N N 196 
GLN CG    HG2    sing N N 197 
GLN CG    HG3    sing N N 198 
GLN CD    OE1    doub N N 199 
GLN CD    NE2    sing N N 200 
GLN NE2   HE21   sing N N 201 
GLN NE2   HE22   sing N N 202 
GLN OXT   HXT    sing N N 203 
GLU N     CA     sing N N 204 
GLU N     H      sing N N 205 
GLU N     H2     sing N N 206 
GLU CA    C      sing N N 207 
GLU CA    CB     sing N N 208 
GLU CA    HA     sing N N 209 
GLU C     O      doub N N 210 
GLU C     OXT    sing N N 211 
GLU CB    CG     sing N N 212 
GLU CB    HB2    sing N N 213 
GLU CB    HB3    sing N N 214 
GLU CG    CD     sing N N 215 
GLU CG    HG2    sing N N 216 
GLU CG    HG3    sing N N 217 
GLU CD    OE1    doub N N 218 
GLU CD    OE2    sing N N 219 
GLU OE2   HE2    sing N N 220 
GLU OXT   HXT    sing N N 221 
GLY N     CA     sing N N 222 
GLY N     H      sing N N 223 
GLY N     H2     sing N N 224 
GLY CA    C      sing N N 225 
GLY CA    HA2    sing N N 226 
GLY CA    HA3    sing N N 227 
GLY C     O      doub N N 228 
GLY C     OXT    sing N N 229 
GLY OXT   HXT    sing N N 230 
HIS N     CA     sing N N 231 
HIS N     H      sing N N 232 
HIS N     H2     sing N N 233 
HIS CA    C      sing N N 234 
HIS CA    CB     sing N N 235 
HIS CA    HA     sing N N 236 
HIS C     O      doub N N 237 
HIS C     OXT    sing N N 238 
HIS CB    CG     sing N N 239 
HIS CB    HB2    sing N N 240 
HIS CB    HB3    sing N N 241 
HIS CG    ND1    sing Y N 242 
HIS CG    CD2    doub Y N 243 
HIS ND1   CE1    doub Y N 244 
HIS ND1   HD1    sing N N 245 
HIS CD2   NE2    sing Y N 246 
HIS CD2   HD2    sing N N 247 
HIS CE1   NE2    sing Y N 248 
HIS CE1   HE1    sing N N 249 
HIS NE2   HE2    sing N N 250 
HIS OXT   HXT    sing N N 251 
ILE N     CA     sing N N 252 
ILE N     H      sing N N 253 
ILE N     H2     sing N N 254 
ILE CA    C      sing N N 255 
ILE CA    CB     sing N N 256 
ILE CA    HA     sing N N 257 
ILE C     O      doub N N 258 
ILE C     OXT    sing N N 259 
ILE CB    CG1    sing N N 260 
ILE CB    CG2    sing N N 261 
ILE CB    HB     sing N N 262 
ILE CG1   CD1    sing N N 263 
ILE CG1   HG12   sing N N 264 
ILE CG1   HG13   sing N N 265 
ILE CG2   HG21   sing N N 266 
ILE CG2   HG22   sing N N 267 
ILE CG2   HG23   sing N N 268 
ILE CD1   HD11   sing N N 269 
ILE CD1   HD12   sing N N 270 
ILE CD1   HD13   sing N N 271 
ILE OXT   HXT    sing N N 272 
LEU N     CA     sing N N 273 
LEU N     H      sing N N 274 
LEU N     H2     sing N N 275 
LEU CA    C      sing N N 276 
LEU CA    CB     sing N N 277 
LEU CA    HA     sing N N 278 
LEU C     O      doub N N 279 
LEU C     OXT    sing N N 280 
LEU CB    CG     sing N N 281 
LEU CB    HB2    sing N N 282 
LEU CB    HB3    sing N N 283 
LEU CG    CD1    sing N N 284 
LEU CG    CD2    sing N N 285 
LEU CG    HG     sing N N 286 
LEU CD1   HD11   sing N N 287 
LEU CD1   HD12   sing N N 288 
LEU CD1   HD13   sing N N 289 
LEU CD2   HD21   sing N N 290 
LEU CD2   HD22   sing N N 291 
LEU CD2   HD23   sing N N 292 
LEU OXT   HXT    sing N N 293 
LYS N     CA     sing N N 294 
LYS N     H      sing N N 295 
LYS N     H2     sing N N 296 
LYS CA    C      sing N N 297 
LYS CA    CB     sing N N 298 
LYS CA    HA     sing N N 299 
LYS C     O      doub N N 300 
LYS C     OXT    sing N N 301 
LYS CB    CG     sing N N 302 
LYS CB    HB2    sing N N 303 
LYS CB    HB3    sing N N 304 
LYS CG    CD     sing N N 305 
LYS CG    HG2    sing N N 306 
LYS CG    HG3    sing N N 307 
LYS CD    CE     sing N N 308 
LYS CD    HD2    sing N N 309 
LYS CD    HD3    sing N N 310 
LYS CE    NZ     sing N N 311 
LYS CE    HE2    sing N N 312 
LYS CE    HE3    sing N N 313 
LYS NZ    HZ1    sing N N 314 
LYS NZ    HZ2    sing N N 315 
LYS NZ    HZ3    sing N N 316 
LYS OXT   HXT    sing N N 317 
MET N     CA     sing N N 318 
MET N     H      sing N N 319 
MET N     H2     sing N N 320 
MET CA    C      sing N N 321 
MET CA    CB     sing N N 322 
MET CA    HA     sing N N 323 
MET C     O      doub N N 324 
MET C     OXT    sing N N 325 
MET CB    CG     sing N N 326 
MET CB    HB2    sing N N 327 
MET CB    HB3    sing N N 328 
MET CG    SD     sing N N 329 
MET CG    HG2    sing N N 330 
MET CG    HG3    sing N N 331 
MET SD    CE     sing N N 332 
MET CE    HE1    sing N N 333 
MET CE    HE2    sing N N 334 
MET CE    HE3    sing N N 335 
MET OXT   HXT    sing N N 336 
PHE N     CA     sing N N 337 
PHE N     H      sing N N 338 
PHE N     H2     sing N N 339 
PHE CA    C      sing N N 340 
PHE CA    CB     sing N N 341 
PHE CA    HA     sing N N 342 
PHE C     O      doub N N 343 
PHE C     OXT    sing N N 344 
PHE CB    CG     sing N N 345 
PHE CB    HB2    sing N N 346 
PHE CB    HB3    sing N N 347 
PHE CG    CD1    doub Y N 348 
PHE CG    CD2    sing Y N 349 
PHE CD1   CE1    sing Y N 350 
PHE CD1   HD1    sing N N 351 
PHE CD2   CE2    doub Y N 352 
PHE CD2   HD2    sing N N 353 
PHE CE1   CZ     doub Y N 354 
PHE CE1   HE1    sing N N 355 
PHE CE2   CZ     sing Y N 356 
PHE CE2   HE2    sing N N 357 
PHE CZ    HZ     sing N N 358 
PHE OXT   HXT    sing N N 359 
PRO N     CA     sing N N 360 
PRO N     CD     sing N N 361 
PRO N     H      sing N N 362 
PRO CA    C      sing N N 363 
PRO CA    CB     sing N N 364 
PRO CA    HA     sing N N 365 
PRO C     O      doub N N 366 
PRO C     OXT    sing N N 367 
PRO CB    CG     sing N N 368 
PRO CB    HB2    sing N N 369 
PRO CB    HB3    sing N N 370 
PRO CG    CD     sing N N 371 
PRO CG    HG2    sing N N 372 
PRO CG    HG3    sing N N 373 
PRO CD    HD2    sing N N 374 
PRO CD    HD3    sing N N 375 
PRO OXT   HXT    sing N N 376 
SER N     CA     sing N N 377 
SER N     H      sing N N 378 
SER N     H2     sing N N 379 
SER CA    C      sing N N 380 
SER CA    CB     sing N N 381 
SER CA    HA     sing N N 382 
SER C     O      doub N N 383 
SER C     OXT    sing N N 384 
SER CB    OG     sing N N 385 
SER CB    HB2    sing N N 386 
SER CB    HB3    sing N N 387 
SER OG    HG     sing N N 388 
SER OXT   HXT    sing N N 389 
THR N     CA     sing N N 390 
THR N     H      sing N N 391 
THR N     H2     sing N N 392 
THR CA    C      sing N N 393 
THR CA    CB     sing N N 394 
THR CA    HA     sing N N 395 
THR C     O      doub N N 396 
THR C     OXT    sing N N 397 
THR CB    OG1    sing N N 398 
THR CB    CG2    sing N N 399 
THR CB    HB     sing N N 400 
THR OG1   HG1    sing N N 401 
THR CG2   HG21   sing N N 402 
THR CG2   HG22   sing N N 403 
THR CG2   HG23   sing N N 404 
THR OXT   HXT    sing N N 405 
TRP N     CA     sing N N 406 
TRP N     H      sing N N 407 
TRP N     H2     sing N N 408 
TRP CA    C      sing N N 409 
TRP CA    CB     sing N N 410 
TRP CA    HA     sing N N 411 
TRP C     O      doub N N 412 
TRP C     OXT    sing N N 413 
TRP CB    CG     sing N N 414 
TRP CB    HB2    sing N N 415 
TRP CB    HB3    sing N N 416 
TRP CG    CD1    doub Y N 417 
TRP CG    CD2    sing Y N 418 
TRP CD1   NE1    sing Y N 419 
TRP CD1   HD1    sing N N 420 
TRP CD2   CE2    doub Y N 421 
TRP CD2   CE3    sing Y N 422 
TRP NE1   CE2    sing Y N 423 
TRP NE1   HE1    sing N N 424 
TRP CE2   CZ2    sing Y N 425 
TRP CE3   CZ3    doub Y N 426 
TRP CE3   HE3    sing N N 427 
TRP CZ2   CH2    doub Y N 428 
TRP CZ2   HZ2    sing N N 429 
TRP CZ3   CH2    sing Y N 430 
TRP CZ3   HZ3    sing N N 431 
TRP CH2   HH2    sing N N 432 
TRP OXT   HXT    sing N N 433 
TYR N     CA     sing N N 434 
TYR N     H      sing N N 435 
TYR N     H2     sing N N 436 
TYR CA    C      sing N N 437 
TYR CA    CB     sing N N 438 
TYR CA    HA     sing N N 439 
TYR C     O      doub N N 440 
TYR C     OXT    sing N N 441 
TYR CB    CG     sing N N 442 
TYR CB    HB2    sing N N 443 
TYR CB    HB3    sing N N 444 
TYR CG    CD1    doub Y N 445 
TYR CG    CD2    sing Y N 446 
TYR CD1   CE1    sing Y N 447 
TYR CD1   HD1    sing N N 448 
TYR CD2   CE2    doub Y N 449 
TYR CD2   HD2    sing N N 450 
TYR CE1   CZ     doub Y N 451 
TYR CE1   HE1    sing N N 452 
TYR CE2   CZ     sing Y N 453 
TYR CE2   HE2    sing N N 454 
TYR CZ    OH     sing N N 455 
TYR OH    HH     sing N N 456 
TYR OXT   HXT    sing N N 457 
U   OP3   P      sing N N 458 
U   OP3   HOP3   sing N N 459 
U   P     OP1    doub N N 460 
U   P     OP2    sing N N 461 
U   P     "O5'"  sing N N 462 
U   OP2   HOP2   sing N N 463 
U   "O5'" "C5'"  sing N N 464 
U   "C5'" "C4'"  sing N N 465 
U   "C5'" "H5'"  sing N N 466 
U   "C5'" "H5''" sing N N 467 
U   "C4'" "O4'"  sing N N 468 
U   "C4'" "C3'"  sing N N 469 
U   "C4'" "H4'"  sing N N 470 
U   "O4'" "C1'"  sing N N 471 
U   "C3'" "O3'"  sing N N 472 
U   "C3'" "C2'"  sing N N 473 
U   "C3'" "H3'"  sing N N 474 
U   "O3'" "HO3'" sing N N 475 
U   "C2'" "O2'"  sing N N 476 
U   "C2'" "C1'"  sing N N 477 
U   "C2'" "H2'"  sing N N 478 
U   "O2'" "HO2'" sing N N 479 
U   "C1'" N1     sing N N 480 
U   "C1'" "H1'"  sing N N 481 
U   N1    C2     sing N N 482 
U   N1    C6     sing N N 483 
U   C2    O2     doub N N 484 
U   C2    N3     sing N N 485 
U   N3    C4     sing N N 486 
U   N3    H3     sing N N 487 
U   C4    O4     doub N N 488 
U   C4    C5     sing N N 489 
U   C5    C6     doub N N 490 
U   C5    H5     sing N N 491 
U   C6    H6     sing N N 492 
VAL N     CA     sing N N 493 
VAL N     H      sing N N 494 
VAL N     H2     sing N N 495 
VAL CA    C      sing N N 496 
VAL CA    CB     sing N N 497 
VAL CA    HA     sing N N 498 
VAL C     O      doub N N 499 
VAL C     OXT    sing N N 500 
VAL CB    CG1    sing N N 501 
VAL CB    CG2    sing N N 502 
VAL CB    HB     sing N N 503 
VAL CG1   HG11   sing N N 504 
VAL CG1   HG12   sing N N 505 
VAL CG1   HG13   sing N N 506 
VAL CG2   HG21   sing N N 507 
VAL CG2   HG22   sing N N 508 
VAL CG2   HG23   sing N N 509 
VAL OXT   HXT    sing N N 510 
# 
_em_ctf_correction.id        1 
_em_ctf_correction.details   'PHASE FLIPPING' 
_em_ctf_correction.type      ? 
# 
_em_image_processing.id                   1 
_em_image_processing.image_recording_id   1 
_em_image_processing.details              ? 
# 
_em_image_recording.details                       ? 
_em_image_recording.id                            1 
_em_image_recording.avg_electron_dose_per_image   10 
_em_image_recording.film_or_detector_model        'KODAK SO-163 FILM' 
_em_image_recording.imaging_id                    1 
_em_image_recording.detector_mode                 ? 
_em_image_recording.average_exposure_time         ? 
_em_image_recording.num_diffraction_images        ? 
_em_image_recording.num_grids_imaged              ? 
_em_image_recording.num_real_images               ? 
# 
loop_
_em_software.id 
_em_software.name 
_em_software.version 
_em_software.category 
_em_software.details 
_em_software.image_processing_id 
_em_software.imaging_id 
_em_software.fitting_id 
1 NOMAD  ? 'MODEL FITTING' ? ? ? 1 
2 SPIDER ? RECONSTRUCTION  ? 1 ? ? 
# 
_em_specimen.experiment_id           1 
_em_specimen.id                      1 
_em_specimen.concentration           ? 
_em_specimen.vitrification_applied   YES 
_em_specimen.staining_applied        NO 
_em_specimen.embedding_applied       NO 
_em_specimen.shadowing_applied       NO 
_em_specimen.details                 ? 
# 
loop_
_pdbx_coordinate_model.asym_id 
_pdbx_coordinate_model.type 
A 'CA ATOMS ONLY' 
B 'P ATOMS ONLY'  
C 'CA ATOMS ONLY' 
# 
loop_
_pdbx_initial_refinement_model.id 
_pdbx_initial_refinement_model.type 
_pdbx_initial_refinement_model.source_name 
_pdbx_initial_refinement_model.accession_code 
1 'experimental model' PDB 1JPN 
2 'experimental model' PDB 1QZW 
# 
_atom_sites.entry_id                    2IY3 
_atom_sites.fract_transf_matrix[1][1]   1.000000 
_atom_sites.fract_transf_matrix[1][2]   0.000000 
_atom_sites.fract_transf_matrix[1][3]   0.000000 
_atom_sites.fract_transf_matrix[2][1]   0.000000 
_atom_sites.fract_transf_matrix[2][2]   1.000000 
_atom_sites.fract_transf_matrix[2][3]   0.000000 
_atom_sites.fract_transf_matrix[3][1]   0.000000 
_atom_sites.fract_transf_matrix[3][2]   0.000000 
_atom_sites.fract_transf_matrix[3][3]   1.000000 
_atom_sites.fract_transf_vector[1]      0.00000 
_atom_sites.fract_transf_vector[2]      0.00000 
_atom_sites.fract_transf_vector[3]      0.00000 
# 
loop_
_atom_type.symbol 
C 
P 
# 
loop_
_atom_site.group_PDB 
_atom_site.id 
_atom_site.type_symbol 
_atom_site.label_atom_id 
_atom_site.label_alt_id 
_atom_site.label_comp_id 
_atom_site.label_asym_id 
_atom_site.label_entity_id 
_atom_site.label_seq_id 
_atom_site.pdbx_PDB_ins_code 
_atom_site.Cartn_x 
_atom_site.Cartn_y 
_atom_site.Cartn_z 
_atom_site.occupancy 
_atom_site.B_iso_or_equiv 
_atom_site.pdbx_formal_charge 
_atom_site.auth_seq_id 
_atom_site.auth_comp_id 
_atom_site.auth_asym_id 
_atom_site.auth_atom_id 
_atom_site.pdbx_PDB_model_num 
ATOM 1   C CA . MET A 1 1   ? 9.622   -13.843 -1.867  1.00 29.58 ? 1   MET A CA 1 
ATOM 2   C CA . PHE A 1 2   ? 9.249   -17.485 -0.805  1.00 27.24 ? 2   PHE A CA 1 
ATOM 3   C CA . GLN A 1 3   ? 12.996  -18.631 0.009   1.00 24.15 ? 3   GLN A CA 1 
ATOM 4   C CA . GLN A 1 4   ? 12.192  -19.628 3.517   1.00 25.12 ? 4   GLN A CA 1 
ATOM 5   C CA . LEU A 1 5   ? 9.271   -21.537 1.944   1.00 18.72 ? 5   LEU A CA 1 
ATOM 6   C CA . SER A 1 6   ? 11.368  -22.709 -1.078  1.00 19.78 ? 6   SER A CA 1 
ATOM 7   C CA . ALA A 1 7   ? 14.315  -23.761 1.113   1.00 16.68 ? 7   ALA A CA 1 
ATOM 8   C CA . ARG A 1 8   ? 11.909  -25.653 3.381   1.00 17.11 ? 8   ARG A CA 1 
ATOM 9   C CA . LEU A 1 9   ? 9.991   -27.407 0.566   1.00 13.07 ? 9   LEU A CA 1 
ATOM 10  C CA . GLN A 1 10  ? 13.221  -28.447 -1.210  1.00 16.51 ? 10  GLN A CA 1 
ATOM 11  C CA . GLU A 1 11  ? 14.679  -29.720 2.099   1.00 16.51 ? 11  GLU A CA 1 
ATOM 12  C CA . ALA A 1 12  ? 11.501  -31.776 2.716   1.00 17.11 ? 12  ALA A CA 1 
ATOM 13  C CA . ILE A 1 13  ? 11.720  -33.376 -0.748  1.00 18.29 ? 13  ILE A CA 1 
ATOM 14  C CA . GLY A 1 14  ? 15.504  -33.781 -0.364  1.00 19.64 ? 14  GLY A CA 1 
ATOM 15  C CA . ARG A 1 15  ? 15.103  -35.832 2.841   1.00 20.81 ? 15  ARG A CA 1 
ATOM 16  C CA . LEU A 1 16  ? 13.472  -38.623 0.791   1.00 20.55 ? 16  LEU A CA 1 
ATOM 17  C CA . ARG A 1 17  ? 16.460  -39.032 -1.591  1.00 24.64 ? 17  ARG A CA 1 
ATOM 18  C CA . GLY A 1 18  ? 18.928  -41.938 -1.405  1.00 30.85 ? 18  GLY A CA 1 
ATOM 19  C CA . ARG A 1 19  ? 16.725  -44.064 0.868   1.00 33.93 ? 19  ARG A CA 1 
ATOM 20  C CA . GLY A 1 20  ? 15.051  -46.374 -1.663  1.00 25.71 ? 20  GLY A CA 1 
ATOM 21  C CA . ARG A 1 21  ? 11.319  -47.086 -1.280  1.00 18.20 ? 21  ARG A CA 1 
ATOM 22  C CA . ILE A 1 22  ? 9.517   -45.280 1.532   1.00 15.17 ? 22  ILE A CA 1 
ATOM 23  C CA . THR A 1 23  ? 6.857   -46.453 4.005   1.00 16.79 ? 23  THR A CA 1 
ATOM 24  C CA . GLU A 1 24  ? 3.417   -44.932 4.800   1.00 26.51 ? 24  GLU A CA 1 
ATOM 25  C CA . GLU A 1 25  ? 4.998   -43.363 7.915   1.00 24.44 ? 25  GLU A CA 1 
ATOM 26  C CA . ASP A 1 26  ? 7.758   -41.675 5.872   1.00 18.47 ? 26  ASP A CA 1 
ATOM 27  C CA . LEU A 1 27  ? 5.078   -40.194 3.562   1.00 17.55 ? 27  LEU A CA 1 
ATOM 28  C CA . LYS A 1 28  ? 3.049   -38.882 6.547   1.00 17.03 ? 28  LYS A CA 1 
ATOM 29  C CA . ALA A 1 29  ? 6.241   -37.282 7.909   1.00 14.42 ? 29  ALA A CA 1 
ATOM 30  C CA . THR A 1 30  ? 6.956   -35.519 4.578   1.00 14.85 ? 30  THR A CA 1 
ATOM 31  C CA . LEU A 1 31  ? 3.320   -34.315 4.321   1.00 13.64 ? 31  LEU A CA 1 
ATOM 32  C CA . ARG A 1 32  ? 3.515   -32.852 7.858   1.00 17.52 ? 32  ARG A CA 1 
ATOM 33  C CA . GLU A 1 33  ? 6.813   -31.096 6.975   1.00 14.06 ? 33  GLU A CA 1 
ATOM 34  C CA . ILE A 1 34  ? 5.173   -29.579 3.852   1.00 16.10 ? 34  ILE A CA 1 
ATOM 35  C CA . ARG A 1 35  ? 2.204   -28.330 5.958   1.00 17.40 ? 35  ARG A CA 1 
ATOM 36  C CA . ARG A 1 36  ? 4.561   -26.772 8.525   1.00 22.75 ? 36  ARG A CA 1 
ATOM 37  C CA . ALA A 1 37  ? 6.607   -25.157 5.717   1.00 13.76 ? 37  ALA A CA 1 
ATOM 38  C CA . LEU A 1 38  ? 3.476   -23.532 4.289   1.00 17.24 ? 38  LEU A CA 1 
ATOM 39  C CA . MET A 1 39  ? 2.069   -22.419 7.665   1.00 20.11 ? 39  MET A CA 1 
ATOM 40  C CA . ASP A 1 40  ? 5.481   -20.909 8.535   1.00 22.96 ? 40  ASP A CA 1 
ATOM 41  C CA . ALA A 1 41  ? 5.252   -19.094 5.206   1.00 22.93 ? 41  ALA A CA 1 
ATOM 42  C CA . ASP A 1 42  ? 2.092   -17.319 6.541   1.00 27.41 ? 42  ASP A CA 1 
ATOM 43  C CA . VAL A 1 43  ? -0.439  -19.668 4.823   1.00 17.61 ? 43  VAL A CA 1 
ATOM 44  C CA . ASN A 1 44  ? -3.701  -20.218 6.797   1.00 25.39 ? 44  ASN A CA 1 
ATOM 45  C CA . LEU A 1 45  ? -4.589  -23.632 8.329   1.00 18.57 ? 45  LEU A CA 1 
ATOM 46  C CA . GLU A 1 46  ? -7.385  -24.478 5.821   1.00 19.36 ? 46  GLU A CA 1 
ATOM 47  C CA . VAL A 1 47  ? -5.337  -23.573 2.693   1.00 15.74 ? 47  VAL A CA 1 
ATOM 48  C CA . ALA A 1 48  ? -2.289  -25.504 4.015   1.00 11.88 ? 48  ALA A CA 1 
ATOM 49  C CA . ARG A 1 49  ? -4.431  -28.565 4.862   1.00 13.95 ? 49  ARG A CA 1 
ATOM 50  C CA . ASP A 1 50  ? -6.143  -28.495 1.434   1.00 15.87 ? 50  ASP A CA 1 
ATOM 51  C CA . PHE A 1 51  ? -2.700  -28.283 -0.240  1.00 12.21 ? 51  PHE A CA 1 
ATOM 52  C CA . VAL A 1 52  ? -1.299  -31.280 1.687   1.00 16.17 ? 52  VAL A CA 1 
ATOM 53  C CA . GLU A 1 53  ? -4.490  -33.255 0.952   1.00 16.67 ? 53  GLU A CA 1 
ATOM 54  C CA . ARG A 1 54  ? -4.029  -32.513 -2.791  1.00 15.62 ? 54  ARG A CA 1 
ATOM 55  C CA . VAL A 1 55  ? -0.350  -33.627 -2.619  1.00 11.70 ? 55  VAL A CA 1 
ATOM 56  C CA . ARG A 1 56  ? -1.348  -36.831 -0.717  1.00 15.04 ? 56  ARG A CA 1 
ATOM 57  C CA . GLU A 1 57  ? -4.119  -37.747 -3.226  1.00 15.93 ? 57  GLU A CA 1 
ATOM 58  C CA . GLU A 1 58  ? -1.892  -37.128 -6.268  1.00 17.23 ? 58  GLU A CA 1 
ATOM 59  C CA . ALA A 1 59  ? 1.180   -38.807 -4.712  1.00 10.16 ? 59  ALA A CA 1 
ATOM 60  C CA . LEU A 1 60  ? -0.770  -41.979 -3.867  1.00 16.33 ? 60  LEU A CA 1 
ATOM 61  C CA . GLY A 1 61  ? -2.295  -41.918 -7.357  1.00 15.30 ? 61  GLY A CA 1 
ATOM 62  C CA . LYS A 1 62  ? 1.228   -41.888 -8.817  1.00 19.29 ? 62  LYS A CA 1 
ATOM 63  C CA . GLN A 1 63  ? 2.298   -44.859 -6.605  1.00 17.79 ? 63  GLN A CA 1 
ATOM 64  C CA . VAL A 1 64  ? 4.754   -42.898 -4.342  1.00 12.62 ? 64  VAL A CA 1 
ATOM 65  C CA . LEU A 1 65  ? 5.166   -45.829 -1.914  1.00 13.26 ? 65  LEU A CA 1 
ATOM 66  C CA . GLU A 1 66  ? 6.148   -48.146 -4.805  1.00 13.89 ? 66  GLU A CA 1 
ATOM 67  C CA . SER A 1 67  ? 8.538   -45.667 -6.513  1.00 14.28 ? 67  SER A CA 1 
ATOM 68  C CA . LEU A 1 68  ? 12.343  -46.134 -6.366  1.00 14.59 ? 68  LEU A CA 1 
ATOM 69  C CA . THR A 1 69  ? 12.681  -42.331 -6.346  1.00 14.94 ? 69  THR A CA 1 
ATOM 70  C CA . PRO A 1 70  ? 9.758   -41.098 -4.087  1.00 13.93 ? 70  PRO A CA 1 
ATOM 71  C CA . ALA A 1 71  ? 11.346  -37.633 -3.846  1.00 9.78  ? 71  ALA A CA 1 
ATOM 72  C CA . GLU A 1 72  ? 10.689  -37.075 -7.559  1.00 11.01 ? 72  GLU A CA 1 
ATOM 73  C CA . VAL A 1 73  ? 7.010   -38.047 -7.174  1.00 12.49 ? 73  VAL A CA 1 
ATOM 74  C CA . ILE A 1 74  ? 6.690   -35.647 -4.203  1.00 13.43 ? 74  ILE A CA 1 
ATOM 75  C CA . LEU A 1 75  ? 8.415   -32.867 -6.260  1.00 11.85 ? 75  LEU A CA 1 
ATOM 76  C CA . ALA A 1 76  ? 6.006   -33.412 -9.189  1.00 12.80 ? 76  ALA A CA 1 
ATOM 77  C CA . THR A 1 77  ? 2.947   -33.371 -6.889  1.00 14.20 ? 77  THR A CA 1 
ATOM 78  C CA . VAL A 1 78  ? 4.042   -30.345 -4.783  1.00 13.12 ? 78  VAL A CA 1 
ATOM 79  C CA . TYR A 1 79  ? 4.816   -28.563 -8.104  1.00 15.80 ? 79  TYR A CA 1 
ATOM 80  C CA . GLU A 1 80  ? 1.298   -29.361 -9.437  1.00 15.51 ? 80  GLU A CA 1 
ATOM 81  C CA . ALA A 1 81  ? -0.360  -28.264 -6.171  1.00 13.71 ? 81  ALA A CA 1 
ATOM 82  C CA . LEU A 1 82  ? 1.771   -25.053 -6.112  1.00 13.71 ? 82  LEU A CA 1 
ATOM 83  C CA . LYS A 1 83  ? 0.804   -24.188 -9.724  1.00 19.07 ? 83  LYS A CA 1 
ATOM 84  C CA . GLU A 1 84  ? -2.881  -24.855 -8.935  1.00 17.37 ? 84  GLU A CA 1 
ATOM 85  C CA . ALA A 1 85  ? -2.794  -22.747 -5.728  1.00 14.60 ? 85  ALA A CA 1 
ATOM 86  C CA . LEU A 1 86  ? -1.284  -19.798 -7.646  1.00 18.62 ? 86  LEU A CA 1 
ATOM 87  C CA . GLY A 1 87  ? -3.916  -19.816 -10.424 1.00 18.66 ? 87  GLY A CA 1 
ATOM 88  C CA . GLY A 1 88  ? -3.098  -22.852 -12.558 1.00 19.79 ? 88  GLY A CA 1 
ATOM 89  C CA . GLU A 1 89  ? -3.242  -21.560 -16.120 1.00 23.32 ? 89  GLU A CA 1 
ATOM 90  C CA . ALA A 1 90  ? -1.903  -18.042 -16.767 1.00 20.11 ? 90  ALA A CA 1 
ATOM 91  C CA . ARG A 1 91  ? -4.537  -15.358 -17.194 1.00 22.97 ? 91  ARG A CA 1 
ATOM 92  C CA . LEU A 1 92  ? -4.531  -11.849 -18.690 1.00 24.20 ? 92  LEU A CA 1 
ATOM 93  C CA . PRO A 1 93  ? -7.463  -9.342  -18.880 1.00 23.01 ? 93  PRO A CA 1 
ATOM 94  C CA . VAL A 1 94  ? -9.769  -9.578  -21.904 1.00 27.82 ? 94  VAL A CA 1 
ATOM 95  C CA . LEU A 1 95  ? -8.902  -7.028  -24.589 1.00 24.27 ? 95  LEU A CA 1 
ATOM 96  C CA . LYS A 1 96  ? -11.870 -5.971  -26.705 1.00 29.79 ? 96  LYS A CA 1 
ATOM 97  C CA . ASP A 1 97  ? -12.892 -2.899  -28.812 1.00 40.36 ? 97  ASP A CA 1 
ATOM 98  C CA . ARG A 1 98  ? -12.915 -0.327  -25.973 1.00 34.87 ? 98  ARG A CA 1 
ATOM 99  C CA . ASN A 1 99  ? -11.164 -0.998  -22.646 1.00 17.91 ? 99  ASN A CA 1 
ATOM 100 C CA . LEU A 1 100 ? -11.564 1.183   -19.516 1.00 12.24 ? 100 LEU A CA 1 
ATOM 101 C CA . TRP A 1 101 ? -9.772  -0.309  -16.493 1.00 12.55 ? 101 TRP A CA 1 
ATOM 102 C CA . PHE A 1 102 ? -9.561  0.807   -12.867 1.00 12.01 ? 102 PHE A CA 1 
ATOM 103 C CA . LEU A 1 103 ? -6.398  0.508   -10.806 1.00 13.58 ? 103 LEU A CA 1 
ATOM 104 C CA . VAL A 1 104 ? -7.364  0.383   -7.141  1.00 11.39 ? 104 VAL A CA 1 
ATOM 105 C CA . GLY A 1 105 ? -5.249  -0.117  -4.023  1.00 13.22 ? 105 GLY A CA 1 
ATOM 106 C CA . LEU A 1 106 ? -3.611  1.486   -0.994  1.00 15.14 ? 106 LEU A CA 1 
ATOM 107 C CA . GLN A 1 107 ? -0.618  3.902   -0.988  1.00 22.89 ? 107 GLN A CA 1 
ATOM 108 C CA . GLY A 1 108 ? 2.748   2.170   -1.235  1.00 21.19 ? 108 GLY A CA 1 
ATOM 109 C CA . SER A 1 109 ? 1.160   -0.838  -2.970  1.00 18.85 ? 109 SER A CA 1 
ATOM 110 C CA . GLY A 1 110 ? 2.927   0.278   -6.143  1.00 17.82 ? 110 GLY A CA 1 
ATOM 111 C CA . LYS A 1 111 ? -0.378  1.260   -7.819  1.00 13.11 ? 111 LYS A CA 1 
ATOM 112 C CA . THR A 1 112 ? 0.755   4.407   -9.673  1.00 13.94 ? 112 THR A CA 1 
ATOM 113 C CA . THR A 1 113 ? 4.004   2.752   -10.867 1.00 16.37 ? 113 THR A CA 1 
ATOM 114 C CA . THR A 1 114 ? 2.044   -0.348  -12.031 1.00 13.63 ? 114 THR A CA 1 
ATOM 115 C CA . ALA A 1 115 ? -0.357  1.923   -13.985 1.00 10.86 ? 115 ALA A CA 1 
ATOM 116 C CA . ALA A 1 116 ? 2.572   3.319   -16.008 1.00 12.11 ? 116 ALA A CA 1 
ATOM 117 C CA . LYS A 1 117 ? 4.200   -0.125  -16.369 1.00 13.26 ? 117 LYS A CA 1 
ATOM 118 C CA . LEU A 1 118 ? 0.882   -1.579  -17.624 1.00 12.21 ? 118 LEU A CA 1 
ATOM 119 C CA . ALA A 1 119 ? 0.630   1.259   -20.132 1.00 11.16 ? 119 ALA A CA 1 
ATOM 120 C CA . LEU A 1 120 ? 4.139   0.560   -21.472 1.00 13.68 ? 120 LEU A CA 1 
ATOM 121 C CA . TYR A 1 121 ? 3.549   -3.235  -21.592 1.00 13.30 ? 121 TYR A CA 1 
ATOM 122 C CA . TYR A 1 122 ? 0.370   -2.800  -23.639 1.00 13.63 ? 122 TYR A CA 1 
ATOM 123 C CA . LYS A 1 123 ? 1.812   -0.003  -25.835 1.00 12.36 ? 123 LYS A CA 1 
ATOM 124 C CA . GLY A 1 124 ? 4.510   -2.504  -26.796 1.00 18.94 ? 124 GLY A CA 1 
ATOM 125 C CA . LYS A 1 125 ? 1.744   -5.004  -27.637 1.00 20.81 ? 125 LYS A CA 1 
ATOM 126 C CA . GLY A 1 126 ? 0.331   -2.560  -30.195 1.00 20.99 ? 126 GLY A CA 1 
ATOM 127 C CA . ARG A 1 127 ? -2.304  -0.866  -28.015 1.00 18.44 ? 127 ARG A CA 1 
ATOM 128 C CA . ARG A 1 128 ? -2.851  2.888   -27.675 1.00 15.30 ? 128 ARG A CA 1 
ATOM 129 C CA . PRO A 1 129 ? -3.158  3.529   -23.900 1.00 10.75 ? 129 PRO A CA 1 
ATOM 130 C CA . LEU A 1 130 ? -4.287  6.528   -21.839 1.00 10.78 ? 130 LEU A CA 1 
ATOM 131 C CA . LEU A 1 131 ? -3.272  7.063   -18.222 1.00 11.06 ? 131 LEU A CA 1 
ATOM 132 C CA . VAL A 1 132 ? -5.844  8.839   -16.064 1.00 8.31  ? 132 VAL A CA 1 
ATOM 133 C CA . ALA A 1 133 ? -4.701  10.396  -12.789 1.00 6.65  ? 133 ALA A CA 1 
ATOM 134 C CA . ALA A 1 134 ? -8.005  10.190  -10.902 1.00 9.11  ? 134 ALA A CA 1 
ATOM 135 C CA . ASP A 1 135 ? -6.975  11.627  -7.492  1.00 10.56 ? 135 ASP A CA 1 
ATOM 136 C CA . THR A 1 136 ? -9.391  14.590  -7.135  1.00 13.49 ? 136 THR A CA 1 
ATOM 137 C CA . GLN A 1 137 ? -7.800  15.657  -3.808  1.00 13.31 ? 137 GLN A CA 1 
ATOM 138 C CA . ARG A 1 138 ? -3.994  15.369  -4.150  1.00 11.16 ? 138 ARG A CA 1 
ATOM 139 C CA . PRO A 1 139 ? -2.194  17.299  -6.998  1.00 13.82 ? 139 PRO A CA 1 
ATOM 140 C CA . ALA A 1 140 ? 1.106   15.582  -6.093  1.00 11.43 ? 140 ALA A CA 1 
ATOM 141 C CA . ALA A 1 141 ? -0.366  12.130  -6.827  1.00 11.75 ? 141 ALA A CA 1 
ATOM 142 C CA . ARG A 1 142 ? -1.542  13.361  -10.243 1.00 11.42 ? 142 ARG A CA 1 
ATOM 143 C CA . GLU A 1 143 ? 1.804   14.958  -11.124 1.00 11.77 ? 143 GLU A CA 1 
ATOM 144 C CA . GLN A 1 144 ? 3.610   11.699  -10.231 1.00 14.08 ? 144 GLN A CA 1 
ATOM 145 C CA . LEU A 1 145 ? 1.683   9.810   -12.951 1.00 9.79  ? 145 LEU A CA 1 
ATOM 146 C CA . ARG A 1 146 ? 2.265   12.666  -15.458 1.00 12.75 ? 146 ARG A CA 1 
ATOM 147 C CA . LEU A 1 147 ? 6.043   12.308  -15.100 1.00 14.44 ? 147 LEU A CA 1 
ATOM 148 C CA . LEU A 1 148 ? 5.866   8.482   -15.194 1.00 13.24 ? 148 LEU A CA 1 
ATOM 149 C CA . GLY A 1 149 ? 3.657   8.684   -18.286 1.00 14.21 ? 149 GLY A CA 1 
ATOM 150 C CA . GLU A 1 150 ? 6.204   11.025  -19.893 1.00 19.85 ? 150 GLU A CA 1 
ATOM 151 C CA . LYS A 1 151 ? 8.980   8.486   -19.150 1.00 21.74 ? 151 LYS A CA 1 
ATOM 152 C CA . VAL A 1 152 ? 7.080   5.599   -20.769 1.00 18.02 ? 152 VAL A CA 1 
ATOM 153 C CA . GLY A 1 153 ? 5.795   7.795   -23.635 1.00 13.05 ? 153 GLY A CA 1 
ATOM 154 C CA . VAL A 1 154 ? 2.086   7.365   -22.866 1.00 11.73 ? 154 VAL A CA 1 
ATOM 155 C CA . PRO A 1 155 ? -0.434  10.324  -22.675 1.00 11.73 ? 155 PRO A CA 1 
ATOM 156 C CA . VAL A 1 156 ? -1.787  11.329  -19.236 1.00 11.41 ? 156 VAL A CA 1 
ATOM 157 C CA . LEU A 1 157 ? -5.105  13.030  -18.372 1.00 13.52 ? 157 LEU A CA 1 
ATOM 158 C CA . GLU A 1 158 ? -5.035  14.621  -14.935 1.00 12.85 ? 158 GLU A CA 1 
ATOM 159 C CA . VAL A 1 159 ? -8.353  15.342  -13.259 1.00 13.17 ? 159 VAL A CA 1 
ATOM 160 C CA . MET A 1 160 ? -9.045  18.683  -11.557 1.00 11.18 ? 160 MET A CA 1 
ATOM 161 C CA . ASP A 1 161 ? -9.432  19.320  -7.799  1.00 11.81 ? 161 ASP A CA 1 
ATOM 162 C CA . GLY A 1 162 ? -12.867 18.091  -6.710  1.00 12.19 ? 162 GLY A CA 1 
ATOM 163 C CA . GLU A 1 163 ? -13.880 17.255  -10.305 1.00 13.71 ? 163 GLU A CA 1 
ATOM 164 C CA . SER A 1 164 ? -17.240 15.462  -10.598 1.00 12.60 ? 164 SER A CA 1 
ATOM 165 C CA . PRO A 1 165 ? -17.279 11.883  -12.054 1.00 11.75 ? 165 PRO A CA 1 
ATOM 166 C CA . GLU A 1 166 ? -19.506 13.141  -14.917 1.00 12.24 ? 166 GLU A CA 1 
ATOM 167 C CA . SER A 1 167 ? -16.956 15.813  -15.905 1.00 12.55 ? 167 SER A CA 1 
ATOM 168 C CA . ILE A 1 168 ? -14.106 13.238  -15.666 1.00 11.35 ? 168 ILE A CA 1 
ATOM 169 C CA . ARG A 1 169 ? -16.127 10.982  -18.039 1.00 11.10 ? 169 ARG A CA 1 
ATOM 170 C CA . ARG A 1 170 ? -16.695 13.688  -20.681 1.00 14.43 ? 170 ARG A CA 1 
ATOM 171 C CA . ARG A 1 171 ? -13.001 14.745  -20.675 1.00 11.32 ? 171 ARG A CA 1 
ATOM 172 C CA . VAL A 1 172 ? -11.735 11.114  -20.782 1.00 13.77 ? 172 VAL A CA 1 
ATOM 173 C CA . GLU A 1 173 ? -14.124 10.213  -23.665 1.00 11.05 ? 173 GLU A CA 1 
ATOM 174 C CA . GLU A 1 174 ? -13.129 13.369  -25.610 1.00 16.66 ? 174 GLU A CA 1 
ATOM 175 C CA . LYS A 1 175 ? -9.345  12.814  -25.258 1.00 13.05 ? 175 LYS A CA 1 
ATOM 176 C CA . ALA A 1 176 ? -9.821  9.085   -25.986 1.00 13.18 ? 176 ALA A CA 1 
ATOM 177 C CA . ARG A 1 177 ? -11.655 9.847   -29.253 1.00 16.63 ? 177 ARG A CA 1 
ATOM 178 C CA . LEU A 1 178 ? -9.316  12.658  -30.436 1.00 15.95 ? 178 LEU A CA 1 
ATOM 179 C CA . GLU A 1 179 ? -6.158  10.581  -29.812 1.00 11.04 ? 179 GLU A CA 1 
ATOM 180 C CA . ALA A 1 180 ? -7.686  7.174   -30.797 1.00 15.18 ? 180 ALA A CA 1 
ATOM 181 C CA . ARG A 1 181 ? -7.050  5.534   -27.404 1.00 13.43 ? 181 ARG A CA 1 
ATOM 182 C CA . ASP A 1 182 ? -8.182  1.900   -27.061 1.00 13.70 ? 182 ASP A CA 1 
ATOM 183 C CA . LEU A 1 183 ? -7.055  1.272   -23.456 1.00 11.92 ? 183 LEU A CA 1 
ATOM 184 C CA . ILE A 1 184 ? -7.926  3.676   -20.634 1.00 11.53 ? 184 ILE A CA 1 
ATOM 185 C CA . LEU A 1 185 ? -6.080  2.995   -17.365 1.00 9.80  ? 185 LEU A CA 1 
ATOM 186 C CA . VAL A 1 186 ? -7.651  4.909   -14.482 1.00 10.31 ? 186 VAL A CA 1 
ATOM 187 C CA . ASP A 1 187 ? -5.278  5.279   -11.529 1.00 13.98 ? 187 ASP A CA 1 
ATOM 188 C CA . THR A 1 188 ? -7.624  5.924   -8.612  1.00 15.17 ? 188 THR A CA 1 
ATOM 189 C CA . ALA A 1 189 ? -6.666  7.629   -5.324  1.00 14.06 ? 189 ALA A CA 1 
ATOM 190 C CA . GLY A 1 190 ? -4.289  5.798   -3.022  1.00 17.96 ? 190 GLY A CA 1 
ATOM 191 C CA . ARG A 1 191 ? -4.526  6.241   0.738   1.00 17.63 ? 191 ARG A CA 1 
ATOM 192 C CA . LEU A 1 192 ? -2.585  4.409   3.484   1.00 24.41 ? 192 LEU A CA 1 
ATOM 193 C CA . GLN A 1 193 ? -5.808  2.889   4.797   1.00 32.36 ? 193 GLN A CA 1 
ATOM 194 C CA . ILE A 1 194 ? -9.297  2.129   3.591   1.00 33.52 ? 194 ILE A CA 1 
ATOM 195 C CA . ASP A 1 195 ? -11.029 5.487   3.834   1.00 37.86 ? 195 ASP A CA 1 
ATOM 196 C CA . GLU A 1 196 ? -14.849 5.283   3.903   1.00 32.10 ? 196 GLU A CA 1 
ATOM 197 C CA . PRO A 1 197 ? -15.415 8.618   2.000   1.00 24.65 ? 197 PRO A CA 1 
ATOM 198 C CA . LEU A 1 198 ? -12.931 7.392   -0.673  1.00 23.94 ? 198 LEU A CA 1 
ATOM 199 C CA . MET A 1 199 ? -14.668 3.977   -1.035  1.00 20.58 ? 199 MET A CA 1 
ATOM 200 C CA . GLY A 1 200 ? -17.902 5.840   -1.728  1.00 16.00 ? 200 GLY A CA 1 
ATOM 201 C CA . GLU A 1 201 ? -16.149 8.029   -4.338  1.00 17.15 ? 201 GLU A CA 1 
ATOM 202 C CA . LEU A 1 202 ? -14.563 4.939   -5.994  1.00 16.67 ? 202 LEU A CA 1 
ATOM 203 C CA . ALA A 1 203 ? -17.916 3.138   -6.070  1.00 10.77 ? 203 ALA A CA 1 
ATOM 204 C CA . ARG A 1 204 ? -19.537 6.254   -7.595  1.00 10.26 ? 204 ARG A CA 1 
ATOM 205 C CA . LEU A 1 205 ? -16.732 6.668   -10.184 1.00 11.34 ? 205 LEU A CA 1 
ATOM 206 C CA . LYS A 1 206 ? -17.261 2.970   -11.066 1.00 12.20 ? 206 LYS A CA 1 
ATOM 207 C CA . GLU A 1 207 ? -20.996 3.560   -11.725 1.00 14.84 ? 207 GLU A CA 1 
ATOM 208 C CA . VAL A 1 208 ? -20.329 6.579   -13.969 1.00 16.67 ? 208 VAL A CA 1 
ATOM 209 C CA . LEU A 1 209 ? -17.288 5.281   -15.930 1.00 14.34 ? 209 LEU A CA 1 
ATOM 210 C CA . GLY A 1 210 ? -18.411 1.638   -16.027 1.00 14.35 ? 210 GLY A CA 1 
ATOM 211 C CA . PRO A 1 211 ? -14.998 -0.147  -16.131 1.00 12.61 ? 211 PRO A CA 1 
ATOM 212 C CA . ASP A 1 212 ? -14.564 -3.512  -17.811 1.00 18.24 ? 212 ASP A CA 1 
ATOM 213 C CA . GLU A 1 213 ? -11.885 -4.469  -15.236 1.00 12.00 ? 213 GLU A CA 1 
ATOM 214 C CA . VAL A 1 214 ? -11.020 -3.279  -11.703 1.00 11.48 ? 214 VAL A CA 1 
ATOM 215 C CA . LEU A 1 215 ? -7.423  -4.332  -11.004 1.00 11.81 ? 215 LEU A CA 1 
ATOM 216 C CA . LEU A 1 216 ? -6.347  -4.360  -7.385  1.00 8.98  ? 216 LEU A CA 1 
ATOM 217 C CA . VAL A 1 217 ? -2.691  -3.676  -6.797  1.00 9.75  ? 217 VAL A CA 1 
ATOM 218 C CA . LEU A 1 218 ? -1.304  -5.345  -3.681  1.00 13.48 ? 218 LEU A CA 1 
ATOM 219 C CA . ASP A 1 219 ? 2.139   -5.184  -2.089  1.00 14.81 ? 219 ASP A CA 1 
ATOM 220 C CA . ALA A 1 220 ? 2.676   -8.981  -1.920  1.00 17.80 ? 220 ALA A CA 1 
ATOM 221 C CA . MET A 1 221 ? 4.890   -8.256  1.107   1.00 19.36 ? 221 MET A CA 1 
ATOM 222 C CA . THR A 1 222 ? 2.119   -7.055  3.424   1.00 21.35 ? 222 THR A CA 1 
ATOM 223 C CA . GLY A 1 223 ? 1.320   -10.760 3.857   1.00 21.08 ? 223 GLY A CA 1 
ATOM 224 C CA . GLN A 1 224 ? -2.155  -11.776 5.118   1.00 26.00 ? 224 GLN A CA 1 
ATOM 225 C CA . GLU A 1 225 ? -3.070  -8.058  5.276   1.00 22.61 ? 225 GLU A CA 1 
ATOM 226 C CA . ALA A 1 226 ? -3.144  -7.972  1.436   1.00 16.59 ? 226 ALA A CA 1 
ATOM 227 C CA . LEU A 1 227 ? -5.988  -10.529 1.575   1.00 16.62 ? 227 LEU A CA 1 
ATOM 228 C CA . SER A 1 228 ? -7.899  -8.319  4.066   1.00 21.50 ? 228 SER A CA 1 
ATOM 229 C CA . VAL A 1 229 ? -7.404  -5.308  1.746   1.00 19.05 ? 229 VAL A CA 1 
ATOM 230 C CA . ALA A 1 230 ? -8.523  -7.588  -1.123  1.00 17.83 ? 230 ALA A CA 1 
ATOM 231 C CA . ARG A 1 231 ? -11.717 -8.440  0.734   1.00 22.20 ? 231 ARG A CA 1 
ATOM 232 C CA . ALA A 1 232 ? -12.450 -4.783  1.666   1.00 18.20 ? 232 ALA A CA 1 
ATOM 233 C CA . PHE A 1 233 ? -11.979 -3.519  -1.912  1.00 14.57 ? 233 PHE A CA 1 
ATOM 234 C CA . ASP A 1 234 ? -14.119 -6.302  -3.414  1.00 16.20 ? 234 ASP A CA 1 
ATOM 235 C CA . GLU A 1 235 ? -16.971 -5.762  -0.917  1.00 21.27 ? 235 GLU A CA 1 
ATOM 236 C CA . LYS A 1 236 ? -17.055 -1.938  -1.149  1.00 21.73 ? 236 LYS A CA 1 
ATOM 237 C CA . VAL A 1 237 ? -16.015 -1.391  -4.818  1.00 17.47 ? 237 VAL A CA 1 
ATOM 238 C CA . GLY A 1 238 ? -15.818 -4.753  -6.646  1.00 12.24 ? 238 GLY A CA 1 
ATOM 239 C CA . VAL A 1 239 ? -12.560 -6.272  -7.968  1.00 14.75 ? 239 VAL A CA 1 
ATOM 240 C CA . THR A 1 240 ? -12.071 -8.409  -11.138 1.00 11.27 ? 240 THR A CA 1 
ATOM 241 C CA . GLY A 1 241 ? -8.344  -9.186  -10.903 1.00 14.71 ? 241 GLY A CA 1 
ATOM 242 C CA . LEU A 1 242 ? -5.113  -8.813  -8.906  1.00 12.09 ? 242 LEU A CA 1 
ATOM 243 C CA . VAL A 1 243 ? -1.616  -7.377  -9.482  1.00 8.96  ? 243 VAL A CA 1 
ATOM 244 C CA . LEU A 1 244 ? 0.964   -8.484  -6.907  1.00 13.92 ? 244 LEU A CA 1 
ATOM 245 C CA . THR A 1 245 ? 3.872   -6.052  -6.663  1.00 14.06 ? 245 THR A CA 1 
ATOM 246 C CA . LYS A 1 246 ? 7.234   -6.375  -4.915  1.00 15.96 ? 246 LYS A CA 1 
ATOM 247 C CA . LEU A 1 247 ? 7.418   -10.101 -5.665  1.00 25.44 ? 247 LEU A CA 1 
ATOM 248 C CA . ASP A 1 248 ? 11.117  -9.339  -5.668  1.00 28.92 ? 248 ASP A CA 1 
ATOM 249 C CA . GLY A 1 249 ? 10.214  -8.908  -2.114  1.00 32.60 ? 249 GLY A CA 1 
ATOM 250 C CA . ASP A 1 250 ? 11.506  -10.840 0.733   1.00 43.88 ? 250 ASP A CA 1 
ATOM 251 C CA . ALA A 1 251 ? 8.472   -11.771 2.598   1.00 42.81 ? 251 ALA A CA 1 
ATOM 252 C CA . ARG A 1 252 ? 7.204   -15.317 3.103   1.00 39.66 ? 252 ARG A CA 1 
ATOM 253 C CA . GLY A 1 253 ? 4.647   -15.185 0.298   1.00 32.51 ? 253 GLY A CA 1 
ATOM 254 C CA . GLY A 1 254 ? 1.963   -17.192 2.041   1.00 33.05 ? 254 GLY A CA 1 
ATOM 255 C CA . ALA A 1 255 ? -0.769  -14.734 1.093   1.00 32.47 ? 255 ALA A CA 1 
ATOM 256 C CA . ALA A 1 256 ? 0.281   -14.763 -2.564  1.00 24.14 ? 256 ALA A CA 1 
ATOM 257 C CA . LEU A 1 257 ? -0.154  -18.554 -2.551  1.00 24.19 ? 257 LEU A CA 1 
ATOM 258 C CA . SER A 1 258 ? -3.560  -18.196 -0.901  1.00 21.06 ? 258 SER A CA 1 
ATOM 259 C CA . ALA A 1 259 ? -4.755  -15.415 -3.273  1.00 25.52 ? 259 ALA A CA 1 
ATOM 260 C CA . ARG A 1 260 ? -6.769  -17.714 -5.591  1.00 29.54 ? 260 ARG A CA 1 
ATOM 261 C CA . HIS A 1 261 ? -8.316  -19.797 -2.755  1.00 27.71 ? 261 HIS A CA 1 
ATOM 262 C CA . VAL A 1 262 ? -9.273  -16.807 -0.551  1.00 18.54 ? 262 VAL A CA 1 
ATOM 263 C CA . THR A 1 263 ? -10.181 -13.987 -3.001  1.00 17.64 ? 263 THR A CA 1 
ATOM 264 C CA . GLY A 1 264 ? -11.326 -16.066 -5.999  1.00 11.17 ? 264 GLY A CA 1 
ATOM 265 C CA . LYS A 1 265 ? -9.691  -13.414 -8.179  1.00 13.81 ? 265 LYS A CA 1 
ATOM 266 C CA . PRO A 1 266 ? -6.994  -14.191 -10.795 1.00 11.94 ? 266 PRO A CA 1 
ATOM 267 C CA . ILE A 1 267 ? -3.481  -12.737 -10.512 1.00 14.73 ? 267 ILE A CA 1 
ATOM 268 C CA . TYR A 1 268 ? -2.945  -11.086 -13.892 1.00 14.99 ? 268 TYR A CA 1 
ATOM 269 C CA . PHE A 1 269 ? 0.388   -9.300  -13.446 1.00 13.67 ? 269 PHE A CA 1 
ATOM 270 C CA . ALA A 1 270 ? 3.366   -9.491  -11.124 1.00 17.10 ? 270 ALA A CA 1 
ATOM 271 C CA . GLY A 1 271 ? 5.830   -6.756  -10.151 1.00 15.88 ? 271 GLY A CA 1 
ATOM 272 C CA . VAL A 1 272 ? 9.394   -8.117  -9.964  1.00 30.15 ? 272 VAL A CA 1 
ATOM 273 C CA . SER A 1 273 ? 11.429  -4.820  -9.712  1.00 33.94 ? 273 SER A CA 1 
ATOM 274 C CA . GLU A 1 274 ? 11.358  -0.995  -9.754  1.00 46.68 ? 274 GLU A CA 1 
ATOM 275 C CA . LYS A 1 275 ? 12.619  -0.898  -13.394 1.00 54.11 ? 275 LYS A CA 1 
ATOM 276 C CA . PRO A 1 276 ? 10.206  -0.025  -16.315 1.00 56.35 ? 276 PRO A CA 1 
ATOM 277 C CA . GLU A 1 277 ? 9.881   -3.697  -17.372 1.00 51.31 ? 277 GLU A CA 1 
ATOM 278 C CA . GLY A 1 278 ? 9.530   -4.825  -13.729 1.00 36.72 ? 278 GLY A CA 1 
ATOM 279 C CA . LEU A 1 279 ? 5.942   -5.792  -14.465 1.00 29.01 ? 279 LEU A CA 1 
ATOM 280 C CA . GLU A 1 280 ? 5.310   -8.961  -16.488 1.00 27.76 ? 280 GLU A CA 1 
ATOM 281 C CA . PRO A 1 281 ? 2.275   -11.293 -16.967 1.00 17.88 ? 281 PRO A CA 1 
ATOM 282 C CA . PHE A 1 282 ? 1.745   -13.778 -14.154 1.00 16.47 ? 282 PHE A CA 1 
ATOM 283 C CA . TYR A 1 283 ? 2.735   -17.369 -14.891 1.00 16.99 ? 283 TYR A CA 1 
ATOM 284 C CA . PRO A 1 284 ? 2.937   -19.450 -11.603 1.00 18.52 ? 284 PRO A CA 1 
ATOM 285 C CA . GLU A 1 285 ? 5.757   -21.499 -13.139 1.00 25.10 ? 285 GLU A CA 1 
ATOM 286 C CA . ARG A 1 286 ? 7.970   -18.521 -14.083 1.00 22.01 ? 286 ARG A CA 1 
ATOM 287 C CA . LEU A 1 287 ? 7.572   -16.846 -10.678 1.00 16.18 ? 287 LEU A CA 1 
ATOM 288 C CA . ALA A 1 288 ? 8.224   -20.149 -8.806  1.00 14.49 ? 288 ALA A CA 1 
ATOM 289 C CA . GLY A 1 289 ? 11.490  -20.602 -10.698 1.00 15.23 ? 289 GLY A CA 1 
ATOM 290 C CA . ARG A 1 290 ? 12.593  -16.952 -10.326 1.00 18.90 ? 290 ARG A CA 1 
ATOM 291 C CA . ILE A 1 291 ? 12.102  -17.211 -6.513  1.00 17.36 ? 291 ILE A CA 1 
ATOM 292 C CA . LEU A 1 292 ? 14.365  -20.241 -6.633  1.00 13.76 ? 292 LEU A CA 1 
ATOM 293 C CA . GLY A 1 293 ? 17.323  -18.743 -8.351  1.00 12.30 ? 293 GLY A CA 1 
ATOM 294 C CA . MET A 1 294 ? 17.561  -16.010 -5.676  1.00 70.95 ? 294 MET A CA 1 
ATOM 295 C CA . GLY A 1 295 ? 15.171  -13.065 -6.213  1.00 70.95 ? 295 GLY A CA 1 
ATOM 296 C CA . ASP A 1 296 ? 13.793  -11.680 -2.974  1.00 70.95 ? 296 ASP A CA 1 
ATOM 297 C CA . ILE A 1 297 ? 16.328  -10.386 -0.381  1.00 70.95 ? 297 ILE A CA 1 
ATOM 298 C CA . GLU A 1 298 ? 16.607  -7.219  -2.444  1.00 70.95 ? 298 GLU A CA 1 
ATOM 299 C CA . SER A 1 299 ? 13.375  -6.263  -0.529  1.00 70.95 ? 299 SER A CA 1 
ATOM 300 C CA . ILE A 1 300 ? 13.673  -7.224  3.279   1.00 70.95 ? 300 ILE A CA 1 
ATOM 301 C CA . LEU A 1 301 ? 17.117  -5.840  2.570   1.00 70.95 ? 301 LEU A CA 1 
ATOM 302 C CA . GLU A 1 302 ? 15.365  -2.727  1.008   1.00 70.95 ? 302 GLU A CA 1 
ATOM 303 C CA . LYS A 1 303 ? 13.137  -2.602  4.205   1.00 70.95 ? 303 LYS A CA 1 
ATOM 304 C CA . VAL A 1 304 ? 16.407  -1.845  5.991   1.00 70.95 ? 304 VAL A CA 1 
ATOM 305 C CA . LYS A 1 305 ? 16.308  1.353   3.843   1.00 70.95 ? 305 LYS A CA 1 
ATOM 306 C CA . GLY A 1 306 ? 12.651  1.585   4.932   1.00 70.95 ? 306 GLY A CA 1 
ATOM 307 C CA . LEU A 1 307 ? 13.531  1.469   8.672   1.00 70.95 ? 307 LEU A CA 1 
ATOM 308 C CA . GLU A 1 308 ? 17.264  2.470   8.671   1.00 70.95 ? 308 GLU A CA 1 
ATOM 309 C CA . GLU A 1 309 ? 16.832  5.958   7.070   1.00 70.95 ? 309 GLU A CA 1 
ATOM 310 C CA . TYR A 1 310 ? 13.292  6.393   8.546   1.00 70.95 ? 310 TYR A CA 1 
ATOM 311 C CA . ASP A 1 311 ? 14.246  6.827   12.150  1.00 70.95 ? 311 ASP A CA 1 
ATOM 312 C CA . LYS A 1 312 ? 15.851  9.831   10.242  1.00 70.95 ? 312 LYS A CA 1 
ATOM 313 C CA . ILE A 1 313 ? 12.750  11.769  11.219  1.00 70.95 ? 313 ILE A CA 1 
ATOM 314 C CA . GLN A 1 314 ? 13.233  10.861  14.939  1.00 70.95 ? 314 GLN A CA 1 
ATOM 315 C CA . LYS A 1 315 ? 16.287  9.315   16.830  1.00 70.95 ? 315 LYS A CA 1 
ATOM 316 C CA . LYS A 1 316 ? 17.708  11.501  19.632  1.00 70.95 ? 316 LYS A CA 1 
ATOM 317 C CA . MET A 1 317 ? 16.436  15.018  19.131  1.00 70.95 ? 317 MET A CA 1 
ATOM 318 C CA . GLU A 1 318 ? 17.785  18.250  20.615  1.00 70.95 ? 318 GLU A CA 1 
ATOM 319 C CA . ASP A 1 319 ? 21.314  19.500  20.316  1.00 70.95 ? 319 ASP A CA 1 
ATOM 320 C CA . VAL A 1 320 ? 23.205  21.536  22.946  1.00 70.95 ? 320 VAL A CA 1 
ATOM 321 C CA . MET A 1 321 ? 22.429  22.449  26.410  1.00 70.95 ? 321 MET A CA 1 
ATOM 322 C CA . GLU A 1 322 ? 23.226  24.982  29.281  1.00 70.95 ? 322 GLU A CA 1 
ATOM 323 C CA . GLY A 1 323 ? 21.685  28.536  29.842  1.00 70.95 ? 323 GLY A CA 1 
ATOM 324 C CA . LYS A 1 324 ? 18.239  29.690  31.058  1.00 70.95 ? 324 LYS A CA 1 
ATOM 325 C CA . GLY A 1 325 ? 14.871  29.654  29.183  1.00 70.95 ? 325 GLY A CA 1 
ATOM 326 C CA . LYS A 1 326 ? 11.669  31.680  28.441  1.00 70.95 ? 326 LYS A CA 1 
ATOM 327 C CA . LEU A 1 327 ? 10.094  29.053  26.059  1.00 70.95 ? 327 LEU A CA 1 
ATOM 328 C CA . THR A 1 328 ? 9.063   27.551  22.911  1.00 70.95 ? 328 THR A CA 1 
ATOM 329 C CA . LEU A 1 329 ? 5.436   26.779  22.497  1.00 70.95 ? 329 LEU A CA 1 
ATOM 330 C CA . ARG A 1 330 ? 5.710   29.427  19.723  1.00 70.95 ? 330 ARG A CA 1 
ATOM 331 C CA . ASP A 1 331 ? 8.031   26.900  18.098  1.00 70.95 ? 331 ASP A CA 1 
ATOM 332 C CA . VAL A 1 332 ? 5.017   24.603  17.814  1.00 70.95 ? 332 VAL A CA 1 
ATOM 333 C CA . TYR A 1 333 ? 4.101   27.494  15.507  1.00 70.95 ? 333 TYR A CA 1 
ATOM 334 C CA . ALA A 1 334 ? 7.585   28.311  14.028  1.00 70.95 ? 334 ALA A CA 1 
ATOM 335 C CA . GLN A 1 335 ? 7.658   24.619  12.927  1.00 70.95 ? 335 GLN A CA 1 
ATOM 336 C CA . ILE A 1 336 ? 4.792   25.669  10.588  1.00 70.95 ? 336 ILE A CA 1 
ATOM 337 C CA . ILE A 1 337 ? 6.892   28.477  8.968   1.00 70.95 ? 337 ILE A CA 1 
ATOM 338 C CA . ALA A 1 338 ? 10.034  26.415  8.086   1.00 70.95 ? 338 ALA A CA 1 
ATOM 339 C CA . LEU A 1 339 ? 8.073   24.007  5.830   1.00 70.95 ? 339 LEU A CA 1 
ATOM 340 C CA . ARG A 1 340 ? 5.984   26.573  3.832   1.00 70.95 ? 340 ARG A CA 1 
ATOM 341 C CA . LYS A 1 341 ? 9.029   28.688  3.191   1.00 70.95 ? 341 LYS A CA 1 
ATOM 342 C CA . MET A 1 342 ? 11.300  25.686  2.428   1.00 70.95 ? 342 MET A CA 1 
ATOM 343 C CA . GLY A 1 343 ? 9.565   24.857  -0.851  1.00 70.95 ? 343 GLY A CA 1 
ATOM 344 C CA . PRO A 1 344 ? 5.747   24.648  -1.050  1.00 70.95 ? 344 PRO A CA 1 
ATOM 345 C CA . LEU A 1 345 ? 3.106   22.845  1.078   1.00 70.95 ? 345 LEU A CA 1 
ATOM 346 C CA . SER A 1 346 ? 1.477   19.603  -0.274  1.00 70.95 ? 346 SER A CA 1 
ATOM 347 C CA . LYS A 1 347 ? 4.312   17.474  -1.714  1.00 70.95 ? 347 LYS A CA 1 
ATOM 348 C CA . VAL A 1 348 ? 6.389   18.238  1.350   1.00 70.95 ? 348 VAL A CA 1 
ATOM 349 C CA . LEU A 1 349 ? 3.717   16.958  3.884   1.00 70.95 ? 349 LEU A CA 1 
ATOM 350 C CA . GLN A 1 350 ? 3.277   13.637  1.977   1.00 70.95 ? 350 GLN A CA 1 
ATOM 351 C CA . HIS A 1 351 ? 7.050   13.054  1.838   1.00 70.95 ? 351 HIS A CA 1 
ATOM 352 C CA . ILE A 1 352 ? 7.248   14.444  5.425   1.00 70.95 ? 352 ILE A CA 1 
ATOM 353 C CA . PRO A 1 353 ? 5.847   12.980  8.716   1.00 70.95 ? 353 PRO A CA 1 
ATOM 354 C CA . GLY A 1 354 ? 4.093   16.038  10.368  1.00 70.95 ? 354 GLY A CA 1 
ATOM 355 C CA . LEU A 1 355 ? 4.126   17.804  13.789  1.00 70.95 ? 355 LEU A CA 1 
ATOM 356 C CA . GLY A 1 356 ? 5.659   16.030  16.895  1.00 70.95 ? 356 GLY A CA 1 
ATOM 357 C CA . ILE A 1 357 ? 8.191   13.068  16.969  1.00 70.95 ? 357 ILE A CA 1 
ATOM 358 C CA . MET A 1 358 ? 5.187   11.126  15.525  1.00 70.95 ? 358 MET A CA 1 
ATOM 359 C CA . LEU A 1 359 ? 6.098   7.844   17.107  1.00 70.95 ? 359 LEU A CA 1 
ATOM 360 C CA . PRO A 1 360 ? 4.208   4.710   15.745  1.00 70.95 ? 360 PRO A CA 1 
ATOM 361 C CA . THR A 1 361 ? 2.180   3.448   18.770  1.00 70.95 ? 361 THR A CA 1 
ATOM 362 C CA . PRO A 1 362 ? -1.338  1.781   18.128  1.00 70.95 ? 362 PRO A CA 1 
ATOM 363 C CA . SER A 1 363 ? -4.484  1.262   15.773  1.00 70.95 ? 363 SER A CA 1 
ATOM 364 C CA . GLU A 1 364 ? -1.920  1.534   12.894  1.00 70.95 ? 364 GLU A CA 1 
ATOM 365 C CA . ASP A 1 365 ? -0.996  3.264   9.547   1.00 70.95 ? 365 ASP A CA 1 
ATOM 366 C CA . GLN A 1 366 ? -1.664  6.677   10.696  1.00 70.95 ? 366 GLN A CA 1 
ATOM 367 C CA . LEU A 1 367 ? -0.537  9.933   9.160   1.00 70.95 ? 367 LEU A CA 1 
ATOM 368 C CA . LYS A 1 368 ? 0.541   13.219  10.142  1.00 70.95 ? 368 LYS A CA 1 
ATOM 369 C CA . ILE A 1 369 ? -1.119  15.090  7.382   1.00 70.95 ? 369 ILE A CA 1 
ATOM 370 C CA . GLY A 1 370 ? -3.111  17.950  8.920   1.00 70.95 ? 370 GLY A CA 1 
ATOM 371 C CA . GLU A 1 371 ? -3.382  19.106  5.334   1.00 70.95 ? 371 GLU A CA 1 
ATOM 372 C CA . GLU A 1 372 ? -7.027  21.729  4.760   1.00 70.95 ? 372 GLU A CA 1 
ATOM 373 C CA . LYS A 1 373 ? -5.628  22.207  8.292   1.00 70.95 ? 373 LYS A CA 1 
ATOM 374 C CA . ILE A 1 374 ? -1.977  23.307  9.069   1.00 70.95 ? 374 ILE A CA 1 
ATOM 375 C CA . ARG A 1 375 ? -2.497  26.470  7.000   1.00 70.95 ? 375 ARG A CA 1 
ATOM 376 C CA . ARG A 1 376 ? -4.973  27.349  9.633   1.00 70.95 ? 376 ARG A CA 1 
ATOM 377 C CA . TRP A 1 377 ? -2.839  26.326  12.595  1.00 70.95 ? 377 TRP A CA 1 
ATOM 378 C CA . LEU A 1 378 ? -1.319  29.369  11.262  1.00 70.95 ? 378 LEU A CA 1 
ATOM 379 C CA . ALA A 1 379 ? -4.672  31.340  11.016  1.00 70.95 ? 379 ALA A CA 1 
ATOM 380 C CA . ALA A 1 380 ? -4.269  31.839  14.805  1.00 70.95 ? 380 ALA A CA 1 
ATOM 381 C CA . LEU A 1 381 ? -0.767  32.419  16.579  1.00 70.95 ? 381 LEU A CA 1 
ATOM 382 C CA . ASN A 1 382 ? 0.212   35.005  13.945  1.00 70.95 ? 382 ASN A CA 1 
ATOM 383 C CA . SER A 1 383 ? -3.153  36.060  15.373  1.00 70.95 ? 383 SER A CA 1 
ATOM 384 C CA . MET A 1 384 ? -1.852  36.129  19.025  1.00 70.95 ? 384 MET A CA 1 
ATOM 385 C CA . THR A 1 385 ? 0.614   38.336  20.965  1.00 70.95 ? 385 THR A CA 1 
ATOM 386 C CA . TYR A 1 386 ? 4.136   37.032  21.497  1.00 70.95 ? 386 TYR A CA 1 
ATOM 387 C CA . LYS A 1 387 ? 3.479   35.954  25.082  1.00 70.95 ? 387 LYS A CA 1 
ATOM 388 C CA . GLU A 1 388 ? 0.201   34.011  24.708  1.00 70.95 ? 388 GLU A CA 1 
ATOM 389 C CA . LEU A 1 389 ? 2.000   31.018  23.251  1.00 70.95 ? 389 LEU A CA 1 
ATOM 390 C CA . GLU A 1 390 ? 4.475   30.836  26.229  1.00 70.95 ? 390 GLU A CA 1 
ATOM 391 C CA . ASN A 1 391 ? 1.846   30.294  28.792  1.00 70.95 ? 391 ASN A CA 1 
ATOM 392 C CA . PRO A 1 392 ? -0.515  28.383  26.509  1.00 70.95 ? 392 PRO A CA 1 
ATOM 393 C CA . ASN A 1 393 ? -2.446  28.092  29.799  1.00 70.95 ? 393 ASN A CA 1 
ATOM 394 C CA . ILE A 1 394 ? -4.209  31.566  29.877  1.00 70.95 ? 394 ILE A CA 1 
ATOM 395 C CA . ILE A 1 395 ? -6.679  30.974  27.043  1.00 70.95 ? 395 ILE A CA 1 
ATOM 396 C CA . ASP A 1 396 ? -9.923  31.869  28.830  1.00 70.95 ? 396 ASP A CA 1 
ATOM 397 C CA . LYS A 1 397 ? -13.119 31.941  26.691  1.00 70.95 ? 397 LYS A CA 1 
ATOM 398 C CA . SER A 1 398 ? -12.514 35.697  26.541  1.00 70.95 ? 398 SER A CA 1 
ATOM 399 C CA . ARG A 1 399 ? -8.784  35.595  25.547  1.00 70.95 ? 399 ARG A CA 1 
ATOM 400 C CA . MET A 1 400 ? -9.244  33.744  22.180  1.00 70.95 ? 400 MET A CA 1 
ATOM 401 C CA . ARG A 1 401 ? -12.651 34.839  20.745  1.00 70.95 ? 401 ARG A CA 1 
ATOM 402 C CA . ARG A 1 402 ? -10.858 37.542  18.777  1.00 70.95 ? 402 ARG A CA 1 
ATOM 403 C CA . ILE A 1 403 ? -8.084  35.063  17.690  1.00 70.95 ? 403 ILE A CA 1 
ATOM 404 C CA . ALA A 1 404 ? -11.059 33.217  16.453  1.00 70.95 ? 404 ALA A CA 1 
ATOM 405 C CA . GLU A 1 405 ? -13.108 36.039  14.768  1.00 70.95 ? 405 GLU A CA 1 
ATOM 406 C CA . GLY A 1 406 ? -9.730  37.664  14.108  1.00 70.95 ? 406 GLY A CA 1 
ATOM 407 C CA . SER A 1 407 ? -7.971  34.802  12.299  1.00 70.95 ? 407 SER A CA 1 
ATOM 408 C CA . GLY A 1 408 ? -11.410 34.753  10.640  1.00 70.95 ? 408 GLY A CA 1 
ATOM 409 C CA . LEU A 1 409 ? -12.317 31.512  12.376  1.00 70.95 ? 409 LEU A CA 1 
ATOM 410 C CA . GLU A 1 410 ? -15.629 31.069  14.239  1.00 70.95 ? 410 GLU A CA 1 
ATOM 411 C CA . VAL A 1 411 ? -14.884 30.086  17.920  1.00 70.95 ? 411 VAL A CA 1 
ATOM 412 C CA . GLU A 1 412 ? -15.226 26.222  17.922  1.00 70.95 ? 412 GLU A CA 1 
ATOM 413 C CA . GLU A 1 413 ? -12.181 26.127  15.718  1.00 70.95 ? 413 GLU A CA 1 
ATOM 414 C CA . VAL A 1 414 ? -10.227 27.670  18.561  1.00 70.95 ? 414 VAL A CA 1 
ATOM 415 C CA . ARG A 1 415 ? -11.637 25.756  21.602  1.00 70.95 ? 415 ARG A CA 1 
ATOM 416 C CA . GLU A 1 416 ? -11.333 22.450  19.890  1.00 70.95 ? 416 GLU A CA 1 
ATOM 417 C CA . LEU A 1 417 ? -7.477  23.583  19.393  1.00 70.95 ? 417 LEU A CA 1 
ATOM 418 C CA . LEU A 1 418 ? -5.895  24.456  22.701  1.00 70.95 ? 418 LEU A CA 1 
ATOM 419 C CA . GLU A 1 419 ? -5.922  20.935  24.361  1.00 70.95 ? 419 GLU A CA 1 
ATOM 420 C CA . TRP A 1 420 ? -4.120  19.413  21.474  1.00 70.95 ? 420 TRP A CA 1 
ATOM 421 C CA . TYR A 1 421 ? -1.098  21.592  22.278  1.00 70.95 ? 421 TYR A CA 1 
ATOM 422 C CA . ASN A 1 422 ? -1.925  21.006  25.967  1.00 70.95 ? 422 ASN A CA 1 
ATOM 423 C CA . ASN A 1 423 ? -2.283  17.242  25.629  1.00 70.95 ? 423 ASN A CA 1 
ATOM 424 C CA . MET A 1 424 ? 0.498   17.220  22.968  1.00 70.95 ? 424 MET A CA 1 
ATOM 425 C CA . ASN A 1 425 ? 2.959   17.713  25.783  1.00 70.95 ? 425 ASN A CA 1 
ATOM 426 C CA . ARG A 1 426 ? 0.813   15.549  28.171  1.00 70.95 ? 426 ARG A CA 1 
ATOM 427 C CA . LEU A 1 427 ? 1.550   12.338  26.353  1.00 70.95 ? 427 LEU A CA 1 
ATOM 428 C CA . LEU A 1 428 ? 4.793   13.668  24.473  1.00 70.95 ? 428 LEU A CA 1 
ATOM 429 C CA . LYS A 1 429 ? 6.316   14.750  27.823  1.00 70.95 ? 429 LYS A CA 1 
ATOM 430 C CA . MET A 1 430 ? 5.814   11.178  29.078  1.00 70.95 ? 430 MET A CA 1 
ATOM 431 C CA . VAL A 1 431 ? 9.459   10.442  29.703  1.00 70.95 ? 431 VAL A CA 1 
ATOM 432 C CA . LYS A 1 432 ? 9.132   7.787   32.457  1.00 70.95 ? 432 LYS A CA 1 
ATOM 433 P P  . G   B 2 1   ? 24.060  97.701  101.001 1.00 0.00  ? 1   G   B P  1 
ATOM 434 P P  . G   B 2 2   ? 24.372  91.963  100.600 1.00 0.00  ? 2   G   B P  1 
ATOM 435 P P  . G   B 2 3   ? 22.077  86.658  99.756  1.00 0.00  ? 3   G   B P  1 
ATOM 436 P P  . G   B 2 4   ? 17.789  83.381  97.904  1.00 0.00  ? 4   G   B P  1 
ATOM 437 P P  . G   B 2 5   ? 12.981  82.576  94.755  1.00 0.00  ? 5   G   B P  1 
ATOM 438 P P  . C   B 2 6   ? 9.463   84.282  90.621  1.00 0.00  ? 6   C   B P  1 
ATOM 439 P P  . U   B 2 7   ? 8.170   87.249  85.965  1.00 0.00  ? 7   U   B P  1 
ATOM 440 P P  . C   B 2 8   ? 9.454   90.372  81.416  1.00 0.00  ? 8   C   B P  1 
ATOM 441 P P  . U   B 2 9   ? 13.372  92.126  77.622  1.00 0.00  ? 9   U   B P  1 
ATOM 442 P P  . G   B 2 10  ? 20.410  93.311  76.825  1.00 0.00  ? 10  G   B P  1 
ATOM 443 P P  . U   B 2 11  ? 23.636  88.389  74.264  1.00 0.00  ? 11  U   B P  1 
ATOM 444 P P  . U   B 2 12  ? 25.701  83.446  73.353  1.00 0.00  ? 12  U   B P  1 
ATOM 445 P P  . G   B 2 13  ? 24.688  77.856  72.509  1.00 0.00  ? 13  G   B P  1 
ATOM 446 P P  . G   B 2 14  ? 21.387  73.338  71.384  1.00 0.00  ? 14  G   B P  1 
ATOM 447 P P  . U   B 2 15  ? 16.434  71.146  69.441  1.00 0.00  ? 15  U   B P  1 
ATOM 448 P P  . U   B 2 16  ? 11.570  71.512  66.488  1.00 0.00  ? 16  U   B P  1 
ATOM 449 P P  . C   B 2 17  ? 6.873   75.559  63.413  1.00 0.00  ? 17  C   B P  1 
ATOM 450 P P  . U   B 2 18  ? 10.735  77.559  58.615  1.00 0.00  ? 18  U   B P  1 
ATOM 451 P P  . C   B 2 19  ? 15.810  75.565  54.424  1.00 0.00  ? 19  C   B P  1 
ATOM 452 P P  . C   B 2 20  ? 21.189  75.236  52.696  1.00 0.00  ? 20  C   B P  1 
ATOM 453 P P  . C   B 2 21  ? 26.376  72.904  52.690  1.00 0.00  ? 21  C   B P  1 
ATOM 454 P P  . G   B 2 22  ? 29.905  68.472  54.098  1.00 0.00  ? 22  G   B P  1 
ATOM 455 P P  . C   B 2 23  ? 31.456  63.414  56.033  1.00 0.00  ? 23  C   B P  1 
ATOM 456 P P  . A   B 2 24  ? 28.056  57.513  58.614  1.00 0.00  ? 24  A   B P  1 
ATOM 457 P P  . A   B 2 25  ? 22.941  54.651  57.318  1.00 0.00  ? 25  A   B P  1 
ATOM 458 P P  . C   B 2 26  ? 17.649  54.310  58.841  1.00 0.00  ? 26  C   B P  1 
ATOM 459 P P  . G   B 2 27  ? 11.986  53.757  57.229  1.00 0.00  ? 27  G   B P  1 
ATOM 460 P P  . C   B 2 28  ? 8.044   53.102  53.227  1.00 0.00  ? 28  C   B P  1 
ATOM 461 P P  . U   B 2 29  ? 6.917   51.416  47.613  1.00 0.00  ? 29  U   B P  1 
ATOM 462 P P  . A   B 2 30  ? 11.919  54.467  43.631  1.00 0.00  ? 30  A   B P  1 
ATOM 463 P P  . C   B 2 31  ? 13.623  53.703  39.766  1.00 0.00  ? 31  C   B P  1 
ATOM 464 P P  . U   B 2 32  ? 16.278  54.136  33.246  1.00 36.76 ? 32  U   B P  1 
ATOM 465 P P  . C   B 2 33  ? 19.124  48.228  30.916  1.00 0.00  ? 33  C   B P  1 
ATOM 466 P P  . U   B 2 34  ? 18.858  42.221  30.581  1.00 24.26 ? 34  U   B P  1 
ATOM 467 P P  . G   B 2 35  ? 15.688  37.210  31.012  1.00 24.56 ? 35  G   B P  1 
ATOM 468 P P  . U   B 2 36  ? 10.857  34.257  31.480  1.00 22.14 ? 36  U   B P  1 
ATOM 469 P P  . U   B 2 37  ? 4.733   34.363  31.420  1.00 24.96 ? 37  U   B P  1 
ATOM 470 P P  . U   B 2 38  ? -0.034  36.359  30.380  1.00 23.09 ? 38  U   B P  1 
ATOM 471 P P  . A   B 2 39  ? -2.216  38.947  25.471  1.00 21.94 ? 39  A   B P  1 
ATOM 472 P P  . C   B 2 40  ? -5.896  43.171  21.175  1.00 20.43 ? 40  C   B P  1 
ATOM 473 P P  . C   B 2 41  ? -10.069 46.110  19.208  1.00 24.20 ? 41  C   B P  1 
ATOM 474 P P  . A   B 2 42  ? -11.733 49.958  21.124  1.00 48.65 ? 42  A   B P  1 
ATOM 475 P P  . G   B 2 43  ? -9.767  51.624  15.984  1.00 34.58 ? 43  G   B P  1 
ATOM 476 P P  . G   B 2 44  ? -7.108  53.925  11.500  1.00 32.78 ? 44  G   B P  1 
ATOM 477 P P  . U   B 2 45  ? -3.576  53.289  6.990   1.00 34.64 ? 45  U   B P  1 
ATOM 478 P P  . C   B 2 46  ? -1.544  49.403  3.488   1.00 33.86 ? 46  C   B P  1 
ATOM 479 P P  . A   B 2 47  ? -2.758  42.622  3.016   1.00 29.37 ? 47  A   B P  1 
ATOM 480 P P  . G   B 2 48  ? -1.523  37.841  0.642   1.00 30.91 ? 48  G   B P  1 
ATOM 481 P P  . G   B 2 49  ? -4.213  32.799  0.795   1.00 30.41 ? 49  G   B P  1 
ATOM 482 P P  . U   B 2 50  ? -10.214 32.074  0.937   1.00 29.91 ? 50  U   B P  1 
ATOM 483 P P  . C   B 2 51  ? -15.516 34.199  0.446   1.00 29.25 ? 51  C   B P  1 
ATOM 484 P P  . C   B 2 52  ? -19.423 37.445  -2.102  1.00 29.11 ? 52  C   B P  1 
ATOM 485 P P  . G   B 2 53  ? -21.108 39.735  -6.774  1.00 25.82 ? 53  G   B P  1 
ATOM 486 P P  . A   B 2 54  ? -20.048 39.613  -12.192 1.00 26.42 ? 54  A   B P  1 
ATOM 487 P P  . A   B 2 55  ? -14.179 38.292  -11.841 1.00 32.35 ? 55  A   B P  1 
ATOM 488 P P  . A   B 2 56  ? -8.812  41.409  -13.308 1.00 35.38 ? 56  A   B P  1 
ATOM 489 P P  . G   B 2 57  ? -6.252  46.593  -13.219 1.00 39.21 ? 57  G   B P  1 
ATOM 490 P P  . G   B 2 58  ? -7.992  50.081  -7.378  1.00 42.33 ? 58  G   B P  1 
ATOM 491 P P  . A   B 2 59  ? -10.627 50.396  -1.307  1.00 37.78 ? 59  A   B P  1 
ATOM 492 P P  . A   B 2 60  ? -12.447 49.701  3.975   1.00 30.82 ? 60  A   B P  1 
ATOM 493 P P  . G   B 2 61  ? -12.528 47.563  9.398   1.00 26.11 ? 61  G   B P  1 
ATOM 494 P P  . C   B 2 62  ? -9.047  44.156  12.977  1.00 21.52 ? 62  C   B P  1 
ATOM 495 P P  . A   B 2 63  ? -5.738  41.579  16.824  1.00 18.88 ? 63  A   B P  1 
ATOM 496 P P  . G   B 2 64  ? 0.050   40.386  17.694  1.00 19.09 ? 64  G   B P  1 
ATOM 497 P P  . C   B 2 65  ? 5.112   41.558  17.183  1.00 21.64 ? 65  C   B P  1 
ATOM 498 P P  . C   B 2 66  ? 7.932   46.574  16.697  1.00 23.28 ? 66  C   B P  1 
ATOM 499 P P  . A   B 2 67  ? 7.398   52.938  17.426  1.00 24.18 ? 67  A   B P  1 
ATOM 500 P P  . A   B 2 68  ? 8.869   52.302  24.541  1.00 32.82 ? 68  A   B P  1 
ATOM 501 P P  . G   B 2 69  ? 6.952   52.102  29.503  1.00 33.50 ? 69  G   B P  1 
ATOM 502 P P  . G   B 2 70  ? 3.891   50.882  34.843  1.00 33.91 ? 70  G   B P  1 
ATOM 503 P P  . C   B 2 71  ? 2.225   47.819  39.030  1.00 35.24 ? 71  C   B P  1 
ATOM 504 P P  . A   B 2 72  ? 3.559   44.216  43.196  1.00 37.28 ? 72  A   B P  1 
ATOM 505 P P  . G   B 2 73  ? 8.992   43.246  45.464  1.00 0.00  ? 73  G   B P  1 
ATOM 506 P P  . A   B 2 74  ? 14.690  41.455  47.212  1.00 32.83 ? 74  A   B P  1 
ATOM 507 P P  . U   B 2 75  ? 19.570  42.314  46.933  1.00 0.00  ? 75  U   B P  1 
ATOM 508 P P  . G   B 2 76  ? 26.292  43.797  44.998  1.00 0.00  ? 76  G   B P  1 
ATOM 509 P P  . A   B 2 77  ? 28.290  48.053  47.699  1.00 0.00  ? 77  A   B P  1 
ATOM 510 P P  . C   B 2 78  ? 26.735  53.001  44.108  1.00 0.00  ? 78  C   B P  1 
ATOM 511 P P  . G   B 2 79  ? 21.891  58.125  41.920  1.00 0.00  ? 79  G   B P  1 
ATOM 512 P P  . C   B 2 80  ? 18.199  61.348  41.713  1.00 0.00  ? 80  C   B P  1 
ATOM 513 P P  . G   B 2 81  ? 15.179  65.517  44.480  1.00 0.00  ? 81  G   B P  1 
ATOM 514 P P  . U   B 2 82  ? 13.915  68.655  49.194  1.00 0.00  ? 82  U   B P  1 
ATOM 515 P P  . G   B 2 83  ? 13.578  68.693  56.157  1.00 0.00  ? 83  G   B P  1 
ATOM 516 P P  . U   B 2 84  ? 9.992   66.081  58.935  1.00 0.00  ? 84  U   B P  1 
ATOM 517 P P  . G   B 2 85  ? 6.445   65.686  65.058  1.00 0.00  ? 85  G   B P  1 
ATOM 518 P P  . C   B 2 86  ? 10.257  62.697  63.557  1.00 0.00  ? 86  C   B P  1 
ATOM 519 P P  . C   B 2 87  ? 15.993  64.009  65.192  1.00 0.00  ? 87  C   B P  1 
ATOM 520 P P  . G   B 2 88  ? 20.151  65.582  68.378  1.00 0.00  ? 88  G   B P  1 
ATOM 521 P P  . G   B 2 89  ? 24.031  69.570  69.862  1.00 0.00  ? 89  G   B P  1 
ATOM 522 P P  . G   B 2 90  ? 26.454  74.940  69.493  1.00 0.00  ? 90  G   B P  1 
ATOM 523 P P  . A   B 2 91  ? 25.882  80.739  67.775  1.00 0.00  ? 91  A   B P  1 
ATOM 524 P P  . U   B 2 92  ? 24.524  84.654  62.114  1.00 0.00  ? 92  U   B P  1 
ATOM 525 P P  . G   B 2 93  ? 17.509  84.860  60.874  1.00 0.00  ? 93  G   B P  1 
ATOM 526 P P  . U   B 2 94  ? 17.126  86.965  66.395  1.00 0.00  ? 94  U   B P  1 
ATOM 527 P P  . A   B 2 95  ? 15.556  90.215  68.715  1.00 0.00  ? 95  A   B P  1 
ATOM 528 P P  . G   B 2 96  ? 10.387  88.457  71.949  1.00 0.00  ? 96  G   B P  1 
ATOM 529 P P  . C   B 2 97  ? 8.147   85.301  75.752  1.00 0.00  ? 97  C   B P  1 
ATOM 530 P P  . U   B 2 98  ? 8.496   81.586  80.079  1.00 0.00  ? 98  U   B P  1 
ATOM 531 P P  . G   B 2 99  ? 11.317  78.500  84.107  1.00 0.00  ? 99  G   B P  1 
ATOM 532 P P  . G   B 2 100 ? 16.147  77.591  87.223  1.00 0.00  ? 100 G   B P  1 
ATOM 533 P P  . C   B 2 101 ? 21.211  79.559  89.247  1.00 0.00  ? 101 C   B P  1 
ATOM 534 P P  . A   B 2 102 ? 24.703  84.875  89.987  1.00 0.00  ? 102 A   B P  1 
ATOM 535 P P  . G   B 2 103 ? 25.206  91.017  90.590  1.00 0.00  ? 103 G   B P  1 
ATOM 536 P P  . G   B 2 104 ? 22.990  96.305  91.081  1.00 0.00  ? 104 G   B P  1 
ATOM 537 P P  . G   B 2 105 ? 18.619  100.019 92.170  1.00 0.00  ? 105 G   B P  1 
ATOM 538 P P  . C   B 2 106 ? 13.406  101.050 94.372  1.00 0.00  ? 106 C   B P  1 
ATOM 539 P P  . C   B 2 107 ? 9.149   99.546  97.843  1.00 0.00  ? 107 C   B P  1 
ATOM 540 P P  . C   B 2 108 ? 6.954   96.643  102.185 1.00 0.00  ? 108 C   B P  1 
ATOM 541 P P  . C   B 2 109 ? 7.499   93.511  106.946 1.00 0.00  ? 109 C   B P  1 
ATOM 542 P P  . C   B 2 110 ? 10.540  91.320  111.449 1.00 0.00  ? 110 C   B P  1 
ATOM 543 C CA . ALA C 3 1   ? 2.976   10.110  21.804  1.00 70.95 ? 450 ALA C CA 1 
ATOM 544 C CA . ALA C 3 2   ? 1.216   9.034   18.603  1.00 70.95 ? 451 ALA C CA 1 
ATOM 545 C CA . LEU C 3 3   ? -2.025  9.243   20.552  1.00 70.95 ? 452 LEU C CA 1 
ATOM 546 C CA . ALA C 3 4   ? -0.900  12.868  21.001  1.00 70.95 ? 453 ALA C CA 1 
ATOM 547 C CA . LEU C 3 5   ? 0.013   13.740  17.422  1.00 70.95 ? 454 LEU C CA 1 
ATOM 548 C CA . ALA C 3 6   ? -2.716  11.962  15.413  1.00 70.95 ? 455 ALA C CA 1 
ATOM 549 C CA . ALA C 3 7   ? -4.794  13.656  18.125  1.00 70.95 ? 456 ALA C CA 1 
ATOM 550 C CA . ALA C 3 8   ? -2.842  17.067  17.293  1.00 70.95 ? 457 ALA C CA 1 
ATOM 551 C CA . ALA C 3 9   ? -4.463  16.688  13.739  1.00 70.95 ? 458 ALA C CA 1 
ATOM 552 C CA . ALA C 3 10  ? -7.841  14.955  14.491  1.00 70.95 ? 459 ALA C CA 1 
ATOM 553 C CA . LEU C 3 11  ? -8.466  18.307  15.818  1.00 70.95 ? 460 LEU C CA 1 
ATOM 554 C CA . ALA C 3 12  ? -6.312  20.145  13.145  1.00 70.95 ? 461 ALA C CA 1 
ATOM 555 C CA . LEU C 3 13  ? -9.067  18.532  11.067  1.00 70.95 ? 462 LEU C CA 1 
ATOM 556 C CA . ALA C 3 14  ? -12.528 19.280  12.711  1.00 70.95 ? 463 ALA C CA 1 
ATOM 557 C CA . ALA C 3 15  ? -11.949 23.074  13.053  1.00 70.95 ? 464 ALA C CA 1 
ATOM 558 C CA . ALA C 3 16  ? -10.567 24.263  9.820   1.00 70.95 ? 465 ALA C CA 1 
ATOM 559 C CA . GLY C 3 17  ? -13.155 22.044  8.143   1.00 70.95 ? 466 GLY C CA 1 
# 
